data_6OHC
#
_entry.id   6OHC
#
_cell.length_a   66.628
_cell.length_b   80.588
_cell.length_c   101.427
_cell.angle_alpha   104.800
_cell.angle_beta   105.720
_cell.angle_gamma   105.830
#
_symmetry.space_group_name_H-M   'P 1'
#
loop_
_entity.id
_entity.type
_entity.pdbx_description
1 polymer 'Guanine deaminase'
2 non-polymer GLYCEROL
3 non-polymer 'ZINC ION'
4 water water
#
_entity_poly.entity_id   1
_entity_poly.type   'polypeptide(L)'
_entity_poly.pdbx_seq_one_letter_code
;MMSGEHTLKAVRGSFIDVTRTIDNPEEIASALRFIEDGLLLIKQGKVEWFGEWENGKHQIPDTIRVRDYRGKLIVPGFVD
THIHYPQSEMVGAYGEQLLEWLNKHTFPTERRYEDLEYAREMSAFFIKQLLRNGTTTALVFGTVHPQSVDALFEAASHIN
MRMIAGKVMMDRNAPDYLLDTAESSYHQSKELIERWHKNGRLLYAITPRFAPTSSPEQMAMAQRLKEEYPDTWVHTHLCE
NKDEIAWVKSLYPDHDGYLDVYHQYGLTGKNCVFAHCVHLEEKEWDRLSETKSSIAFCPTSNLYLGSGLFNLKKAWQKKV
KVGMGTDIGAGTTFNMLQTLNEAYKVLQLQGYRLSAYEAFYLATLGGAKSLGLDDLIGNFLPGKEADFVVMEPTATPLQQ
LRYDNSVSLVDKLFVMMTLGDDRSIYRTYVDGRLVYERN
;
_entity_poly.pdbx_strand_id   A,B,C,D
#
loop_
_chem_comp.id
_chem_comp.type
_chem_comp.name
_chem_comp.formula
GOL non-polymer GLYCEROL 'C3 H8 O3'
ZN non-polymer 'ZINC ION' 'Zn 2'
#
# COMPACT_ATOMS: atom_id res chain seq x y z
N GLU A 5 -32.45 13.72 0.81
CA GLU A 5 -33.36 14.85 0.48
C GLU A 5 -33.30 15.93 1.57
N HIS A 6 -32.41 15.78 2.56
CA HIS A 6 -32.53 16.37 3.91
C HIS A 6 -31.15 16.83 4.42
N THR A 7 -30.27 15.93 4.88
CA THR A 7 -29.15 16.26 5.80
C THR A 7 -28.00 16.92 5.03
N LEU A 8 -27.27 17.77 5.74
CA LEU A 8 -26.11 18.54 5.25
C LEU A 8 -24.84 17.72 5.49
N LYS A 9 -23.88 17.78 4.57
CA LYS A 9 -22.48 17.31 4.79
C LYS A 9 -21.57 18.53 4.68
N ALA A 10 -20.52 18.55 5.49
CA ALA A 10 -19.56 19.66 5.62
C ALA A 10 -18.15 19.10 5.39
N VAL A 11 -17.48 19.61 4.35
CA VAL A 11 -16.12 19.16 3.94
C VAL A 11 -15.17 20.36 4.03
N ARG A 12 -14.05 20.14 4.68
CA ARG A 12 -13.04 21.17 5.01
C ARG A 12 -11.69 20.76 4.44
N GLY A 13 -10.94 21.73 3.91
CA GLY A 13 -9.65 21.46 3.24
C GLY A 13 -9.26 22.55 2.28
N SER A 14 -8.32 22.27 1.39
CA SER A 14 -7.82 23.28 0.43
C SER A 14 -8.41 22.97 -0.92
N PHE A 15 -9.12 23.91 -1.54
CA PHE A 15 -9.93 23.65 -2.75
C PHE A 15 -9.38 24.49 -3.90
N ILE A 16 -9.49 23.92 -5.09
CA ILE A 16 -9.06 24.55 -6.36
C ILE A 16 -10.16 24.28 -7.36
N ASP A 17 -10.66 25.32 -8.03
CA ASP A 17 -11.63 25.19 -9.14
C ASP A 17 -11.49 26.43 -10.02
N VAL A 18 -12.02 26.33 -11.23
CA VAL A 18 -12.18 27.47 -12.16
C VAL A 18 -13.67 27.83 -12.11
N THR A 19 -13.96 29.13 -11.99
CA THR A 19 -15.29 29.63 -11.56
C THR A 19 -16.17 29.90 -12.76
N ARG A 20 -15.62 29.89 -13.97
CA ARG A 20 -16.36 30.16 -15.22
C ARG A 20 -15.53 29.66 -16.39
N THR A 21 -16.19 29.24 -17.46
CA THR A 21 -15.55 28.88 -18.74
C THR A 21 -14.93 30.16 -19.35
N ILE A 22 -13.92 30.00 -20.20
CA ILE A 22 -13.16 31.14 -20.79
C ILE A 22 -12.83 30.81 -22.25
N ASP A 23 -12.31 31.79 -22.98
CA ASP A 23 -12.12 31.77 -24.45
C ASP A 23 -10.63 31.73 -24.80
N ASN A 24 -9.77 32.28 -23.93
CA ASN A 24 -8.30 32.33 -24.08
C ASN A 24 -7.69 31.60 -22.91
N PRO A 25 -6.56 30.87 -23.11
CA PRO A 25 -5.82 30.33 -21.96
C PRO A 25 -5.32 31.42 -20.99
N GLU A 26 -4.95 32.60 -21.52
CA GLU A 26 -4.37 33.74 -20.71
C GLU A 26 -5.43 34.22 -19.69
N GLU A 27 -6.73 33.96 -19.94
CA GLU A 27 -7.83 34.33 -19.01
C GLU A 27 -8.01 33.35 -17.85
N ILE A 28 -7.33 32.20 -17.82
CA ILE A 28 -7.63 31.14 -16.81
C ILE A 28 -7.24 31.62 -15.42
N ALA A 29 -6.05 32.21 -15.28
CA ALA A 29 -5.55 32.80 -14.01
C ALA A 29 -6.68 33.59 -13.33
N SER A 30 -7.37 34.44 -14.10
CA SER A 30 -8.44 35.33 -13.60
C SER A 30 -9.63 34.51 -13.09
N ALA A 31 -9.89 33.31 -13.64
CA ALA A 31 -11.06 32.49 -13.26
C ALA A 31 -10.69 31.45 -12.20
N LEU A 32 -9.42 31.35 -11.83
CA LEU A 32 -8.97 30.27 -10.93
C LEU A 32 -9.17 30.71 -9.48
N ARG A 33 -9.71 29.82 -8.66
CA ARG A 33 -9.96 30.04 -7.21
C ARG A 33 -9.21 28.96 -6.43
N PHE A 34 -8.34 29.40 -5.52
CA PHE A 34 -7.70 28.59 -4.46
C PHE A 34 -8.17 29.09 -3.11
N ILE A 35 -8.79 28.22 -2.32
CA ILE A 35 -9.19 28.49 -0.92
C ILE A 35 -8.47 27.48 -0.06
N GLU A 36 -7.35 27.88 0.53
CA GLU A 36 -6.48 27.03 1.38
C GLU A 36 -7.27 26.52 2.59
N ASP A 37 -8.08 27.38 3.19
CA ASP A 37 -8.93 27.07 4.34
C ASP A 37 -10.42 27.17 3.91
N GLY A 38 -10.87 26.18 3.14
CA GLY A 38 -12.20 26.20 2.51
C GLY A 38 -13.20 25.37 3.27
N LEU A 39 -14.47 25.60 2.95
CA LEU A 39 -15.61 24.79 3.43
C LEU A 39 -16.55 24.53 2.27
N LEU A 40 -16.88 23.28 2.03
CA LEU A 40 -17.89 22.88 1.03
C LEU A 40 -19.04 22.21 1.79
N LEU A 41 -20.24 22.74 1.63
CA LEU A 41 -21.49 22.20 2.21
C LEU A 41 -22.27 21.51 1.10
N ILE A 42 -22.74 20.30 1.36
CA ILE A 42 -23.42 19.42 0.38
C ILE A 42 -24.83 19.12 0.92
N LYS A 43 -25.84 19.27 0.08
CA LYS A 43 -27.25 18.90 0.36
C LYS A 43 -27.77 18.25 -0.92
N GLN A 44 -28.39 17.06 -0.84
CA GLN A 44 -29.10 16.41 -1.98
C GLN A 44 -28.18 16.26 -3.20
N GLY A 45 -26.96 15.78 -3.01
CA GLY A 45 -25.99 15.53 -4.09
C GLY A 45 -25.50 16.81 -4.79
N LYS A 46 -25.72 17.98 -4.20
CA LYS A 46 -25.33 19.26 -4.86
C LYS A 46 -24.56 20.12 -3.87
N VAL A 47 -23.80 21.06 -4.42
CA VAL A 47 -23.14 22.14 -3.65
C VAL A 47 -24.22 23.11 -3.16
N GLU A 48 -24.40 23.11 -1.83
CA GLU A 48 -25.27 24.03 -1.08
C GLU A 48 -24.54 25.38 -0.95
N TRP A 49 -23.30 25.36 -0.50
CA TRP A 49 -22.49 26.57 -0.18
C TRP A 49 -21.00 26.24 -0.34
N PHE A 50 -20.22 27.19 -0.83
CA PHE A 50 -18.77 27.00 -0.97
C PHE A 50 -18.08 28.35 -0.72
N GLY A 51 -16.98 28.33 0.00
CA GLY A 51 -16.13 29.51 0.18
C GLY A 51 -15.21 29.31 1.35
N GLU A 52 -14.80 30.43 1.96
CA GLU A 52 -13.87 30.46 3.11
C GLU A 52 -14.54 29.78 4.30
N TRP A 53 -13.77 29.00 5.04
CA TRP A 53 -14.20 28.38 6.33
C TRP A 53 -14.79 29.47 7.24
N GLU A 54 -14.06 30.57 7.41
CA GLU A 54 -14.43 31.71 8.30
C GLU A 54 -15.75 32.37 7.85
N ASN A 55 -16.07 32.38 6.55
CA ASN A 55 -17.32 32.96 5.98
C ASN A 55 -18.51 32.01 6.13
N GLY A 56 -18.30 30.71 6.30
CA GLY A 56 -19.36 29.68 6.12
C GLY A 56 -19.62 28.82 7.34
N LYS A 57 -18.67 28.69 8.26
CA LYS A 57 -18.69 27.63 9.32
C LYS A 57 -19.91 27.77 10.22
N HIS A 58 -20.44 28.99 10.38
CA HIS A 58 -21.62 29.31 11.22
C HIS A 58 -22.84 28.53 10.73
N GLN A 59 -22.89 28.14 9.45
CA GLN A 59 -24.01 27.36 8.86
C GLN A 59 -23.99 25.91 9.35
N ILE A 60 -22.89 25.45 9.95
CA ILE A 60 -22.70 24.02 10.31
C ILE A 60 -23.36 23.81 11.66
N PRO A 61 -24.52 23.13 11.76
CA PRO A 61 -25.10 22.83 13.07
C PRO A 61 -24.22 21.80 13.80
N ASP A 62 -24.31 21.73 15.13
CA ASP A 62 -23.56 20.74 15.96
C ASP A 62 -24.06 19.31 15.68
N THR A 63 -25.21 19.14 15.01
CA THR A 63 -25.77 17.81 14.67
C THR A 63 -24.95 17.12 13.54
N ILE A 64 -23.93 17.76 12.97
CA ILE A 64 -23.16 17.32 11.76
C ILE A 64 -21.65 17.26 12.10
N ARG A 65 -20.95 16.17 11.75
CA ARG A 65 -19.48 16.04 11.89
C ARG A 65 -18.81 16.59 10.62
N VAL A 66 -17.82 17.46 10.77
CA VAL A 66 -17.00 18.01 9.64
C VAL A 66 -16.07 16.88 9.17
N ARG A 67 -16.02 16.62 7.86
CA ARG A 67 -14.98 15.78 7.22
C ARG A 67 -13.74 16.64 7.01
N ASP A 68 -12.71 16.45 7.81
CA ASP A 68 -11.50 17.30 7.82
C ASP A 68 -10.44 16.71 6.88
N TYR A 69 -10.20 17.33 5.71
CA TYR A 69 -9.18 16.93 4.73
C TYR A 69 -8.11 18.02 4.62
N ARG A 70 -7.93 18.84 5.65
CA ARG A 70 -6.81 19.83 5.69
C ARG A 70 -5.51 19.08 5.47
N GLY A 71 -4.61 19.62 4.65
CA GLY A 71 -3.37 18.91 4.27
C GLY A 71 -3.49 18.22 2.92
N LYS A 72 -4.72 18.01 2.44
CA LYS A 72 -5.00 17.47 1.09
C LYS A 72 -5.49 18.59 0.18
N LEU A 73 -5.42 18.34 -1.13
CA LEU A 73 -6.03 19.20 -2.15
C LEU A 73 -7.39 18.61 -2.60
N ILE A 74 -8.44 19.44 -2.69
CA ILE A 74 -9.80 18.99 -3.10
C ILE A 74 -10.11 19.67 -4.39
N VAL A 75 -10.39 18.92 -5.43
CA VAL A 75 -10.67 19.44 -6.80
C VAL A 75 -11.97 18.84 -7.31
N PRO A 76 -12.60 19.45 -8.31
CA PRO A 76 -13.80 18.86 -8.93
C PRO A 76 -13.36 17.57 -9.61
N GLY A 77 -14.29 16.63 -9.75
CA GLY A 77 -14.05 15.33 -10.35
C GLY A 77 -13.57 15.53 -11.76
N PHE A 78 -12.56 14.76 -12.15
CA PHE A 78 -11.97 14.85 -13.49
C PHE A 78 -12.96 14.31 -14.52
N VAL A 79 -12.89 14.89 -15.72
CA VAL A 79 -13.80 14.57 -16.83
C VAL A 79 -12.98 13.94 -17.95
N ASP A 80 -13.28 12.69 -18.27
CA ASP A 80 -12.59 11.89 -19.33
C ASP A 80 -13.56 11.86 -20.52
N THR A 81 -13.22 12.57 -21.60
CA THR A 81 -14.13 12.81 -22.74
C THR A 81 -13.97 11.76 -23.84
N HIS A 82 -13.08 10.79 -23.70
CA HIS A 82 -12.99 9.64 -24.62
C HIS A 82 -12.30 8.46 -23.93
N ILE A 83 -13.06 7.43 -23.65
CA ILE A 83 -12.56 6.14 -23.08
C ILE A 83 -13.43 4.98 -23.60
N HIS A 84 -12.80 3.84 -23.86
CA HIS A 84 -13.43 2.56 -24.27
C HIS A 84 -13.53 1.66 -23.04
N TYR A 85 -14.75 1.37 -22.60
CA TYR A 85 -14.98 0.48 -21.43
C TYR A 85 -14.51 -0.95 -21.71
N PRO A 86 -14.72 -1.51 -22.89
CA PRO A 86 -14.37 -2.91 -23.13
C PRO A 86 -12.95 -3.17 -23.59
N GLN A 87 -11.99 -2.39 -23.10
CA GLN A 87 -10.56 -2.46 -23.52
C GLN A 87 -9.61 -2.27 -22.30
N SER A 88 -10.09 -2.38 -21.06
CA SER A 88 -9.28 -2.39 -19.83
C SER A 88 -8.08 -3.36 -19.93
N GLU A 89 -8.29 -4.59 -20.42
CA GLU A 89 -7.27 -5.67 -20.46
C GLU A 89 -6.35 -5.57 -21.69
N MET A 90 -6.55 -4.60 -22.59
CA MET A 90 -5.86 -4.56 -23.91
C MET A 90 -4.40 -4.11 -23.74
N VAL A 91 -3.47 -4.84 -24.37
CA VAL A 91 -1.99 -4.58 -24.40
C VAL A 91 -1.52 -4.60 -25.87
N GLY A 92 -0.74 -3.60 -26.31
CA GLY A 92 -0.09 -3.59 -27.65
C GLY A 92 0.93 -4.71 -27.81
N GLU A 100 -5.18 -1.79 -38.30
CA GLU A 100 -3.91 -2.58 -38.17
C GLU A 100 -3.88 -3.19 -36.77
N TRP A 101 -3.73 -2.25 -35.84
CA TRP A 101 -4.03 -2.34 -34.40
C TRP A 101 -5.45 -2.92 -34.20
N LEU A 102 -6.47 -2.38 -34.87
CA LEU A 102 -7.89 -2.79 -34.78
C LEU A 102 -8.04 -4.32 -34.86
N ASN A 103 -7.49 -4.95 -35.90
CA ASN A 103 -7.70 -6.40 -36.18
C ASN A 103 -6.94 -7.27 -35.16
N LYS A 104 -5.75 -6.85 -34.69
CA LYS A 104 -4.88 -7.69 -33.81
C LYS A 104 -5.33 -7.54 -32.34
N HIS A 105 -5.81 -6.35 -31.94
CA HIS A 105 -5.94 -5.94 -30.51
C HIS A 105 -7.37 -5.54 -30.14
N THR A 106 -7.90 -4.51 -30.76
CA THR A 106 -9.22 -3.91 -30.41
C THR A 106 -10.32 -4.98 -30.57
N PHE A 107 -10.48 -5.52 -31.76
CA PHE A 107 -11.63 -6.39 -32.15
C PHE A 107 -11.63 -7.67 -31.32
N PRO A 108 -10.51 -8.41 -31.22
CA PRO A 108 -10.49 -9.64 -30.42
C PRO A 108 -10.78 -9.35 -28.94
N THR A 109 -10.27 -8.25 -28.39
CA THR A 109 -10.48 -7.86 -26.96
C THR A 109 -11.99 -7.61 -26.74
N GLU A 110 -12.57 -6.80 -27.61
CA GLU A 110 -14.01 -6.40 -27.49
C GLU A 110 -14.91 -7.62 -27.61
N ARG A 111 -14.48 -8.64 -28.35
CA ARG A 111 -15.27 -9.88 -28.60
C ARG A 111 -15.71 -10.51 -27.29
N ARG A 112 -14.85 -10.47 -26.26
CA ARG A 112 -15.14 -11.12 -24.96
C ARG A 112 -16.39 -10.51 -24.32
N TYR A 113 -16.75 -9.27 -24.66
CA TYR A 113 -17.83 -8.52 -23.96
C TYR A 113 -19.19 -8.91 -24.52
N GLU A 114 -19.25 -9.93 -25.39
CA GLU A 114 -20.52 -10.59 -25.77
C GLU A 114 -21.06 -11.38 -24.58
N ASP A 115 -20.18 -12.01 -23.79
CA ASP A 115 -20.57 -12.68 -22.53
C ASP A 115 -21.10 -11.62 -21.55
N LEU A 116 -22.37 -11.71 -21.19
CA LEU A 116 -23.02 -10.77 -20.24
C LEU A 116 -22.33 -10.81 -18.87
N GLU A 117 -21.89 -11.97 -18.40
CA GLU A 117 -21.26 -12.15 -17.06
C GLU A 117 -19.86 -11.48 -17.06
N TYR A 118 -19.11 -11.62 -18.16
CA TYR A 118 -17.82 -10.91 -18.39
C TYR A 118 -18.05 -9.39 -18.40
N ALA A 119 -19.06 -8.94 -19.16
CA ALA A 119 -19.42 -7.52 -19.25
C ALA A 119 -19.77 -6.96 -17.86
N ARG A 120 -20.44 -7.76 -17.03
CA ARG A 120 -20.88 -7.34 -15.66
C ARG A 120 -19.64 -7.18 -14.77
N GLU A 121 -18.76 -8.16 -14.80
CA GLU A 121 -17.53 -8.18 -13.98
C GLU A 121 -16.68 -6.98 -14.37
N MET A 122 -16.50 -6.76 -15.68
CA MET A 122 -15.64 -5.71 -16.25
C MET A 122 -16.30 -4.33 -16.12
N SER A 123 -17.62 -4.23 -16.13
CA SER A 123 -18.30 -2.95 -15.77
C SER A 123 -17.89 -2.52 -14.34
N ALA A 124 -17.94 -3.41 -13.38
CA ALA A 124 -17.57 -3.10 -11.98
C ALA A 124 -16.07 -2.69 -11.89
N PHE A 125 -15.22 -3.41 -12.59
CA PHE A 125 -13.78 -3.15 -12.67
C PHE A 125 -13.57 -1.77 -13.32
N PHE A 126 -14.29 -1.48 -14.39
CA PHE A 126 -14.14 -0.22 -15.15
C PHE A 126 -14.49 0.98 -14.25
N ILE A 127 -15.58 0.90 -13.54
CA ILE A 127 -16.06 2.02 -12.69
C ILE A 127 -15.07 2.19 -11.52
N LYS A 128 -14.59 1.11 -10.95
CA LYS A 128 -13.57 1.14 -9.85
C LYS A 128 -12.34 1.88 -10.37
N GLN A 129 -11.91 1.64 -11.62
CA GLN A 129 -10.69 2.27 -12.21
C GLN A 129 -10.87 3.76 -12.36
N LEU A 130 -12.04 4.20 -12.82
CA LEU A 130 -12.34 5.64 -12.90
C LEU A 130 -12.28 6.26 -11.50
N LEU A 131 -13.00 5.71 -10.51
CA LEU A 131 -13.11 6.33 -9.14
C LEU A 131 -11.72 6.35 -8.47
N ARG A 132 -11.00 5.23 -8.56
CA ARG A 132 -9.64 5.10 -8.02
C ARG A 132 -8.72 6.18 -8.63
N ASN A 133 -9.05 6.72 -9.81
CA ASN A 133 -8.28 7.74 -10.54
C ASN A 133 -8.93 9.13 -10.46
N GLY A 134 -9.98 9.30 -9.69
CA GLY A 134 -10.65 10.60 -9.51
C GLY A 134 -11.50 11.01 -10.71
N THR A 135 -11.80 10.11 -11.64
CA THR A 135 -12.70 10.41 -12.79
C THR A 135 -14.14 10.17 -12.32
N THR A 136 -14.96 11.21 -12.28
CA THR A 136 -16.37 11.13 -11.83
C THR A 136 -17.32 11.21 -13.03
N THR A 137 -16.87 11.74 -14.17
CA THR A 137 -17.64 11.72 -15.43
C THR A 137 -16.76 11.33 -16.62
N ALA A 138 -17.30 10.47 -17.48
CA ALA A 138 -16.63 9.96 -18.70
C ALA A 138 -17.67 9.85 -19.82
N LEU A 139 -17.18 10.10 -21.03
CA LEU A 139 -17.91 9.83 -22.30
C LEU A 139 -17.32 8.52 -22.80
N VAL A 140 -18.13 7.45 -22.79
CA VAL A 140 -17.64 6.07 -22.87
C VAL A 140 -18.12 5.38 -24.14
N PHE A 141 -17.17 4.90 -24.93
CA PHE A 141 -17.40 3.85 -25.95
C PHE A 141 -17.78 2.54 -25.29
N GLY A 142 -18.96 2.04 -25.57
CA GLY A 142 -19.33 0.68 -25.19
C GLY A 142 -18.81 -0.35 -26.17
N THR A 143 -19.54 -1.43 -26.27
CA THR A 143 -19.39 -2.56 -27.19
C THR A 143 -20.41 -2.41 -28.31
N VAL A 144 -20.25 -3.16 -29.40
CA VAL A 144 -21.29 -3.40 -30.45
C VAL A 144 -22.50 -4.09 -29.79
N HIS A 145 -22.23 -4.95 -28.79
CA HIS A 145 -23.23 -5.76 -28.04
C HIS A 145 -24.00 -4.88 -27.07
N PRO A 146 -25.34 -4.76 -27.20
CA PRO A 146 -26.12 -3.90 -26.33
C PRO A 146 -26.24 -4.37 -24.87
N GLN A 147 -26.17 -5.68 -24.61
CA GLN A 147 -26.12 -6.29 -23.25
C GLN A 147 -24.98 -5.69 -22.43
N SER A 148 -23.90 -5.34 -23.08
CA SER A 148 -22.67 -4.90 -22.40
C SER A 148 -22.76 -3.41 -22.08
N VAL A 149 -23.57 -2.65 -22.81
CA VAL A 149 -23.86 -1.23 -22.49
C VAL A 149 -24.80 -1.18 -21.29
N ASP A 150 -25.74 -2.12 -21.20
CA ASP A 150 -26.67 -2.29 -20.05
C ASP A 150 -25.87 -2.55 -18.77
N ALA A 151 -24.91 -3.49 -18.86
CA ALA A 151 -24.01 -3.79 -17.74
C ALA A 151 -23.28 -2.51 -17.27
N LEU A 152 -22.75 -1.74 -18.22
CA LEU A 152 -21.99 -0.50 -17.94
C LEU A 152 -22.88 0.54 -17.27
N PHE A 153 -24.06 0.82 -17.86
CA PHE A 153 -25.05 1.76 -17.29
C PHE A 153 -25.50 1.26 -15.92
N GLU A 154 -25.76 -0.04 -15.76
CA GLU A 154 -26.22 -0.60 -14.45
C GLU A 154 -25.14 -0.28 -13.40
N ALA A 155 -23.85 -0.49 -13.70
CA ALA A 155 -22.77 -0.27 -12.73
C ALA A 155 -22.73 1.22 -12.34
N ALA A 156 -22.75 2.12 -13.32
CA ALA A 156 -22.71 3.58 -13.11
C ALA A 156 -23.94 4.01 -12.33
N SER A 157 -25.09 3.44 -12.66
CA SER A 157 -26.40 3.75 -12.05
C SER A 157 -26.38 3.45 -10.55
N HIS A 158 -25.67 2.42 -10.13
CA HIS A 158 -25.67 1.99 -8.72
C HIS A 158 -25.15 3.14 -7.83
N ILE A 159 -24.22 3.98 -8.29
CA ILE A 159 -23.60 5.04 -7.43
C ILE A 159 -24.13 6.41 -7.87
N ASN A 160 -25.12 6.41 -8.77
CA ASN A 160 -25.73 7.59 -9.42
C ASN A 160 -24.64 8.49 -10.03
N MET A 161 -23.78 7.89 -10.87
CA MET A 161 -22.70 8.58 -11.60
C MET A 161 -23.30 9.38 -12.77
N ARG A 162 -22.76 10.57 -13.06
CA ARG A 162 -23.03 11.22 -14.35
C ARG A 162 -22.10 10.65 -15.40
N MET A 163 -22.64 9.78 -16.27
CA MET A 163 -21.87 9.09 -17.33
C MET A 163 -22.62 9.20 -18.64
N ILE A 164 -21.90 9.40 -19.74
CA ILE A 164 -22.38 9.36 -21.14
C ILE A 164 -21.78 8.15 -21.81
N ALA A 165 -22.63 7.25 -22.33
CA ALA A 165 -22.19 6.03 -23.01
C ALA A 165 -23.15 5.65 -24.13
N GLY A 166 -22.69 4.78 -25.02
CA GLY A 166 -23.54 4.25 -26.09
C GLY A 166 -23.02 2.95 -26.64
N LYS A 167 -23.91 2.24 -27.31
CA LYS A 167 -23.59 1.06 -28.15
C LYS A 167 -22.81 1.53 -29.36
N VAL A 168 -21.74 0.80 -29.65
CA VAL A 168 -20.95 1.01 -30.89
C VAL A 168 -21.81 0.54 -32.07
N MET A 169 -21.91 1.39 -33.08
CA MET A 169 -22.49 1.01 -34.39
C MET A 169 -21.36 0.69 -35.34
N MET A 170 -21.42 -0.48 -35.99
CA MET A 170 -20.31 -1.06 -36.80
C MET A 170 -20.91 -2.17 -37.67
N ASP A 171 -21.19 -1.92 -38.95
CA ASP A 171 -21.85 -2.92 -39.83
C ASP A 171 -20.89 -3.46 -40.89
N ARG A 172 -19.64 -2.99 -40.96
CA ARG A 172 -18.72 -3.47 -42.04
C ARG A 172 -17.23 -3.31 -41.69
N ASN A 173 -16.37 -3.85 -42.54
CA ASN A 173 -14.88 -3.70 -42.47
C ASN A 173 -14.38 -4.05 -41.07
N ALA A 174 -14.91 -5.12 -40.49
CA ALA A 174 -14.44 -5.69 -39.23
C ALA A 174 -14.89 -7.15 -39.15
N PRO A 175 -14.29 -7.95 -38.24
CA PRO A 175 -14.65 -9.35 -38.15
C PRO A 175 -16.16 -9.57 -37.93
N ASP A 176 -16.65 -10.69 -38.44
CA ASP A 176 -18.09 -11.05 -38.48
C ASP A 176 -18.57 -11.10 -37.02
N TYR A 177 -17.77 -11.63 -36.10
CA TYR A 177 -18.15 -11.79 -34.66
C TYR A 177 -18.47 -10.43 -34.04
N LEU A 178 -18.10 -9.30 -34.69
CA LEU A 178 -18.30 -7.95 -34.12
C LEU A 178 -19.17 -7.06 -35.01
N LEU A 179 -19.76 -7.55 -36.09
CA LEU A 179 -20.61 -6.72 -36.99
C LEU A 179 -22.03 -6.65 -36.43
N ASP A 180 -22.66 -5.49 -36.49
CA ASP A 180 -24.14 -5.36 -36.37
C ASP A 180 -24.64 -5.16 -37.81
N THR A 181 -25.88 -4.72 -38.00
CA THR A 181 -26.43 -4.28 -39.32
C THR A 181 -26.95 -2.85 -39.11
N ALA A 182 -27.12 -2.10 -40.20
CA ALA A 182 -27.80 -0.79 -40.18
C ALA A 182 -29.05 -0.87 -39.28
N GLU A 183 -29.93 -1.82 -39.56
CA GLU A 183 -31.25 -1.89 -38.88
C GLU A 183 -31.10 -2.32 -37.42
N SER A 184 -30.39 -3.41 -37.13
CA SER A 184 -30.18 -3.86 -35.73
C SER A 184 -29.54 -2.71 -34.93
N SER A 185 -28.64 -1.93 -35.56
CA SER A 185 -27.88 -0.83 -34.87
C SER A 185 -28.86 0.29 -34.51
N TYR A 186 -29.86 0.56 -35.37
CA TYR A 186 -30.98 1.50 -35.09
C TYR A 186 -31.79 1.02 -33.87
N HIS A 187 -32.35 -0.20 -33.90
CA HIS A 187 -33.33 -0.67 -32.89
C HIS A 187 -32.62 -0.84 -31.52
N GLN A 188 -31.44 -1.43 -31.53
CA GLN A 188 -30.66 -1.66 -30.28
C GLN A 188 -30.32 -0.32 -29.61
N SER A 189 -29.87 0.66 -30.39
CA SER A 189 -29.50 2.02 -29.86
C SER A 189 -30.75 2.71 -29.31
N LYS A 190 -31.87 2.64 -30.05
CA LYS A 190 -33.17 3.25 -29.64
C LYS A 190 -33.61 2.65 -28.31
N GLU A 191 -33.46 1.36 -28.14
CA GLU A 191 -33.95 0.65 -26.94
C GLU A 191 -33.07 1.08 -25.74
N LEU A 192 -31.76 1.19 -25.96
CA LEU A 192 -30.81 1.67 -24.93
C LEU A 192 -31.12 3.14 -24.63
N ILE A 193 -31.35 3.96 -25.66
CA ILE A 193 -31.77 5.37 -25.45
C ILE A 193 -32.98 5.40 -24.52
N GLU A 194 -33.96 4.54 -24.76
CA GLU A 194 -35.25 4.51 -24.03
C GLU A 194 -35.00 4.09 -22.58
N ARG A 195 -34.13 3.11 -22.35
CA ARG A 195 -33.87 2.57 -20.97
C ARG A 195 -32.99 3.54 -20.18
N TRP A 196 -32.05 4.24 -20.81
CA TRP A 196 -30.90 4.87 -20.08
C TRP A 196 -30.79 6.38 -20.25
N HIS A 197 -31.12 6.94 -21.41
CA HIS A 197 -30.97 8.40 -21.63
C HIS A 197 -31.80 9.17 -20.60
N LYS A 198 -31.17 10.05 -19.82
CA LYS A 198 -31.86 10.88 -18.79
C LYS A 198 -32.50 9.96 -17.74
N ASN A 199 -31.98 8.76 -17.59
CA ASN A 199 -32.22 7.85 -16.43
C ASN A 199 -31.28 8.30 -15.29
N GLY A 200 -31.82 8.97 -14.27
CA GLY A 200 -31.00 9.71 -13.28
C GLY A 200 -29.98 10.60 -13.96
N ARG A 201 -28.69 10.45 -13.66
CA ARG A 201 -27.63 11.34 -14.22
C ARG A 201 -26.98 10.68 -15.46
N LEU A 202 -27.51 9.54 -15.91
CA LEU A 202 -27.04 8.84 -17.14
C LEU A 202 -27.53 9.56 -18.40
N LEU A 203 -26.76 9.45 -19.49
CA LEU A 203 -26.97 10.12 -20.79
C LEU A 203 -26.45 9.21 -21.91
N TYR A 204 -27.14 9.19 -23.05
CA TYR A 204 -26.84 8.30 -24.20
C TYR A 204 -26.07 9.08 -25.27
N ALA A 205 -25.10 8.43 -25.87
CA ALA A 205 -24.41 8.98 -27.06
C ALA A 205 -24.57 8.01 -28.21
N ILE A 206 -24.99 8.52 -29.36
CA ILE A 206 -25.02 7.75 -30.62
C ILE A 206 -23.57 7.57 -31.04
N THR A 207 -23.09 6.33 -31.12
CA THR A 207 -21.66 5.96 -31.15
C THR A 207 -21.37 5.08 -32.35
N PRO A 208 -21.32 5.63 -33.59
CA PRO A 208 -20.69 4.94 -34.70
C PRO A 208 -19.19 4.84 -34.39
N ARG A 209 -18.62 3.64 -34.44
CA ARG A 209 -17.19 3.48 -34.19
C ARG A 209 -16.45 4.56 -34.97
N PHE A 210 -16.70 4.64 -36.28
CA PHE A 210 -16.18 5.64 -37.25
C PHE A 210 -16.51 5.26 -38.69
N ALA A 211 -16.35 6.21 -39.61
CA ALA A 211 -16.75 6.12 -41.03
C ALA A 211 -16.34 4.77 -41.66
N PRO A 212 -15.08 4.32 -41.51
CA PRO A 212 -14.68 3.08 -42.18
C PRO A 212 -15.61 1.88 -41.89
N THR A 213 -16.14 1.76 -40.67
CA THR A 213 -16.87 0.55 -40.21
C THR A 213 -18.39 0.76 -40.19
N SER A 214 -18.89 1.85 -40.80
CA SER A 214 -20.33 2.16 -40.94
C SER A 214 -20.66 2.39 -42.43
N SER A 215 -21.43 1.48 -43.04
CA SER A 215 -22.08 1.61 -44.36
C SER A 215 -22.86 2.93 -44.44
N PRO A 216 -23.06 3.51 -45.64
CA PRO A 216 -24.01 4.61 -45.82
C PRO A 216 -25.36 4.33 -45.13
N GLU A 217 -25.85 3.10 -45.23
CA GLU A 217 -27.13 2.71 -44.58
C GLU A 217 -27.00 2.91 -43.07
N GLN A 218 -25.85 2.58 -42.46
CA GLN A 218 -25.73 2.66 -40.97
C GLN A 218 -25.56 4.14 -40.56
N MET A 219 -24.76 4.90 -41.31
CA MET A 219 -24.61 6.36 -41.12
C MET A 219 -26.01 7.01 -41.18
N ALA A 220 -26.86 6.55 -42.09
CA ALA A 220 -28.25 7.04 -42.27
C ALA A 220 -29.06 6.73 -41.00
N MET A 221 -28.85 5.58 -40.36
CA MET A 221 -29.51 5.24 -39.07
C MET A 221 -28.99 6.16 -37.96
N ALA A 222 -27.68 6.37 -37.87
CA ALA A 222 -27.10 7.24 -36.83
C ALA A 222 -27.76 8.64 -36.93
N GLN A 223 -27.83 9.20 -38.15
CA GLN A 223 -28.52 10.48 -38.46
C GLN A 223 -29.98 10.47 -37.99
N ARG A 224 -30.66 9.32 -38.20
CA ARG A 224 -32.10 9.14 -37.88
C ARG A 224 -32.22 9.25 -36.35
N LEU A 225 -31.37 8.53 -35.62
CA LEU A 225 -31.42 8.52 -34.14
C LEU A 225 -31.23 9.93 -33.60
N LYS A 226 -30.30 10.71 -34.15
CA LYS A 226 -30.00 12.08 -33.68
C LYS A 226 -31.24 12.97 -33.92
N GLU A 227 -31.89 12.80 -35.06
CA GLU A 227 -33.14 13.55 -35.47
C GLU A 227 -34.27 13.17 -34.50
N GLU A 228 -34.47 11.88 -34.22
CA GLU A 228 -35.52 11.40 -33.30
C GLU A 228 -35.21 11.77 -31.84
N TYR A 229 -33.94 11.88 -31.45
CA TYR A 229 -33.54 12.12 -30.04
C TYR A 229 -32.53 13.26 -30.03
N PRO A 230 -33.01 14.50 -30.23
CA PRO A 230 -32.13 15.65 -30.42
C PRO A 230 -31.21 15.91 -29.22
N ASP A 231 -31.58 15.51 -28.01
CA ASP A 231 -30.79 15.83 -26.79
C ASP A 231 -29.89 14.63 -26.38
N THR A 232 -29.65 13.68 -27.28
CA THR A 232 -28.63 12.64 -27.05
C THR A 232 -27.29 13.20 -27.52
N TRP A 233 -26.21 12.55 -27.10
CA TRP A 233 -24.85 12.95 -27.53
C TRP A 233 -24.53 12.21 -28.83
N VAL A 234 -23.55 12.72 -29.58
CA VAL A 234 -22.89 11.97 -30.68
C VAL A 234 -21.42 11.78 -30.29
N HIS A 235 -20.85 10.62 -30.59
CA HIS A 235 -19.48 10.27 -30.15
C HIS A 235 -18.83 9.38 -31.21
N THR A 236 -17.84 9.87 -31.93
CA THR A 236 -17.11 9.05 -32.91
C THR A 236 -15.62 9.46 -32.95
N HIS A 237 -14.82 8.79 -33.78
CA HIS A 237 -13.40 9.08 -34.03
C HIS A 237 -13.29 9.98 -35.28
N LEU A 238 -12.24 10.80 -35.37
CA LEU A 238 -12.01 11.74 -36.49
C LEU A 238 -10.52 12.03 -36.67
N CYS A 239 -9.95 11.63 -37.81
CA CYS A 239 -8.61 12.05 -38.30
C CYS A 239 -7.53 11.78 -37.24
N GLU A 240 -7.42 10.52 -36.79
CA GLU A 240 -6.40 10.11 -35.80
C GLU A 240 -5.06 9.90 -36.54
N ASN A 241 -5.12 9.37 -37.74
CA ASN A 241 -3.92 8.88 -38.45
C ASN A 241 -4.16 9.04 -39.96
N LYS A 242 -3.09 9.20 -40.73
CA LYS A 242 -3.19 9.60 -42.16
C LYS A 242 -3.81 8.45 -42.96
N ASP A 243 -3.51 7.19 -42.65
CA ASP A 243 -4.06 5.99 -43.34
C ASP A 243 -5.59 5.93 -43.20
N GLU A 244 -6.08 6.13 -41.97
CA GLU A 244 -7.52 6.17 -41.60
C GLU A 244 -8.21 7.24 -42.48
N ILE A 245 -7.58 8.40 -42.64
CA ILE A 245 -8.15 9.53 -43.44
C ILE A 245 -8.26 9.11 -44.91
N ALA A 246 -7.18 8.53 -45.45
CA ALA A 246 -7.11 8.00 -46.82
C ALA A 246 -8.19 6.92 -47.05
N TRP A 247 -8.30 5.99 -46.11
CA TRP A 247 -9.28 4.89 -46.12
C TRP A 247 -10.71 5.48 -46.20
N VAL A 248 -11.01 6.48 -45.37
CA VAL A 248 -12.34 7.15 -45.34
C VAL A 248 -12.61 7.85 -46.65
N LYS A 249 -11.60 8.50 -47.25
CA LYS A 249 -11.76 9.23 -48.54
C LYS A 249 -12.03 8.23 -49.67
N SER A 250 -11.37 7.06 -49.64
CA SER A 250 -11.55 5.94 -50.60
C SER A 250 -12.94 5.29 -50.43
N LEU A 251 -13.56 5.34 -49.25
CA LEU A 251 -14.88 4.68 -48.98
C LEU A 251 -16.03 5.67 -49.19
N TYR A 252 -15.76 6.96 -49.01
CA TYR A 252 -16.76 8.05 -49.12
C TYR A 252 -16.20 9.09 -50.09
N PRO A 253 -15.90 8.70 -51.35
CA PRO A 253 -15.28 9.62 -52.31
C PRO A 253 -16.19 10.75 -52.81
N ASP A 254 -17.51 10.69 -52.56
CA ASP A 254 -18.43 11.79 -52.98
C ASP A 254 -18.55 12.85 -51.88
N HIS A 255 -17.92 12.66 -50.73
CA HIS A 255 -17.94 13.62 -49.58
C HIS A 255 -16.66 14.45 -49.65
N ASP A 256 -16.68 15.63 -49.04
CA ASP A 256 -15.54 16.58 -49.06
C ASP A 256 -14.58 16.27 -47.90
N GLY A 257 -14.11 15.03 -47.80
CA GLY A 257 -13.19 14.55 -46.73
C GLY A 257 -13.93 13.99 -45.51
N TYR A 258 -13.19 13.63 -44.46
CA TYR A 258 -13.61 12.74 -43.34
C TYR A 258 -14.73 13.39 -42.52
N LEU A 259 -14.50 14.60 -42.02
CA LEU A 259 -15.51 15.33 -41.21
C LEU A 259 -16.77 15.58 -42.05
N ASP A 260 -16.65 15.78 -43.36
CA ASP A 260 -17.80 16.08 -44.25
C ASP A 260 -18.77 14.88 -44.23
N VAL A 261 -18.22 13.64 -44.19
CA VAL A 261 -19.04 12.40 -43.98
C VAL A 261 -19.96 12.60 -42.77
N TYR A 262 -19.43 12.87 -41.59
CA TYR A 262 -20.26 13.01 -40.36
C TYR A 262 -21.20 14.22 -40.51
N HIS A 263 -20.70 15.31 -41.09
CA HIS A 263 -21.45 16.59 -41.20
C HIS A 263 -22.67 16.42 -42.12
N GLN A 264 -22.47 15.80 -43.28
CA GLN A 264 -23.56 15.58 -44.27
C GLN A 264 -24.60 14.60 -43.70
N TYR A 265 -24.24 13.76 -42.73
CA TYR A 265 -25.13 12.78 -42.05
C TYR A 265 -25.71 13.38 -40.77
N GLY A 266 -25.57 14.68 -40.56
CA GLY A 266 -26.18 15.41 -39.43
C GLY A 266 -25.65 14.98 -38.07
N LEU A 267 -24.35 14.74 -37.94
CA LEU A 267 -23.72 14.24 -36.68
C LEU A 267 -22.71 15.27 -36.12
N THR A 268 -22.66 16.49 -36.67
CA THR A 268 -21.96 17.67 -36.10
C THR A 268 -22.98 18.52 -35.29
N GLY A 269 -22.49 19.38 -34.40
CA GLY A 269 -23.31 20.30 -33.59
C GLY A 269 -23.01 20.20 -32.09
N LYS A 270 -23.78 20.91 -31.26
CA LYS A 270 -23.74 20.86 -29.77
C LYS A 270 -23.77 19.38 -29.33
N ASN A 271 -22.83 18.99 -28.46
CA ASN A 271 -22.74 17.65 -27.86
C ASN A 271 -22.42 16.60 -28.92
N CYS A 272 -21.62 16.94 -29.92
CA CYS A 272 -21.01 16.05 -30.91
C CYS A 272 -19.47 16.00 -30.70
N VAL A 273 -18.97 14.86 -30.22
CA VAL A 273 -17.57 14.73 -29.71
C VAL A 273 -16.80 13.88 -30.72
N PHE A 274 -15.73 14.46 -31.27
CA PHE A 274 -14.81 13.80 -32.21
C PHE A 274 -13.49 13.55 -31.47
N ALA A 275 -13.10 12.29 -31.34
CA ALA A 275 -11.85 11.88 -30.67
C ALA A 275 -10.68 12.09 -31.63
N HIS A 276 -9.58 12.60 -31.09
CA HIS A 276 -8.23 12.67 -31.69
C HIS A 276 -8.03 13.99 -32.43
N CYS A 277 -8.64 14.10 -33.61
CA CYS A 277 -8.57 15.29 -34.50
C CYS A 277 -7.12 15.76 -34.60
N VAL A 278 -6.19 14.84 -34.87
CA VAL A 278 -4.73 15.12 -34.99
C VAL A 278 -4.46 15.74 -36.37
N HIS A 279 -5.08 15.21 -37.42
CA HIS A 279 -4.78 15.61 -38.83
C HIS A 279 -6.03 16.23 -39.44
N LEU A 280 -6.41 17.41 -38.99
CA LEU A 280 -7.56 18.19 -39.50
C LEU A 280 -7.08 19.13 -40.62
N GLU A 281 -7.86 19.26 -41.70
CA GLU A 281 -7.69 20.36 -42.69
C GLU A 281 -8.22 21.66 -42.08
N GLU A 282 -7.74 22.82 -42.57
CA GLU A 282 -8.25 24.17 -42.21
C GLU A 282 -9.79 24.19 -42.28
N LYS A 283 -10.37 23.77 -43.43
CA LYS A 283 -11.84 23.67 -43.64
C LYS A 283 -12.48 22.85 -42.49
N GLU A 284 -11.83 21.77 -42.03
CA GLU A 284 -12.38 20.88 -40.97
C GLU A 284 -12.38 21.63 -39.62
N TRP A 285 -11.25 22.27 -39.27
CA TRP A 285 -11.18 23.13 -38.06
C TRP A 285 -12.34 24.14 -38.03
N ASP A 286 -12.62 24.83 -39.13
CA ASP A 286 -13.67 25.89 -39.22
C ASP A 286 -15.06 25.28 -39.07
N ARG A 287 -15.29 24.11 -39.68
CA ARG A 287 -16.58 23.38 -39.59
C ARG A 287 -16.88 23.03 -38.11
N LEU A 288 -15.90 22.46 -37.41
CA LEU A 288 -16.06 22.07 -35.98
C LEU A 288 -16.43 23.32 -35.17
N SER A 289 -15.73 24.43 -35.45
CA SER A 289 -15.96 25.77 -34.84
C SER A 289 -17.40 26.26 -35.11
N GLU A 290 -17.77 26.36 -36.37
CA GLU A 290 -19.13 26.83 -36.81
C GLU A 290 -20.22 25.93 -36.20
N THR A 291 -20.05 24.61 -36.21
CA THR A 291 -21.04 23.64 -35.67
C THR A 291 -21.05 23.64 -34.14
N LYS A 292 -20.02 24.18 -33.48
CA LYS A 292 -19.89 24.14 -32.00
C LYS A 292 -19.73 22.66 -31.55
N SER A 293 -18.99 21.90 -32.36
CA SER A 293 -18.66 20.47 -32.13
C SER A 293 -17.41 20.42 -31.25
N SER A 294 -17.18 19.29 -30.58
CA SER A 294 -16.18 19.12 -29.52
C SER A 294 -15.10 18.15 -29.97
N ILE A 295 -13.86 18.41 -29.59
CA ILE A 295 -12.69 17.51 -29.76
C ILE A 295 -12.38 16.87 -28.40
N ALA A 296 -12.05 15.57 -28.43
CA ALA A 296 -11.39 14.85 -27.34
C ALA A 296 -9.93 14.73 -27.71
N PHE A 297 -9.06 15.47 -27.04
CA PHE A 297 -7.58 15.40 -27.14
C PHE A 297 -7.12 14.18 -26.33
N CYS A 298 -6.46 13.23 -26.99
CA CYS A 298 -6.06 11.91 -26.43
C CYS A 298 -4.56 11.74 -26.58
N PRO A 299 -3.75 12.55 -25.86
CA PRO A 299 -2.33 12.58 -26.08
C PRO A 299 -1.64 11.21 -25.94
N THR A 300 -1.99 10.46 -24.91
CA THR A 300 -1.35 9.18 -24.56
C THR A 300 -1.46 8.20 -25.72
N SER A 301 -2.66 7.97 -26.27
CA SER A 301 -2.79 7.08 -27.45
C SER A 301 -2.10 7.73 -28.63
N ASN A 302 -2.20 9.04 -28.80
CA ASN A 302 -1.56 9.69 -29.98
C ASN A 302 -0.06 9.40 -29.96
N LEU A 303 0.56 9.31 -28.78
CA LEU A 303 2.03 9.04 -28.70
C LEU A 303 2.27 7.53 -28.84
N TYR A 304 1.43 6.72 -28.22
CA TYR A 304 1.63 5.26 -28.13
C TYR A 304 1.50 4.64 -29.53
N LEU A 305 0.62 5.19 -30.36
CA LEU A 305 0.41 4.69 -31.74
C LEU A 305 1.18 5.56 -32.73
N GLY A 306 1.89 6.58 -32.28
CA GLY A 306 2.66 7.50 -33.15
C GLY A 306 1.75 8.19 -34.15
N SER A 307 0.53 8.52 -33.75
CA SER A 307 -0.50 9.21 -34.58
C SER A 307 -0.08 10.66 -34.88
N GLY A 308 0.63 11.31 -33.97
CA GLY A 308 1.07 12.71 -34.12
C GLY A 308 0.65 13.57 -32.95
N LEU A 309 0.64 14.89 -33.15
CA LEU A 309 0.63 15.89 -32.07
C LEU A 309 -0.60 16.79 -32.26
N PHE A 310 -1.58 16.72 -31.37
CA PHE A 310 -2.81 17.55 -31.47
C PHE A 310 -2.42 19.03 -31.30
N ASN A 311 -2.92 19.86 -32.21
CA ASN A 311 -2.67 21.32 -32.24
C ASN A 311 -3.68 22.05 -31.36
N LEU A 312 -3.49 22.00 -30.05
CA LEU A 312 -4.31 22.67 -29.03
C LEU A 312 -4.28 24.18 -29.28
N LYS A 313 -3.15 24.73 -29.73
CA LYS A 313 -3.02 26.19 -30.03
C LYS A 313 -4.10 26.57 -31.05
N LYS A 314 -4.17 25.81 -32.14
CA LYS A 314 -5.13 26.07 -33.23
C LYS A 314 -6.57 25.99 -32.69
N ALA A 315 -6.87 25.06 -31.77
CA ALA A 315 -8.25 24.86 -31.25
C ALA A 315 -8.67 26.12 -30.48
N TRP A 316 -7.73 26.71 -29.74
CA TRP A 316 -7.93 27.99 -29.02
C TRP A 316 -8.20 29.08 -30.07
N GLN A 317 -7.29 29.26 -31.03
CA GLN A 317 -7.44 30.22 -32.17
C GLN A 317 -8.84 30.04 -32.77
N LYS A 318 -9.29 28.80 -32.99
CA LYS A 318 -10.54 28.52 -33.74
C LYS A 318 -11.75 28.46 -32.80
N LYS A 319 -11.54 28.65 -31.49
CA LYS A 319 -12.64 28.68 -30.49
C LYS A 319 -13.41 27.34 -30.52
N VAL A 320 -12.71 26.21 -30.64
CA VAL A 320 -13.29 24.85 -30.62
C VAL A 320 -13.14 24.24 -29.23
N LYS A 321 -14.24 23.78 -28.64
CA LYS A 321 -14.27 23.09 -27.32
C LYS A 321 -13.36 21.86 -27.37
N VAL A 322 -12.45 21.75 -26.41
CA VAL A 322 -11.55 20.57 -26.22
C VAL A 322 -11.69 20.06 -24.79
N GLY A 323 -11.82 18.74 -24.65
CA GLY A 323 -11.70 17.99 -23.40
C GLY A 323 -10.58 16.97 -23.51
N MET A 324 -10.16 16.42 -22.36
CA MET A 324 -9.06 15.42 -22.34
C MET A 324 -9.72 14.05 -22.35
N GLY A 325 -9.16 13.13 -23.14
CA GLY A 325 -9.53 11.69 -23.14
C GLY A 325 -8.32 10.81 -22.86
N THR A 326 -8.51 9.73 -22.11
CA THR A 326 -7.49 8.68 -21.85
C THR A 326 -7.39 7.71 -23.03
N ASP A 327 -8.46 7.53 -23.78
CA ASP A 327 -8.59 6.54 -24.89
C ASP A 327 -8.02 5.22 -24.40
N ILE A 328 -8.35 4.84 -23.19
CA ILE A 328 -8.08 3.51 -22.64
C ILE A 328 -8.57 2.51 -23.68
N GLY A 329 -7.79 1.43 -23.66
CA GLY A 329 -7.33 0.62 -24.76
C GLY A 329 -5.98 1.09 -25.18
N ALA A 330 -6.00 2.03 -26.12
CA ALA A 330 -4.84 2.47 -26.89
C ALA A 330 -3.90 3.28 -25.97
N GLY A 331 -4.49 4.08 -25.08
CA GLY A 331 -3.83 4.78 -24.00
C GLY A 331 -3.66 3.82 -22.84
N THR A 332 -2.62 3.97 -22.01
CA THR A 332 -2.25 2.94 -21.03
C THR A 332 -2.61 3.36 -19.61
N THR A 333 -3.31 4.48 -19.43
CA THR A 333 -3.68 4.97 -18.08
C THR A 333 -5.11 5.55 -18.07
N PHE A 334 -5.81 5.29 -16.95
CA PHE A 334 -7.11 5.87 -16.55
C PHE A 334 -6.90 7.25 -15.93
N ASN A 335 -5.66 7.56 -15.55
CA ASN A 335 -5.37 8.71 -14.69
C ASN A 335 -5.36 10.02 -15.50
N MET A 336 -6.15 10.98 -15.08
CA MET A 336 -6.21 12.31 -15.74
C MET A 336 -4.94 13.15 -15.44
N LEU A 337 -4.31 12.94 -14.31
CA LEU A 337 -3.03 13.69 -14.04
C LEU A 337 -1.94 13.22 -15.02
N GLN A 338 -1.79 11.89 -15.22
CA GLN A 338 -0.85 11.33 -16.21
C GLN A 338 -1.24 11.78 -17.61
N THR A 339 -2.54 11.89 -17.92
CA THR A 339 -3.02 12.32 -19.25
C THR A 339 -2.56 13.75 -19.50
N LEU A 340 -2.67 14.60 -18.49
CA LEU A 340 -2.19 16.01 -18.59
C LEU A 340 -0.69 16.02 -18.74
N ASN A 341 0.00 15.12 -18.06
CA ASN A 341 1.48 14.99 -18.18
C ASN A 341 1.81 14.72 -19.65
N GLU A 342 1.00 13.89 -20.35
CA GLU A 342 1.33 13.48 -21.73
C GLU A 342 0.99 14.66 -22.66
N ALA A 343 -0.05 15.39 -22.32
CA ALA A 343 -0.50 16.59 -23.03
C ALA A 343 0.67 17.60 -23.00
N TYR A 344 1.29 17.79 -21.84
CA TYR A 344 2.47 18.67 -21.65
C TYR A 344 3.56 18.27 -22.64
N LYS A 345 3.79 16.96 -22.80
CA LYS A 345 4.88 16.40 -23.62
C LYS A 345 4.54 16.60 -25.09
N VAL A 346 3.33 16.24 -25.50
CA VAL A 346 2.85 16.43 -26.89
C VAL A 346 2.99 17.89 -27.26
N LEU A 347 2.63 18.79 -26.33
CA LEU A 347 2.63 20.24 -26.63
C LEU A 347 4.08 20.79 -26.63
N GLN A 348 4.97 20.30 -25.77
CA GLN A 348 6.36 20.83 -25.74
C GLN A 348 7.03 20.53 -27.08
N LEU A 349 6.69 19.41 -27.74
CA LEU A 349 7.30 19.02 -29.03
C LEU A 349 6.80 20.01 -30.10
N GLN A 350 5.75 20.78 -29.83
CA GLN A 350 5.24 21.81 -30.77
C GLN A 350 5.69 23.20 -30.29
N GLY A 351 6.60 23.28 -29.32
CA GLY A 351 7.03 24.56 -28.68
C GLY A 351 5.84 25.31 -28.08
N TYR A 352 4.81 24.59 -27.65
CA TYR A 352 3.63 25.13 -26.91
C TYR A 352 3.79 24.75 -25.44
N ARG A 353 3.74 25.75 -24.56
CA ARG A 353 4.04 25.57 -23.12
C ARG A 353 2.69 25.48 -22.42
N LEU A 354 2.31 24.28 -21.96
CA LEU A 354 1.02 24.06 -21.28
C LEU A 354 1.24 24.44 -19.83
N SER A 355 0.62 25.53 -19.38
CA SER A 355 0.57 25.93 -17.96
C SER A 355 -0.25 24.92 -17.17
N ALA A 356 0.05 24.78 -15.89
CA ALA A 356 -0.69 23.95 -14.93
C ALA A 356 -2.12 24.47 -14.86
N TYR A 357 -2.34 25.77 -15.06
CA TYR A 357 -3.69 26.39 -14.97
C TYR A 357 -4.56 25.82 -16.08
N GLU A 358 -3.98 25.82 -17.27
CA GLU A 358 -4.63 25.32 -18.50
C GLU A 358 -4.86 23.81 -18.39
N ALA A 359 -3.88 23.06 -17.91
CA ALA A 359 -4.03 21.60 -17.70
C ALA A 359 -5.18 21.35 -16.73
N PHE A 360 -5.20 22.07 -15.61
CA PHE A 360 -6.23 21.86 -14.56
C PHE A 360 -7.63 22.23 -15.08
N TYR A 361 -7.68 23.21 -15.98
CA TYR A 361 -8.91 23.69 -16.62
C TYR A 361 -9.44 22.58 -17.53
N LEU A 362 -8.57 22.04 -18.39
CA LEU A 362 -8.90 20.97 -19.38
C LEU A 362 -9.41 19.70 -18.65
N ALA A 363 -8.84 19.34 -17.51
CA ALA A 363 -9.21 18.16 -16.71
C ALA A 363 -10.56 18.31 -16.02
N THR A 364 -11.02 19.54 -15.78
CA THR A 364 -12.23 19.80 -14.96
C THR A 364 -13.26 20.59 -15.75
N LEU A 365 -13.39 21.90 -15.52
CA LEU A 365 -14.51 22.71 -16.10
C LEU A 365 -14.39 22.75 -17.63
N GLY A 366 -13.17 22.75 -18.18
CA GLY A 366 -12.91 22.75 -19.63
C GLY A 366 -13.54 21.52 -20.28
N GLY A 367 -13.26 20.35 -19.73
CA GLY A 367 -13.80 19.09 -20.24
C GLY A 367 -15.30 19.00 -20.06
N ALA A 368 -15.78 19.47 -18.91
CA ALA A 368 -17.21 19.57 -18.61
C ALA A 368 -17.85 20.44 -19.71
N LYS A 369 -17.24 21.58 -20.08
CA LYS A 369 -17.77 22.42 -21.18
C LYS A 369 -17.80 21.60 -22.47
N SER A 370 -16.72 20.88 -22.80
CA SER A 370 -16.63 20.10 -24.06
C SER A 370 -17.78 19.07 -24.15
N LEU A 371 -18.29 18.55 -23.02
CA LEU A 371 -19.38 17.55 -22.98
C LEU A 371 -20.73 18.26 -22.83
N GLY A 372 -20.76 19.60 -22.76
CA GLY A 372 -21.98 20.37 -22.48
C GLY A 372 -22.54 20.08 -21.09
N LEU A 373 -21.69 19.83 -20.09
CA LEU A 373 -22.16 19.47 -18.72
C LEU A 373 -21.66 20.53 -17.74
N ASP A 374 -21.15 21.66 -18.21
CA ASP A 374 -20.53 22.67 -17.34
C ASP A 374 -21.59 23.41 -16.49
N ASP A 375 -22.88 23.28 -16.79
CA ASP A 375 -23.97 23.81 -15.93
CA ASP A 375 -23.94 23.83 -15.89
C ASP A 375 -24.23 22.82 -14.78
N LEU A 376 -23.68 21.60 -14.86
CA LEU A 376 -24.05 20.49 -13.94
C LEU A 376 -22.85 20.15 -13.02
N ILE A 377 -21.64 20.22 -13.54
CA ILE A 377 -20.40 19.75 -12.83
C ILE A 377 -19.27 20.72 -13.15
N GLY A 378 -18.12 20.55 -12.51
CA GLY A 378 -16.85 21.06 -13.04
C GLY A 378 -16.21 22.11 -12.16
N ASN A 379 -16.93 22.60 -11.16
CA ASN A 379 -16.43 23.49 -10.10
C ASN A 379 -17.35 23.39 -8.89
N PHE A 380 -17.10 24.22 -7.88
CA PHE A 380 -17.83 24.19 -6.59
C PHE A 380 -18.86 25.32 -6.54
N LEU A 381 -19.36 25.84 -7.65
CA LEU A 381 -20.50 26.82 -7.63
C LEU A 381 -21.71 26.15 -7.01
N PRO A 382 -22.46 26.86 -6.16
CA PRO A 382 -23.77 26.40 -5.70
C PRO A 382 -24.64 25.86 -6.82
N GLY A 383 -25.33 24.77 -6.55
CA GLY A 383 -26.25 24.11 -7.51
C GLY A 383 -25.54 23.04 -8.33
N LYS A 384 -24.20 23.06 -8.40
CA LYS A 384 -23.44 22.01 -9.13
C LYS A 384 -23.57 20.68 -8.39
N GLU A 385 -23.59 19.58 -9.14
CA GLU A 385 -23.56 18.20 -8.64
C GLU A 385 -22.23 17.98 -7.89
N ALA A 386 -22.31 17.43 -6.67
CA ALA A 386 -21.19 17.29 -5.72
C ALA A 386 -20.32 16.07 -6.08
N ASP A 387 -19.62 16.16 -7.22
CA ASP A 387 -18.59 15.18 -7.63
C ASP A 387 -17.21 15.79 -7.39
N PHE A 388 -16.38 15.24 -6.52
CA PHE A 388 -15.04 15.84 -6.22
C PHE A 388 -14.06 14.77 -5.72
N VAL A 389 -12.79 15.14 -5.73
CA VAL A 389 -11.63 14.22 -5.48
C VAL A 389 -10.75 14.85 -4.39
N VAL A 390 -10.48 14.09 -3.34
CA VAL A 390 -9.47 14.49 -2.35
C VAL A 390 -8.15 13.90 -2.80
N MET A 391 -7.21 14.78 -3.06
CA MET A 391 -5.88 14.47 -3.63
C MET A 391 -4.78 14.76 -2.60
N GLU A 392 -3.66 14.04 -2.70
CA GLU A 392 -2.43 14.34 -1.95
C GLU A 392 -1.23 13.93 -2.76
N PRO A 393 -0.10 14.64 -2.61
CA PRO A 393 1.11 14.31 -3.39
C PRO A 393 1.98 13.17 -2.86
N THR A 394 1.40 11.99 -2.59
CA THR A 394 2.11 10.92 -1.81
C THR A 394 2.44 9.72 -2.70
N ALA A 395 2.28 9.85 -4.02
CA ALA A 395 2.38 8.78 -5.03
C ALA A 395 3.76 8.14 -4.96
N THR A 396 4.80 8.99 -4.94
CA THR A 396 6.23 8.64 -4.83
C THR A 396 6.80 9.50 -3.73
N PRO A 397 7.93 9.08 -3.12
CA PRO A 397 8.65 9.99 -2.24
C PRO A 397 9.06 11.25 -3.02
N LEU A 398 9.33 11.13 -4.32
CA LEU A 398 9.75 12.25 -5.18
C LEU A 398 8.62 13.26 -5.30
N GLN A 399 7.37 12.81 -5.39
CA GLN A 399 6.21 13.72 -5.44
C GLN A 399 6.11 14.52 -4.13
N GLN A 400 6.28 13.86 -2.97
CA GLN A 400 6.15 14.55 -1.67
C GLN A 400 7.31 15.57 -1.58
N LEU A 401 8.50 15.15 -1.98
CA LEU A 401 9.68 16.03 -1.99
C LEU A 401 9.39 17.28 -2.84
N ARG A 402 8.88 17.12 -4.07
CA ARG A 402 8.73 18.26 -4.98
C ARG A 402 7.61 19.16 -4.45
N TYR A 403 6.58 18.57 -3.83
CA TYR A 403 5.41 19.34 -3.36
C TYR A 403 5.85 20.17 -2.16
N ASP A 404 6.54 19.58 -1.21
CA ASP A 404 7.21 20.25 -0.06
C ASP A 404 8.08 21.43 -0.54
N ASN A 405 8.64 21.39 -1.73
CA ASN A 405 9.55 22.44 -2.25
C ASN A 405 8.77 23.47 -3.09
N SER A 406 7.47 23.30 -3.24
CA SER A 406 6.56 24.15 -4.00
C SER A 406 5.91 25.17 -3.06
N VAL A 407 5.74 26.42 -3.50
CA VAL A 407 5.05 27.41 -2.65
C VAL A 407 3.92 28.09 -3.45
N SER A 408 4.03 28.26 -4.76
CA SER A 408 2.92 28.83 -5.60
C SER A 408 1.87 27.74 -5.91
N LEU A 409 0.66 28.14 -6.24
CA LEU A 409 -0.42 27.21 -6.62
C LEU A 409 0.02 26.56 -7.93
N VAL A 410 0.62 27.33 -8.85
CA VAL A 410 1.07 26.79 -10.17
C VAL A 410 2.09 25.65 -9.93
N ASP A 411 2.99 25.80 -8.97
CA ASP A 411 4.04 24.79 -8.71
C ASP A 411 3.40 23.54 -8.11
N LYS A 412 2.49 23.69 -7.16
CA LYS A 412 1.75 22.57 -6.57
C LYS A 412 0.94 21.85 -7.66
N LEU A 413 0.20 22.58 -8.49
CA LEU A 413 -0.57 21.95 -9.61
C LEU A 413 0.40 21.20 -10.52
N PHE A 414 1.60 21.74 -10.72
CA PHE A 414 2.61 21.19 -11.65
C PHE A 414 3.11 19.87 -11.08
N VAL A 415 3.37 19.82 -9.77
CA VAL A 415 3.85 18.58 -9.11
C VAL A 415 2.74 17.52 -9.17
N MET A 416 1.47 17.91 -9.04
CA MET A 416 0.35 16.96 -9.11
C MET A 416 0.24 16.39 -10.54
N MET A 417 0.41 17.24 -11.56
CA MET A 417 0.37 16.88 -13.01
C MET A 417 1.57 15.99 -13.38
N THR A 418 2.78 16.31 -12.96
CA THR A 418 4.00 15.69 -13.56
C THR A 418 4.39 14.40 -12.84
N LEU A 419 4.05 14.25 -11.55
CA LEU A 419 4.41 13.06 -10.75
C LEU A 419 3.18 12.39 -10.13
N GLY A 420 1.97 12.78 -10.49
CA GLY A 420 0.73 12.15 -10.00
C GLY A 420 0.43 10.85 -10.71
N ASP A 421 -0.12 9.89 -9.97
CA ASP A 421 -0.76 8.67 -10.51
C ASP A 421 -1.95 8.41 -9.60
N ASP A 422 -2.50 7.20 -9.63
CA ASP A 422 -3.69 6.79 -8.83
C ASP A 422 -3.42 6.96 -7.33
N ARG A 423 -2.18 6.84 -6.88
CA ARG A 423 -1.89 6.92 -5.42
C ARG A 423 -2.15 8.33 -4.91
N SER A 424 -2.16 9.32 -5.78
CA SER A 424 -2.47 10.73 -5.41
C SER A 424 -3.96 10.89 -5.05
N ILE A 425 -4.83 9.97 -5.47
CA ILE A 425 -6.28 10.05 -5.19
C ILE A 425 -6.55 9.36 -3.86
N TYR A 426 -6.89 10.13 -2.82
CA TYR A 426 -7.19 9.68 -1.45
C TYR A 426 -8.66 9.30 -1.32
N ARG A 427 -9.58 10.10 -1.90
CA ARG A 427 -11.04 9.90 -1.78
C ARG A 427 -11.70 10.40 -3.04
N THR A 428 -12.81 9.77 -3.46
CA THR A 428 -13.63 10.21 -4.60
C THR A 428 -15.08 10.27 -4.13
N TYR A 429 -15.72 11.40 -4.41
CA TYR A 429 -17.12 11.68 -4.04
C TYR A 429 -17.90 11.75 -5.34
N VAL A 430 -19.00 10.99 -5.44
CA VAL A 430 -19.97 11.07 -6.56
C VAL A 430 -21.32 11.33 -5.92
N ASP A 431 -22.05 12.29 -6.46
CA ASP A 431 -23.45 12.61 -6.05
C ASP A 431 -23.43 12.92 -4.57
N GLY A 432 -22.37 13.57 -4.09
CA GLY A 432 -22.26 14.03 -2.68
C GLY A 432 -21.99 12.89 -1.70
N ARG A 433 -21.64 11.70 -2.17
CA ARG A 433 -21.40 10.49 -1.34
C ARG A 433 -19.99 9.97 -1.57
N LEU A 434 -19.34 9.48 -0.52
CA LEU A 434 -18.01 8.82 -0.59
C LEU A 434 -18.16 7.48 -1.29
N VAL A 435 -17.57 7.29 -2.47
CA VAL A 435 -17.74 6.03 -3.26
C VAL A 435 -16.38 5.35 -3.45
N TYR A 436 -15.29 5.93 -2.96
CA TYR A 436 -13.94 5.35 -3.09
C TYR A 436 -13.02 5.98 -2.03
N GLU A 437 -12.34 5.12 -1.26
CA GLU A 437 -11.18 5.43 -0.39
C GLU A 437 -9.98 4.59 -0.86
N ARG A 438 -8.79 5.19 -0.96
CA ARG A 438 -7.52 4.46 -1.13
C ARG A 438 -7.28 3.61 0.14
N ASN A 439 -6.93 2.33 0.02
CA ASN A 439 -6.34 1.54 1.17
C ASN A 439 -6.51 0.02 0.96
N HIS B 6 32.95 -18.92 2.02
CA HIS B 6 31.83 -18.20 2.69
C HIS B 6 30.51 -18.95 2.49
N THR B 7 29.49 -18.56 3.24
CA THR B 7 28.15 -19.23 3.26
C THR B 7 27.35 -18.93 1.99
N LEU B 8 26.45 -19.85 1.66
CA LEU B 8 25.63 -19.82 0.44
C LEU B 8 24.32 -19.11 0.74
N LYS B 9 23.76 -18.38 -0.22
CA LYS B 9 22.31 -17.99 -0.24
C LYS B 9 21.65 -18.67 -1.46
N ALA B 10 20.38 -19.00 -1.31
CA ALA B 10 19.59 -19.79 -2.26
C ALA B 10 18.30 -19.05 -2.60
N VAL B 11 18.12 -18.68 -3.86
CA VAL B 11 16.94 -17.89 -4.30
C VAL B 11 16.16 -18.68 -5.37
N ARG B 12 14.86 -18.77 -5.19
CA ARG B 12 13.95 -19.60 -6.02
C ARG B 12 12.83 -18.74 -6.60
N GLY B 13 12.51 -18.96 -7.86
CA GLY B 13 11.36 -18.31 -8.54
C GLY B 13 11.58 -18.33 -10.04
N SER B 14 10.95 -17.42 -10.78
CA SER B 14 11.05 -17.36 -12.25
C SER B 14 12.07 -16.32 -12.62
N PHE B 15 13.01 -16.64 -13.50
CA PHE B 15 14.12 -15.72 -13.84
C PHE B 15 14.05 -15.40 -15.33
N ILE B 16 14.43 -14.18 -15.69
CA ILE B 16 14.70 -13.79 -17.10
C ILE B 16 15.98 -12.96 -17.14
N ASP B 17 16.84 -13.28 -18.09
CA ASP B 17 18.07 -12.50 -18.40
C ASP B 17 18.42 -12.70 -19.87
N VAL B 18 19.28 -11.83 -20.37
CA VAL B 18 19.91 -11.94 -21.70
C VAL B 18 21.35 -12.42 -21.43
N THR B 19 21.74 -13.50 -22.10
CA THR B 19 22.90 -14.33 -21.74
C THR B 19 24.13 -13.83 -22.46
N ARG B 20 23.98 -12.96 -23.47
CA ARG B 20 25.15 -12.39 -24.18
C ARG B 20 24.76 -11.08 -24.85
N THR B 21 25.71 -10.17 -25.01
CA THR B 21 25.55 -8.95 -25.82
C THR B 21 25.36 -9.33 -27.29
N ILE B 22 24.69 -8.46 -28.05
CA ILE B 22 24.30 -8.76 -29.46
C ILE B 22 24.46 -7.50 -30.30
N ASP B 23 24.27 -7.63 -31.62
CA ASP B 23 24.62 -6.58 -32.62
C ASP B 23 23.37 -5.95 -33.26
N ASN B 24 22.29 -6.74 -33.37
CA ASN B 24 20.97 -6.35 -33.93
C ASN B 24 19.93 -6.55 -32.83
N PRO B 25 18.86 -5.74 -32.77
CA PRO B 25 17.75 -6.07 -31.87
C PRO B 25 17.09 -7.43 -32.17
N GLU B 26 17.04 -7.86 -33.44
CA GLU B 26 16.42 -9.16 -33.86
C GLU B 26 17.19 -10.35 -33.26
N GLU B 27 18.45 -10.16 -32.87
CA GLU B 27 19.27 -11.21 -32.21
C GLU B 27 18.97 -11.39 -30.71
N ILE B 28 18.22 -10.48 -30.06
CA ILE B 28 18.01 -10.53 -28.59
C ILE B 28 17.19 -11.76 -28.22
N ALA B 29 16.11 -12.03 -28.95
CA ALA B 29 15.23 -13.22 -28.73
C ALA B 29 16.09 -14.49 -28.54
N SER B 30 17.11 -14.67 -29.36
CA SER B 30 18.01 -15.85 -29.31
C SER B 30 18.80 -15.87 -28.00
N ALA B 31 19.10 -14.73 -27.39
CA ALA B 31 19.94 -14.63 -26.18
C ALA B 31 19.08 -14.56 -24.91
N LEU B 32 17.75 -14.58 -25.07
CA LEU B 32 16.85 -14.35 -23.91
C LEU B 32 16.58 -15.69 -23.25
N ARG B 33 16.72 -15.78 -21.94
CA ARG B 33 16.58 -17.02 -21.15
C ARG B 33 15.49 -16.81 -20.11
N PHE B 34 14.50 -17.69 -20.10
CA PHE B 34 13.38 -17.71 -19.12
C PHE B 34 13.42 -19.08 -18.41
N ILE B 35 13.54 -19.07 -17.09
CA ILE B 35 13.45 -20.29 -16.28
C ILE B 35 12.31 -20.10 -15.29
N GLU B 36 11.20 -20.79 -15.49
CA GLU B 36 9.97 -20.65 -14.67
C GLU B 36 10.23 -21.08 -13.23
N ASP B 37 10.92 -22.19 -13.10
CA ASP B 37 11.25 -22.84 -11.81
C ASP B 37 12.77 -22.86 -11.68
N GLY B 38 13.36 -21.68 -11.45
CA GLY B 38 14.82 -21.47 -11.36
C GLY B 38 15.33 -21.52 -9.93
N LEU B 39 16.64 -21.73 -9.79
CA LEU B 39 17.39 -21.58 -8.53
C LEU B 39 18.63 -20.72 -8.81
N LEU B 40 18.84 -19.67 -8.04
CA LEU B 40 20.09 -18.85 -8.06
C LEU B 40 20.80 -19.06 -6.74
N LEU B 41 22.05 -19.51 -6.80
CA LEU B 41 22.92 -19.70 -5.62
C LEU B 41 23.95 -18.56 -5.62
N ILE B 42 24.11 -17.93 -4.46
CA ILE B 42 24.99 -16.74 -4.29
C ILE B 42 26.08 -17.09 -3.29
N LYS B 43 27.33 -16.78 -3.63
CA LYS B 43 28.50 -16.91 -2.72
C LYS B 43 29.37 -15.68 -2.96
N GLN B 44 29.76 -14.98 -1.90
CA GLN B 44 30.64 -13.80 -1.92
C GLN B 44 30.13 -12.75 -2.91
N GLY B 45 28.84 -12.43 -2.87
CA GLY B 45 28.23 -11.38 -3.72
C GLY B 45 28.28 -11.71 -5.22
N LYS B 46 28.45 -12.98 -5.58
CA LYS B 46 28.50 -13.39 -7.00
C LYS B 46 27.61 -14.60 -7.24
N VAL B 47 27.30 -14.82 -8.52
CA VAL B 47 26.51 -15.99 -8.97
C VAL B 47 27.41 -17.24 -8.92
N GLU B 48 27.11 -18.13 -8.00
CA GLU B 48 27.83 -19.41 -7.77
C GLU B 48 27.27 -20.43 -8.76
N TRP B 49 25.95 -20.52 -8.86
CA TRP B 49 25.26 -21.48 -9.74
C TRP B 49 23.91 -20.88 -10.17
N PHE B 50 23.50 -21.16 -11.41
CA PHE B 50 22.18 -20.71 -11.88
C PHE B 50 21.61 -21.75 -12.83
N GLY B 51 20.32 -22.05 -12.74
CA GLY B 51 19.61 -22.92 -13.70
C GLY B 51 18.36 -23.46 -13.08
N GLU B 52 17.86 -24.59 -13.59
CA GLU B 52 16.60 -25.25 -13.17
C GLU B 52 16.70 -25.70 -11.71
N TRP B 53 15.63 -25.48 -10.94
CA TRP B 53 15.51 -25.91 -9.52
C TRP B 53 15.92 -27.39 -9.37
N GLU B 54 15.33 -28.30 -10.17
CA GLU B 54 15.58 -29.76 -10.05
C GLU B 54 17.05 -30.11 -10.37
N ASN B 55 17.73 -29.33 -11.22
CA ASN B 55 19.15 -29.54 -11.62
C ASN B 55 20.10 -29.07 -10.51
N GLY B 56 19.68 -28.15 -9.60
CA GLY B 56 20.61 -27.44 -8.69
C GLY B 56 20.33 -27.63 -7.22
N LYS B 57 19.09 -27.95 -6.83
CA LYS B 57 18.62 -27.88 -5.43
C LYS B 57 19.45 -28.79 -4.51
N HIS B 58 20.04 -29.86 -5.04
CA HIS B 58 20.89 -30.80 -4.27
C HIS B 58 22.09 -30.07 -3.65
N GLN B 59 22.55 -28.97 -4.25
CA GLN B 59 23.68 -28.15 -3.74
C GLN B 59 23.26 -27.32 -2.53
N ILE B 60 21.99 -27.29 -2.17
CA ILE B 60 21.49 -26.41 -1.06
C ILE B 60 21.75 -27.15 0.25
N PRO B 61 22.69 -26.67 1.08
CA PRO B 61 22.91 -27.29 2.39
C PRO B 61 21.72 -27.02 3.32
N ASP B 62 21.48 -27.91 4.29
CA ASP B 62 20.26 -27.83 5.16
C ASP B 62 20.42 -26.70 6.18
N THR B 63 21.60 -26.10 6.29
CA THR B 63 21.88 -25.01 7.26
C THR B 63 21.23 -23.69 6.80
N ILE B 64 20.72 -23.59 5.56
CA ILE B 64 20.16 -22.31 5.01
C ILE B 64 18.73 -22.50 4.51
N ARG B 65 17.90 -21.46 4.71
CA ARG B 65 16.51 -21.33 4.22
C ARG B 65 16.55 -20.79 2.78
N VAL B 66 15.80 -21.41 1.87
CA VAL B 66 15.55 -20.90 0.50
C VAL B 66 14.68 -19.66 0.62
N ARG B 67 15.08 -18.59 -0.06
CA ARG B 67 14.26 -17.36 -0.23
C ARG B 67 13.28 -17.61 -1.38
N ASP B 68 12.02 -17.85 -1.05
CA ASP B 68 11.04 -18.44 -2.01
C ASP B 68 10.24 -17.27 -2.61
N TYR B 69 10.50 -16.94 -3.89
CA TYR B 69 9.83 -15.82 -4.61
C TYR B 69 9.00 -16.39 -5.75
N ARG B 70 8.53 -17.63 -5.65
CA ARG B 70 7.56 -18.20 -6.63
C ARG B 70 6.34 -17.29 -6.75
N GLY B 71 5.92 -16.99 -7.96
CA GLY B 71 4.86 -16.01 -8.25
C GLY B 71 5.45 -14.68 -8.68
N LYS B 72 6.74 -14.44 -8.41
CA LYS B 72 7.43 -13.21 -8.80
C LYS B 72 8.35 -13.49 -9.97
N LEU B 73 8.73 -12.43 -10.68
CA LEU B 73 9.76 -12.49 -11.73
C LEU B 73 11.06 -11.87 -11.21
N ILE B 74 12.21 -12.54 -11.41
CA ILE B 74 13.53 -12.08 -10.90
C ILE B 74 14.37 -11.70 -12.12
N VAL B 75 14.86 -10.47 -12.15
CA VAL B 75 15.62 -9.92 -13.29
C VAL B 75 16.92 -9.32 -12.76
N PRO B 76 17.92 -9.10 -13.61
CA PRO B 76 19.14 -8.41 -13.20
C PRO B 76 18.80 -6.95 -12.90
N GLY B 77 19.58 -6.34 -12.01
CA GLY B 77 19.35 -4.96 -11.58
C GLY B 77 19.44 -4.02 -12.76
N PHE B 78 18.58 -3.02 -12.77
CA PHE B 78 18.48 -2.02 -13.86
C PHE B 78 19.69 -1.09 -13.79
N VAL B 79 20.11 -0.65 -14.98
CA VAL B 79 21.28 0.24 -15.18
C VAL B 79 20.77 1.57 -15.71
N ASP B 80 20.95 2.63 -14.92
CA ASP B 80 20.57 4.03 -15.23
C ASP B 80 21.84 4.77 -15.62
N THR B 81 22.03 5.09 -16.89
CA THR B 81 23.33 5.57 -17.45
C THR B 81 23.43 7.11 -17.46
N HIS B 82 22.40 7.83 -17.01
CA HIS B 82 22.48 9.30 -16.81
C HIS B 82 21.44 9.76 -15.79
N ILE B 83 21.90 10.16 -14.62
CA ILE B 83 21.05 10.72 -13.53
C ILE B 83 21.87 11.72 -12.70
N HIS B 84 21.23 12.79 -12.26
CA HIS B 84 21.79 13.88 -11.44
C HIS B 84 21.33 13.66 -10.01
N TYR B 85 22.28 13.42 -9.11
CA TYR B 85 21.95 13.21 -7.67
C TYR B 85 21.37 14.47 -7.03
N PRO B 86 21.91 15.67 -7.31
CA PRO B 86 21.50 16.84 -6.55
C PRO B 86 20.33 17.61 -7.14
N GLN B 87 19.37 16.92 -7.80
CA GLN B 87 18.28 17.58 -8.53
C GLN B 87 16.90 16.96 -8.23
N SER B 88 16.79 16.06 -7.24
CA SER B 88 15.55 15.33 -6.93
C SER B 88 14.37 16.30 -6.72
N GLU B 89 14.56 17.42 -6.02
CA GLU B 89 13.46 18.33 -5.54
C GLU B 89 13.13 19.41 -6.58
N MET B 90 13.69 19.37 -7.77
CA MET B 90 13.59 20.42 -8.83
C MET B 90 12.16 20.50 -9.39
N VAL B 91 11.57 21.70 -9.42
CA VAL B 91 10.19 21.96 -9.94
C VAL B 91 10.25 23.04 -11.04
N GLY B 92 9.87 22.75 -12.29
CA GLY B 92 9.72 23.79 -13.33
C GLY B 92 9.07 23.32 -14.60
N GLN B 97 11.35 28.40 -23.70
CA GLN B 97 11.94 28.86 -24.99
C GLN B 97 13.44 29.17 -24.86
N LEU B 98 14.14 28.77 -23.77
CA LEU B 98 15.65 28.89 -23.69
C LEU B 98 16.28 28.07 -22.56
N LEU B 99 17.47 27.47 -22.80
CA LEU B 99 18.39 26.82 -21.81
C LEU B 99 18.57 27.66 -20.52
N GLU B 100 17.81 28.74 -20.29
CA GLU B 100 17.65 29.44 -18.96
C GLU B 100 16.65 28.63 -18.08
N TRP B 101 16.38 27.41 -18.51
CA TRP B 101 15.99 26.31 -17.59
C TRP B 101 17.13 26.12 -16.56
N LEU B 102 18.39 26.10 -17.03
CA LEU B 102 19.60 25.95 -16.18
C LEU B 102 19.60 27.02 -15.10
N ASN B 103 19.40 28.29 -15.48
CA ASN B 103 19.49 29.45 -14.55
C ASN B 103 18.30 29.48 -13.59
N LYS B 104 17.09 29.10 -14.02
CA LYS B 104 15.86 29.26 -13.16
C LYS B 104 15.70 28.08 -12.22
N HIS B 105 16.10 26.86 -12.64
CA HIS B 105 15.72 25.59 -11.98
C HIS B 105 16.96 24.77 -11.55
N THR B 106 17.81 24.39 -12.48
CA THR B 106 18.93 23.46 -12.22
C THR B 106 19.90 24.09 -11.20
N PHE B 107 20.46 25.25 -11.51
CA PHE B 107 21.54 25.91 -10.73
C PHE B 107 21.08 26.23 -9.32
N PRO B 108 19.92 26.90 -9.13
CA PRO B 108 19.45 27.20 -7.78
C PRO B 108 19.23 25.91 -6.97
N THR B 109 18.69 24.85 -7.58
CA THR B 109 18.40 23.57 -6.89
C THR B 109 19.74 22.96 -6.45
N GLU B 110 20.72 22.89 -7.34
CA GLU B 110 22.06 22.27 -7.05
C GLU B 110 22.74 23.05 -5.92
N ARG B 111 22.48 24.35 -5.83
CA ARG B 111 23.10 25.25 -4.81
C ARG B 111 22.85 24.74 -3.39
N ARG B 112 21.71 24.11 -3.14
CA ARG B 112 21.35 23.65 -1.77
C ARG B 112 22.36 22.59 -1.28
N TYR B 113 23.06 21.91 -2.21
CA TYR B 113 23.94 20.76 -1.92
C TYR B 113 25.32 21.26 -1.50
N GLU B 114 25.48 22.57 -1.33
CA GLU B 114 26.67 23.17 -0.65
C GLU B 114 26.59 22.84 0.85
N ASP B 115 25.40 22.78 1.46
CA ASP B 115 25.26 22.28 2.85
C ASP B 115 25.63 20.78 2.88
N LEU B 116 26.71 20.40 3.57
CA LEU B 116 27.15 19.00 3.69
C LEU B 116 26.07 18.14 4.36
N GLU B 117 25.35 18.66 5.35
CA GLU B 117 24.35 17.87 6.12
C GLU B 117 23.11 17.60 5.24
N TYR B 118 22.71 18.59 4.43
CA TYR B 118 21.70 18.44 3.36
C TYR B 118 22.15 17.38 2.34
N ALA B 119 23.39 17.48 1.87
CA ALA B 119 23.95 16.55 0.87
C ALA B 119 23.93 15.11 1.43
N ARG B 120 24.17 14.95 2.74
CA ARG B 120 24.17 13.61 3.38
C ARG B 120 22.74 13.04 3.43
N GLU B 121 21.79 13.86 3.84
CA GLU B 121 20.35 13.53 3.93
C GLU B 121 19.86 13.13 2.53
N MET B 122 20.19 13.93 1.51
CA MET B 122 19.77 13.71 0.09
C MET B 122 20.57 12.56 -0.57
N SER B 123 21.80 12.30 -0.19
CA SER B 123 22.52 11.06 -0.60
C SER B 123 21.73 9.82 -0.16
N ALA B 124 21.27 9.77 1.09
CA ALA B 124 20.48 8.63 1.62
C ALA B 124 19.16 8.50 0.83
N PHE B 125 18.47 9.63 0.61
CA PHE B 125 17.22 9.68 -0.17
C PHE B 125 17.48 9.22 -1.60
N PHE B 126 18.58 9.65 -2.21
CA PHE B 126 18.89 9.35 -3.62
C PHE B 126 19.09 7.82 -3.76
N ILE B 127 19.88 7.22 -2.86
CA ILE B 127 20.20 5.77 -2.96
C ILE B 127 18.91 4.97 -2.73
N LYS B 128 18.10 5.40 -1.75
CA LYS B 128 16.82 4.73 -1.43
C LYS B 128 15.95 4.72 -2.71
N GLN B 129 15.93 5.82 -3.45
CA GLN B 129 15.04 5.98 -4.63
C GLN B 129 15.49 5.03 -5.76
N LEU B 130 16.80 4.90 -5.98
CA LEU B 130 17.31 3.92 -6.94
C LEU B 130 16.85 2.50 -6.56
N LEU B 131 17.09 2.07 -5.30
CA LEU B 131 16.84 0.67 -4.85
C LEU B 131 15.32 0.38 -4.94
N ARG B 132 14.53 1.30 -4.47
CA ARG B 132 13.06 1.22 -4.47
C ARG B 132 12.54 1.05 -5.89
N ASN B 133 13.31 1.46 -6.90
CA ASN B 133 12.92 1.40 -8.33
C ASN B 133 13.69 0.29 -9.07
N GLY B 134 14.51 -0.50 -8.38
CA GLY B 134 15.22 -1.65 -8.93
C GLY B 134 16.44 -1.22 -9.70
N THR B 135 16.91 0.03 -9.57
CA THR B 135 18.21 0.41 -10.15
C THR B 135 19.34 0.02 -9.18
N THR B 136 20.24 -0.86 -9.60
CA THR B 136 21.39 -1.30 -8.76
C THR B 136 22.72 -0.65 -9.22
N THR B 137 22.80 -0.14 -10.44
CA THR B 137 23.94 0.60 -10.98
C THR B 137 23.49 1.84 -11.77
N ALA B 138 24.15 2.96 -11.52
CA ALA B 138 23.83 4.28 -12.12
C ALA B 138 25.14 5.03 -12.36
N LEU B 139 25.15 5.76 -13.45
CA LEU B 139 26.26 6.70 -13.79
C LEU B 139 25.74 8.07 -13.40
N VAL B 140 26.33 8.66 -12.36
CA VAL B 140 25.68 9.78 -11.62
C VAL B 140 26.47 11.07 -11.77
N PHE B 141 25.77 12.11 -12.23
CA PHE B 141 26.22 13.51 -12.06
C PHE B 141 26.17 13.92 -10.61
N GLY B 142 27.32 14.26 -10.05
CA GLY B 142 27.34 14.79 -8.68
C GLY B 142 27.09 16.27 -8.62
N THR B 143 27.73 16.93 -7.67
CA THR B 143 27.69 18.40 -7.46
C THR B 143 29.01 18.96 -7.95
N VAL B 144 29.09 20.28 -8.14
CA VAL B 144 30.37 21.05 -8.28
C VAL B 144 31.16 20.90 -6.96
N HIS B 145 30.48 20.85 -5.81
CA HIS B 145 31.08 20.71 -4.45
C HIS B 145 31.58 19.29 -4.22
N PRO B 146 32.89 19.08 -3.94
CA PRO B 146 33.44 17.75 -3.73
C PRO B 146 32.99 17.05 -2.44
N GLN B 147 32.68 17.79 -1.37
CA GLN B 147 32.20 17.17 -0.10
C GLN B 147 30.84 16.48 -0.34
N SER B 148 30.08 16.94 -1.34
CA SER B 148 28.74 16.36 -1.64
C SER B 148 28.87 15.12 -2.51
N VAL B 149 29.96 14.97 -3.25
CA VAL B 149 30.27 13.73 -4.02
C VAL B 149 30.74 12.67 -3.04
N ASP B 150 31.49 13.07 -1.99
CA ASP B 150 31.91 12.17 -0.89
C ASP B 150 30.67 11.63 -0.18
N ALA B 151 29.72 12.49 0.14
CA ALA B 151 28.41 12.10 0.75
C ALA B 151 27.77 10.99 -0.11
N LEU B 152 27.71 11.21 -1.43
CA LEU B 152 27.07 10.28 -2.39
C LEU B 152 27.81 8.94 -2.40
N PHE B 153 29.12 8.96 -2.61
CA PHE B 153 30.01 7.77 -2.55
C PHE B 153 29.90 7.08 -1.19
N GLU B 154 29.90 7.82 -0.09
CA GLU B 154 29.74 7.25 1.27
C GLU B 154 28.48 6.40 1.30
N ALA B 155 27.36 6.94 0.84
CA ALA B 155 26.05 6.27 0.91
C ALA B 155 26.12 5.00 0.07
N ALA B 156 26.60 5.08 -1.16
CA ALA B 156 26.70 3.93 -2.10
C ALA B 156 27.64 2.88 -1.51
N SER B 157 28.74 3.33 -0.91
CA SER B 157 29.78 2.46 -0.31
C SER B 157 29.18 1.61 0.80
N HIS B 158 28.26 2.15 1.58
CA HIS B 158 27.75 1.43 2.77
C HIS B 158 27.11 0.10 2.34
N ILE B 159 26.51 -0.01 1.15
CA ILE B 159 25.80 -1.26 0.70
C ILE B 159 26.62 -1.95 -0.39
N ASN B 160 27.84 -1.47 -0.62
CA ASN B 160 28.81 -1.94 -1.66
C ASN B 160 28.14 -1.98 -3.04
N MET B 161 27.52 -0.87 -3.43
CA MET B 161 26.85 -0.66 -4.74
C MET B 161 27.91 -0.50 -5.82
N ARG B 162 27.72 -1.07 -7.00
CA ARG B 162 28.50 -0.65 -8.17
C ARG B 162 27.89 0.63 -8.74
N MET B 163 28.53 1.76 -8.47
CA MET B 163 28.05 3.12 -8.84
C MET B 163 29.23 3.86 -9.45
N ILE B 164 28.96 4.57 -10.54
CA ILE B 164 29.92 5.48 -11.21
C ILE B 164 29.42 6.91 -10.97
N ALA B 165 30.27 7.76 -10.37
CA ALA B 165 29.94 9.17 -10.10
C ALA B 165 31.19 10.06 -10.19
N GLY B 166 30.99 11.36 -10.26
CA GLY B 166 32.10 12.33 -10.29
C GLY B 166 31.63 13.71 -9.88
N LYS B 167 32.60 14.53 -9.49
CA LYS B 167 32.42 15.98 -9.26
C LYS B 167 32.17 16.64 -10.62
N VAL B 168 31.17 17.50 -10.66
CA VAL B 168 30.89 18.33 -11.85
C VAL B 168 31.98 19.39 -11.96
N MET B 169 32.58 19.51 -13.12
CA MET B 169 33.54 20.60 -13.45
C MET B 169 32.79 21.67 -14.26
N MET B 170 32.89 22.91 -13.79
CA MET B 170 32.09 24.07 -14.25
C MET B 170 32.79 25.36 -13.79
N ASP B 171 33.56 26.03 -14.65
CA ASP B 171 34.32 27.23 -14.25
C ASP B 171 33.72 28.51 -14.87
N ARG B 172 32.66 28.43 -15.69
CA ARG B 172 32.13 29.65 -16.34
C ARG B 172 30.66 29.52 -16.77
N ASN B 173 30.11 30.64 -17.22
CA ASN B 173 28.77 30.80 -17.83
C ASN B 173 27.72 30.14 -16.92
N ALA B 174 27.82 30.38 -15.62
CA ALA B 174 26.83 29.94 -14.62
C ALA B 174 27.00 30.77 -13.36
N PRO B 175 26.01 30.75 -12.45
CA PRO B 175 26.10 31.59 -11.27
C PRO B 175 27.36 31.35 -10.44
N ASP B 176 27.85 32.44 -9.83
CA ASP B 176 29.09 32.48 -9.05
C ASP B 176 29.01 31.43 -7.93
N TYR B 177 27.87 31.30 -7.26
CA TYR B 177 27.66 30.34 -6.15
C TYR B 177 27.94 28.88 -6.58
N LEU B 178 28.04 28.60 -7.88
CA LEU B 178 28.22 27.23 -8.41
C LEU B 178 29.46 27.11 -9.31
N LEU B 179 30.33 28.12 -9.41
CA LEU B 179 31.55 28.01 -10.25
C LEU B 179 32.68 27.34 -9.46
N ASP B 180 33.47 26.48 -10.10
CA ASP B 180 34.81 26.08 -9.60
C ASP B 180 35.83 26.90 -10.43
N THR B 181 37.13 26.54 -10.38
CA THR B 181 38.16 27.06 -11.32
C THR B 181 38.78 25.86 -12.04
N ALA B 182 39.42 26.06 -13.17
CA ALA B 182 40.20 25.00 -13.88
C ALA B 182 41.06 24.25 -12.86
N GLU B 183 41.85 24.98 -12.04
CA GLU B 183 42.82 24.36 -11.11
C GLU B 183 42.11 23.63 -9.98
N SER B 184 41.16 24.27 -9.29
CA SER B 184 40.43 23.62 -8.17
C SER B 184 39.73 22.37 -8.74
N SER B 185 39.23 22.43 -9.98
CA SER B 185 38.48 21.32 -10.62
C SER B 185 39.44 20.12 -10.83
N TYR B 186 40.70 20.39 -11.18
CA TYR B 186 41.77 19.36 -11.28
C TYR B 186 41.99 18.67 -9.93
N HIS B 187 42.32 19.44 -8.89
CA HIS B 187 42.76 18.91 -7.58
C HIS B 187 41.59 18.18 -6.89
N GLN B 188 40.42 18.78 -6.91
CA GLN B 188 39.18 18.19 -6.29
C GLN B 188 38.87 16.83 -6.92
N SER B 189 38.89 16.75 -8.24
CA SER B 189 38.58 15.51 -9.02
C SER B 189 39.63 14.44 -8.71
N LYS B 190 40.91 14.84 -8.71
CA LYS B 190 42.08 13.95 -8.43
C LYS B 190 41.91 13.33 -7.04
N GLU B 191 41.54 14.15 -6.07
CA GLU B 191 41.44 13.72 -4.66
C GLU B 191 40.30 12.71 -4.53
N LEU B 192 39.17 12.98 -5.21
CA LEU B 192 38.01 12.06 -5.21
C LEU B 192 38.41 10.79 -5.95
N ILE B 193 39.09 10.91 -7.10
CA ILE B 193 39.57 9.72 -7.85
C ILE B 193 40.37 8.84 -6.88
N GLU B 194 41.27 9.44 -6.10
CA GLU B 194 42.18 8.71 -5.20
C GLU B 194 41.36 8.03 -4.10
N ARG B 195 40.36 8.70 -3.56
CA ARG B 195 39.57 8.18 -2.39
C ARG B 195 38.59 7.09 -2.86
N TRP B 196 38.05 7.18 -4.08
CA TRP B 196 36.81 6.45 -4.45
C TRP B 196 36.98 5.54 -5.65
N HIS B 197 37.76 5.90 -6.67
CA HIS B 197 37.90 5.06 -7.87
C HIS B 197 38.43 3.67 -7.51
N LYS B 198 37.68 2.62 -7.87
CA LYS B 198 37.99 1.20 -7.57
C LYS B 198 38.11 0.99 -6.06
N ASN B 199 37.42 1.83 -5.28
CA ASN B 199 37.13 1.62 -3.84
C ASN B 199 35.94 0.68 -3.74
N GLY B 200 36.15 -0.59 -3.40
CA GLY B 200 35.11 -1.63 -3.57
C GLY B 200 34.64 -1.67 -5.00
N ARG B 201 33.32 -1.55 -5.22
CA ARG B 201 32.72 -1.62 -6.57
C ARG B 201 32.47 -0.18 -7.09
N LEU B 202 32.93 0.84 -6.38
CA LEU B 202 32.79 2.26 -6.82
C LEU B 202 33.77 2.57 -7.96
N LEU B 203 33.37 3.51 -8.83
CA LEU B 203 34.12 3.96 -10.03
C LEU B 203 33.92 5.46 -10.21
N TYR B 204 34.96 6.16 -10.64
CA TYR B 204 34.95 7.63 -10.84
C TYR B 204 34.74 7.95 -12.32
N ALA B 205 33.98 9.00 -12.58
CA ALA B 205 33.84 9.53 -13.93
C ALA B 205 34.29 10.99 -13.91
N ILE B 206 35.14 11.36 -14.85
CA ILE B 206 35.51 12.78 -15.08
C ILE B 206 34.29 13.45 -15.70
N THR B 207 33.72 14.45 -15.03
CA THR B 207 32.36 14.98 -15.29
C THR B 207 32.43 16.49 -15.49
N PRO B 208 32.91 16.96 -16.66
CA PRO B 208 32.65 18.33 -17.07
C PRO B 208 31.15 18.45 -17.40
N ARG B 209 30.46 19.41 -16.77
CA ARG B 209 29.01 19.52 -16.99
C ARG B 209 28.74 19.42 -18.48
N PHE B 210 29.41 20.28 -19.26
CA PHE B 210 29.40 20.35 -20.74
C PHE B 210 30.16 21.59 -21.21
N ALA B 211 30.48 21.60 -22.52
CA ALA B 211 31.33 22.59 -23.21
C ALA B 211 30.98 24.01 -22.80
N PRO B 212 29.72 24.45 -22.81
CA PRO B 212 29.41 25.84 -22.49
C PRO B 212 29.99 26.31 -21.16
N THR B 213 30.04 25.45 -20.12
CA THR B 213 30.36 25.86 -18.72
C THR B 213 31.80 25.47 -18.32
N SER B 214 32.62 25.04 -19.29
CA SER B 214 34.05 24.69 -19.09
C SER B 214 34.93 25.50 -20.05
N SER B 215 35.74 26.41 -19.48
CA SER B 215 36.83 27.16 -20.17
C SER B 215 37.77 26.18 -20.87
N PRO B 216 38.48 26.60 -21.95
CA PRO B 216 39.57 25.81 -22.51
C PRO B 216 40.52 25.28 -21.41
N GLU B 217 40.82 26.10 -20.41
CA GLU B 217 41.73 25.71 -19.31
C GLU B 217 41.09 24.54 -18.56
N GLN B 218 39.76 24.53 -18.36
CA GLN B 218 39.13 23.44 -17.56
C GLN B 218 39.06 22.16 -18.40
N MET B 219 38.68 22.29 -19.68
CA MET B 219 38.71 21.16 -20.65
C MET B 219 40.11 20.54 -20.66
N ALA B 220 41.15 21.37 -20.60
CA ALA B 220 42.57 20.95 -20.56
C ALA B 220 42.83 20.12 -19.31
N MET B 221 42.24 20.50 -18.16
CA MET B 221 42.35 19.71 -16.90
C MET B 221 41.61 18.37 -17.07
N ALA B 222 40.39 18.37 -17.62
CA ALA B 222 39.61 17.12 -17.81
C ALA B 222 40.44 16.12 -18.63
N GLN B 223 41.05 16.59 -19.72
CA GLN B 223 41.97 15.83 -20.62
C GLN B 223 43.13 15.25 -19.82
N ARG B 224 43.68 16.07 -18.91
CA ARG B 224 44.85 15.73 -18.07
C ARG B 224 44.45 14.57 -17.16
N LEU B 225 43.30 14.70 -16.50
CA LEU B 225 42.82 13.67 -15.54
C LEU B 225 42.63 12.34 -16.29
N LYS B 226 42.08 12.35 -17.50
CA LYS B 226 41.82 11.11 -18.28
C LYS B 226 43.16 10.45 -18.63
N GLU B 227 44.17 11.26 -18.98
CA GLU B 227 45.55 10.80 -19.31
C GLU B 227 46.18 10.19 -18.07
N GLU B 228 46.10 10.86 -16.93
CA GLU B 228 46.66 10.40 -15.63
C GLU B 228 45.89 9.20 -15.10
N TYR B 229 44.60 9.06 -15.38
CA TYR B 229 43.75 7.98 -14.84
C TYR B 229 43.00 7.31 -15.98
N PRO B 230 43.70 6.49 -16.79
CA PRO B 230 43.15 5.97 -18.03
C PRO B 230 41.88 5.11 -17.84
N ASP B 231 41.70 4.49 -16.68
CA ASP B 231 40.57 3.55 -16.46
C ASP B 231 39.50 4.22 -15.59
N THR B 232 39.46 5.56 -15.52
CA THR B 232 38.27 6.29 -15.02
C THR B 232 37.28 6.44 -16.16
N TRP B 233 36.04 6.79 -15.84
CA TRP B 233 34.98 7.01 -16.86
C TRP B 233 35.02 8.50 -17.25
N VAL B 234 34.46 8.82 -18.41
CA VAL B 234 34.15 10.23 -18.79
C VAL B 234 32.63 10.33 -18.97
N HIS B 235 32.04 11.41 -18.49
CA HIS B 235 30.57 11.60 -18.45
C HIS B 235 30.26 13.07 -18.70
N THR B 236 29.65 13.41 -19.82
CA THR B 236 29.20 14.80 -20.10
C THR B 236 27.91 14.77 -20.92
N HIS B 237 27.35 15.95 -21.22
CA HIS B 237 26.17 16.15 -22.10
C HIS B 237 26.65 16.43 -23.52
N LEU B 238 25.86 16.06 -24.52
CA LEU B 238 26.18 16.25 -25.94
C LEU B 238 24.90 16.41 -26.77
N CYS B 239 24.71 17.57 -27.40
CA CYS B 239 23.71 17.82 -28.47
C CYS B 239 22.30 17.45 -27.99
N GLU B 240 21.86 18.04 -26.89
CA GLU B 240 20.50 17.80 -26.36
C GLU B 240 19.52 18.70 -27.14
N ASN B 241 19.90 19.93 -27.43
CA ASN B 241 18.95 20.89 -28.05
C ASN B 241 19.71 21.88 -28.93
N LYS B 242 19.02 22.46 -29.92
CA LYS B 242 19.67 23.22 -31.01
C LYS B 242 20.34 24.48 -30.43
N ASP B 243 19.75 25.14 -29.41
CA ASP B 243 20.33 26.36 -28.76
C ASP B 243 21.68 26.06 -28.12
N GLU B 244 21.73 24.98 -27.33
CA GLU B 244 22.94 24.44 -26.66
C GLU B 244 24.02 24.25 -27.73
N ILE B 245 23.70 23.64 -28.87
CA ILE B 245 24.68 23.36 -29.95
C ILE B 245 25.23 24.67 -30.52
N ALA B 246 24.34 25.64 -30.79
CA ALA B 246 24.68 26.98 -31.32
C ALA B 246 25.57 27.73 -30.33
N TRP B 247 25.22 27.66 -29.03
CA TRP B 247 26.00 28.27 -27.93
C TRP B 247 27.42 27.70 -27.93
N VAL B 248 27.54 26.38 -28.04
CA VAL B 248 28.84 25.65 -28.06
C VAL B 248 29.66 26.07 -29.28
N LYS B 249 29.02 26.25 -30.44
CA LYS B 249 29.69 26.64 -31.70
C LYS B 249 30.21 28.09 -31.58
N SER B 250 29.43 28.97 -30.92
CA SER B 250 29.79 30.38 -30.64
C SER B 250 30.95 30.47 -29.64
N LEU B 251 31.14 29.49 -28.74
CA LEU B 251 32.18 29.55 -27.68
C LEU B 251 33.44 28.79 -28.14
N TYR B 252 33.28 27.81 -29.01
CA TYR B 252 34.39 26.97 -29.54
C TYR B 252 34.33 27.02 -31.06
N PRO B 253 34.44 28.23 -31.67
CA PRO B 253 34.27 28.38 -33.13
C PRO B 253 35.38 27.75 -33.98
N ASP B 254 36.53 27.42 -33.39
CA ASP B 254 37.68 26.83 -34.13
C ASP B 254 37.60 25.30 -34.12
N HIS B 255 36.60 24.72 -33.46
CA HIS B 255 36.37 23.24 -33.40
C HIS B 255 35.32 22.87 -34.45
N ASP B 256 35.31 21.62 -34.86
CA ASP B 256 34.43 21.14 -35.94
C ASP B 256 33.08 20.68 -35.37
N GLY B 257 32.39 21.56 -34.65
CA GLY B 257 31.14 21.24 -33.94
C GLY B 257 31.34 20.76 -32.51
N TYR B 258 30.23 20.43 -31.84
CA TYR B 258 30.11 20.16 -30.39
C TYR B 258 30.97 18.95 -29.96
N LEU B 259 30.76 17.80 -30.60
CA LEU B 259 31.50 16.55 -30.25
C LEU B 259 32.99 16.78 -30.49
N ASP B 260 33.37 17.58 -31.49
CA ASP B 260 34.80 17.81 -31.83
C ASP B 260 35.50 18.46 -30.64
N VAL B 261 34.81 19.37 -29.93
CA VAL B 261 35.30 19.96 -28.66
C VAL B 261 35.76 18.84 -27.73
N TYR B 262 34.90 17.90 -27.37
CA TYR B 262 35.25 16.81 -26.43
C TYR B 262 36.32 15.92 -27.05
N HIS B 263 36.24 15.65 -28.36
CA HIS B 263 37.16 14.72 -29.05
C HIS B 263 38.59 15.29 -29.05
N GLN B 264 38.73 16.57 -29.39
CA GLN B 264 40.06 17.23 -29.46
C GLN B 264 40.69 17.32 -28.07
N TYR B 265 39.88 17.32 -26.99
CA TYR B 265 40.35 17.35 -25.57
C TYR B 265 40.52 15.93 -25.00
N GLY B 266 40.47 14.91 -25.86
CA GLY B 266 40.73 13.51 -25.48
C GLY B 266 39.70 12.96 -24.50
N LEU B 267 38.42 13.26 -24.71
CA LEU B 267 37.32 12.82 -23.80
C LEU B 267 36.37 11.85 -24.53
N THR B 268 36.70 11.39 -25.75
CA THR B 268 36.01 10.29 -26.47
C THR B 268 36.74 8.96 -26.22
N GLY B 269 36.08 7.82 -26.45
CA GLY B 269 36.68 6.46 -26.33
C GLY B 269 35.87 5.51 -25.45
N LYS B 270 36.40 4.30 -25.18
CA LYS B 270 35.82 3.32 -24.23
C LYS B 270 35.53 4.05 -22.90
N ASN B 271 34.31 3.86 -22.39
CA ASN B 271 33.84 4.36 -21.08
C ASN B 271 33.73 5.88 -21.12
N CYS B 272 33.37 6.45 -22.27
CA CYS B 272 33.03 7.87 -22.47
C CYS B 272 31.53 7.97 -22.84
N VAL B 273 30.72 8.49 -21.91
CA VAL B 273 29.25 8.46 -21.99
C VAL B 273 28.76 9.87 -22.27
N PHE B 274 28.06 10.05 -23.39
CA PHE B 274 27.47 11.34 -23.82
C PHE B 274 25.95 11.25 -23.65
N ALA B 275 25.38 12.10 -22.79
CA ALA B 275 23.93 12.10 -22.50
C ALA B 275 23.21 12.81 -23.63
N HIS B 276 22.06 12.25 -24.03
CA HIS B 276 21.02 12.85 -24.92
C HIS B 276 21.33 12.51 -26.37
N CYS B 277 22.34 13.15 -26.97
CA CYS B 277 22.73 12.97 -28.39
C CYS B 277 21.49 12.94 -29.30
N VAL B 278 20.60 13.90 -29.13
CA VAL B 278 19.35 14.05 -29.93
C VAL B 278 19.70 14.65 -31.30
N HIS B 279 20.58 15.65 -31.34
CA HIS B 279 20.88 16.42 -32.58
C HIS B 279 22.32 16.20 -32.97
N LEU B 280 22.67 14.99 -33.39
CA LEU B 280 24.02 14.63 -33.87
C LEU B 280 24.05 14.82 -35.40
N GLU B 281 25.13 15.37 -35.93
CA GLU B 281 25.43 15.33 -37.39
C GLU B 281 25.91 13.93 -37.75
N GLU B 282 25.82 13.55 -39.03
CA GLU B 282 26.41 12.30 -39.59
C GLU B 282 27.87 12.13 -39.10
N LYS B 283 28.71 13.16 -39.28
CA LYS B 283 30.14 13.18 -38.80
C LYS B 283 30.19 12.80 -37.30
N GLU B 284 29.24 13.27 -36.49
CA GLU B 284 29.26 13.05 -35.02
C GLU B 284 28.90 11.59 -34.73
N TRP B 285 27.83 11.07 -35.37
CA TRP B 285 27.46 9.63 -35.28
C TRP B 285 28.69 8.74 -35.53
N ASP B 286 29.46 9.02 -36.60
CA ASP B 286 30.60 8.19 -37.06
C ASP B 286 31.75 8.29 -36.06
N ARG B 287 32.01 9.48 -35.53
CA ARG B 287 33.05 9.73 -34.50
C ARG B 287 32.76 8.87 -33.25
N LEU B 288 31.52 8.92 -32.73
CA LEU B 288 31.13 8.14 -31.53
C LEU B 288 31.37 6.64 -31.81
N SER B 289 30.98 6.20 -33.00
CA SER B 289 31.15 4.81 -33.53
C SER B 289 32.64 4.43 -33.53
N GLU B 290 33.47 5.19 -34.26
CA GLU B 290 34.93 4.96 -34.39
C GLU B 290 35.56 4.91 -33.00
N THR B 291 35.25 5.88 -32.13
CA THR B 291 35.84 6.01 -30.76
C THR B 291 35.31 4.92 -29.83
N LYS B 292 34.22 4.25 -30.15
CA LYS B 292 33.60 3.23 -29.27
C LYS B 292 33.04 3.95 -28.02
N SER B 293 32.53 5.18 -28.21
CA SER B 293 31.94 6.04 -27.16
C SER B 293 30.47 5.63 -27.00
N SER B 294 29.84 5.99 -25.89
CA SER B 294 28.51 5.51 -25.45
C SER B 294 27.54 6.69 -25.42
N ILE B 295 26.26 6.44 -25.77
CA ILE B 295 25.15 7.42 -25.66
C ILE B 295 24.27 6.99 -24.47
N ALA B 296 23.82 7.96 -23.67
CA ALA B 296 22.72 7.78 -22.70
C ALA B 296 21.46 8.39 -23.30
N PHE B 297 20.51 7.54 -23.65
CA PHE B 297 19.18 7.92 -24.21
C PHE B 297 18.28 8.32 -23.04
N CYS B 298 17.80 9.57 -23.03
CA CYS B 298 17.04 10.16 -21.90
C CYS B 298 15.69 10.65 -22.39
N PRO B 299 14.80 9.74 -22.79
CA PRO B 299 13.57 10.12 -23.47
C PRO B 299 12.69 11.08 -22.64
N THR B 300 12.53 10.81 -21.36
CA THR B 300 11.60 11.58 -20.46
C THR B 300 11.97 13.06 -20.46
N SER B 301 13.24 13.42 -20.22
CA SER B 301 13.67 14.83 -20.25
C SER B 301 13.59 15.32 -21.68
N ASN B 302 13.94 14.50 -22.67
CA ASN B 302 13.89 14.95 -24.08
C ASN B 302 12.45 15.42 -24.40
N LEU B 303 11.43 14.79 -23.82
CA LEU B 303 10.03 15.15 -24.10
C LEU B 303 9.64 16.37 -23.26
N TYR B 304 10.06 16.40 -22.00
CA TYR B 304 9.62 17.46 -21.06
C TYR B 304 10.20 18.83 -21.50
N LEU B 305 11.39 18.84 -22.08
CA LEU B 305 12.07 20.08 -22.50
C LEU B 305 11.87 20.29 -24.01
N GLY B 306 11.18 19.37 -24.67
CA GLY B 306 10.91 19.46 -26.12
C GLY B 306 12.22 19.48 -26.90
N SER B 307 13.24 18.74 -26.43
CA SER B 307 14.55 18.60 -27.09
C SER B 307 14.43 17.82 -28.41
N GLY B 308 13.52 16.84 -28.48
CA GLY B 308 13.32 16.04 -29.69
C GLY B 308 13.40 14.54 -29.44
N LEU B 309 13.70 13.79 -30.48
CA LEU B 309 13.49 12.32 -30.55
C LEU B 309 14.82 11.65 -30.83
N PHE B 310 15.39 10.91 -29.87
CA PHE B 310 16.66 10.18 -30.06
C PHE B 310 16.46 9.10 -31.13
N ASN B 311 17.38 9.05 -32.09
CA ASN B 311 17.34 8.13 -33.24
C ASN B 311 18.04 6.82 -32.87
N LEU B 312 17.36 5.95 -32.11
CA LEU B 312 17.90 4.63 -31.68
C LEU B 312 18.22 3.79 -32.90
N LYS B 313 17.41 3.90 -33.95
CA LYS B 313 17.63 3.14 -35.21
C LYS B 313 19.03 3.45 -35.75
N LYS B 314 19.37 4.72 -35.84
CA LYS B 314 20.67 5.16 -36.39
C LYS B 314 21.80 4.64 -35.48
N ALA B 315 21.61 4.56 -34.18
CA ALA B 315 22.65 4.10 -33.22
C ALA B 315 22.95 2.62 -33.50
N TRP B 316 21.90 1.84 -33.77
CA TRP B 316 22.04 0.42 -34.19
C TRP B 316 22.83 0.40 -35.52
N GLN B 317 22.36 1.11 -36.54
CA GLN B 317 23.05 1.21 -37.85
C GLN B 317 24.53 1.55 -37.62
N LYS B 318 24.85 2.46 -36.71
CA LYS B 318 26.22 2.99 -36.54
C LYS B 318 26.99 2.13 -35.52
N LYS B 319 26.36 1.11 -34.91
CA LYS B 319 27.01 0.22 -33.91
C LYS B 319 27.53 1.07 -32.74
N VAL B 320 26.73 2.04 -32.28
CA VAL B 320 27.04 2.87 -31.07
C VAL B 320 26.30 2.31 -29.86
N LYS B 321 27.03 2.00 -28.78
CA LYS B 321 26.45 1.54 -27.50
C LYS B 321 25.46 2.57 -26.97
N VAL B 322 24.26 2.13 -26.60
CA VAL B 322 23.20 2.96 -25.96
C VAL B 322 22.75 2.32 -24.65
N GLY B 323 22.65 3.14 -23.59
CA GLY B 323 21.99 2.82 -22.31
C GLY B 323 20.86 3.79 -22.04
N MET B 324 19.96 3.48 -21.10
CA MET B 324 18.82 4.36 -20.74
C MET B 324 19.28 5.23 -19.56
N GLY B 325 18.94 6.51 -19.58
CA GLY B 325 19.03 7.44 -18.45
C GLY B 325 17.68 8.05 -18.07
N THR B 326 17.47 8.22 -16.76
CA THR B 326 16.27 8.89 -16.17
C THR B 326 16.43 10.40 -16.25
N ASP B 327 17.65 10.89 -16.24
CA ASP B 327 18.01 12.32 -16.24
C ASP B 327 17.16 13.01 -15.17
N ILE B 328 17.03 12.36 -14.01
CA ILE B 328 16.39 12.99 -12.83
C ILE B 328 17.09 14.33 -12.64
N GLY B 329 16.24 15.23 -12.13
CA GLY B 329 16.13 16.64 -12.40
C GLY B 329 15.02 16.85 -13.38
N ALA B 330 15.43 16.81 -14.62
CA ALA B 330 14.70 17.21 -15.82
C ALA B 330 13.61 16.12 -16.06
N GLY B 331 13.97 14.85 -15.81
CA GLY B 331 13.05 13.73 -15.78
C GLY B 331 12.32 13.67 -14.44
N THR B 332 11.14 13.05 -14.43
CA THR B 332 10.23 13.06 -13.29
C THR B 332 10.17 11.71 -12.57
N THR B 333 10.95 10.72 -13.00
CA THR B 333 10.89 9.35 -12.40
C THR B 333 12.29 8.75 -12.34
N PHE B 334 12.52 8.04 -11.25
CA PHE B 334 13.69 7.12 -11.04
C PHE B 334 13.47 5.76 -11.71
N ASN B 335 12.23 5.49 -12.13
CA ASN B 335 11.78 4.16 -12.53
C ASN B 335 12.20 3.86 -13.98
N MET B 336 12.94 2.78 -14.15
CA MET B 336 13.45 2.32 -15.48
C MET B 336 12.28 1.78 -16.33
N LEU B 337 11.21 1.26 -15.72
CA LEU B 337 10.10 0.71 -16.52
C LEU B 337 9.35 1.89 -17.15
N GLN B 338 9.07 2.96 -16.39
CA GLN B 338 8.45 4.22 -16.93
C GLN B 338 9.36 4.85 -17.99
N THR B 339 10.68 4.76 -17.80
CA THR B 339 11.68 5.31 -18.73
C THR B 339 11.54 4.59 -20.06
N LEU B 340 11.44 3.26 -20.01
CA LEU B 340 11.27 2.42 -21.22
C LEU B 340 9.94 2.76 -21.85
N ASN B 341 8.91 3.02 -21.06
CA ASN B 341 7.60 3.43 -21.58
C ASN B 341 7.80 4.70 -22.44
N GLU B 342 8.63 5.66 -21.98
CA GLU B 342 8.78 6.97 -22.68
C GLU B 342 9.58 6.73 -23.96
N ALA B 343 10.53 5.81 -23.88
CA ALA B 343 11.38 5.39 -24.99
C ALA B 343 10.47 4.85 -26.10
N TYR B 344 9.53 3.98 -25.76
CA TYR B 344 8.53 3.40 -26.67
C TYR B 344 7.78 4.53 -27.40
N LYS B 345 7.42 5.57 -26.67
CA LYS B 345 6.60 6.71 -27.20
C LYS B 345 7.49 7.54 -28.14
N VAL B 346 8.70 7.88 -27.71
CA VAL B 346 9.67 8.66 -28.50
C VAL B 346 9.92 7.92 -29.81
N LEU B 347 10.06 6.60 -29.74
CA LEU B 347 10.40 5.78 -30.92
C LEU B 347 9.15 5.60 -31.82
N GLN B 348 7.95 5.51 -31.28
CA GLN B 348 6.75 5.34 -32.14
C GLN B 348 6.58 6.59 -33.03
N LEU B 349 6.96 7.75 -32.53
CA LEU B 349 6.86 9.03 -33.30
C LEU B 349 7.85 8.97 -34.46
N GLN B 350 8.80 8.06 -34.44
CA GLN B 350 9.78 7.88 -35.55
C GLN B 350 9.42 6.62 -36.36
N GLY B 351 8.23 6.05 -36.14
CA GLY B 351 7.82 4.77 -36.76
C GLY B 351 8.79 3.64 -36.43
N TYR B 352 9.49 3.69 -35.32
CA TYR B 352 10.32 2.58 -34.76
C TYR B 352 9.56 1.88 -33.62
N ARG B 353 9.42 0.57 -33.72
CA ARG B 353 8.62 -0.26 -32.79
C ARG B 353 9.62 -0.90 -31.81
N LEU B 354 9.65 -0.44 -30.57
CA LEU B 354 10.54 -0.99 -29.52
C LEU B 354 9.86 -2.23 -28.97
N SER B 355 10.43 -3.39 -29.26
CA SER B 355 10.05 -4.72 -28.70
C SER B 355 10.35 -4.77 -27.20
N ALA B 356 9.63 -5.63 -26.50
CA ALA B 356 9.85 -5.98 -25.08
C ALA B 356 11.30 -6.46 -24.89
N TYR B 357 11.84 -7.14 -25.90
CA TYR B 357 13.17 -7.79 -25.85
C TYR B 357 14.20 -6.69 -25.72
N GLU B 358 14.02 -5.68 -26.57
CA GLU B 358 14.95 -4.57 -26.72
C GLU B 358 14.83 -3.68 -25.49
N ALA B 359 13.62 -3.43 -25.00
CA ALA B 359 13.41 -2.66 -23.76
C ALA B 359 14.11 -3.33 -22.59
N PHE B 360 13.90 -4.65 -22.46
CA PHE B 360 14.49 -5.44 -21.34
C PHE B 360 16.02 -5.44 -21.42
N TYR B 361 16.53 -5.46 -22.64
CA TYR B 361 17.98 -5.55 -22.95
C TYR B 361 18.63 -4.22 -22.57
N LEU B 362 18.04 -3.10 -23.00
CA LEU B 362 18.50 -1.72 -22.72
C LEU B 362 18.58 -1.49 -21.20
N ALA B 363 17.61 -1.96 -20.43
CA ALA B 363 17.51 -1.76 -18.96
C ALA B 363 18.56 -2.61 -18.22
N THR B 364 19.07 -3.69 -18.82
CA THR B 364 19.94 -4.65 -18.11
C THR B 364 21.30 -4.79 -18.81
N LEU B 365 21.53 -5.89 -19.52
CA LEU B 365 22.86 -6.22 -20.08
C LEU B 365 23.29 -5.16 -21.11
N GLY B 366 22.33 -4.59 -21.87
CA GLY B 366 22.64 -3.58 -22.89
C GLY B 366 23.21 -2.32 -22.27
N GLY B 367 22.58 -1.84 -21.18
CA GLY B 367 23.03 -0.65 -20.44
C GLY B 367 24.36 -0.92 -19.78
N ALA B 368 24.51 -2.11 -19.19
CA ALA B 368 25.77 -2.59 -18.60
C ALA B 368 26.84 -2.55 -19.70
N LYS B 369 26.56 -3.01 -20.93
CA LYS B 369 27.54 -2.92 -22.05
C LYS B 369 27.89 -1.45 -22.28
N SER B 370 26.90 -0.55 -22.36
CA SER B 370 27.15 0.89 -22.62
C SER B 370 28.06 1.50 -21.53
N LEU B 371 28.03 1.00 -20.29
CA LEU B 371 28.92 1.50 -19.20
C LEU B 371 30.24 0.69 -19.10
N GLY B 372 30.44 -0.29 -19.99
CA GLY B 372 31.60 -1.20 -19.96
C GLY B 372 31.58 -2.09 -18.73
N LEU B 373 30.42 -2.49 -18.20
CA LEU B 373 30.35 -3.28 -16.94
C LEU B 373 29.69 -4.64 -17.21
N ASP B 374 29.57 -5.03 -18.49
CA ASP B 374 28.77 -6.24 -18.85
C ASP B 374 29.51 -7.53 -18.46
N ASP B 375 30.81 -7.48 -18.14
CA ASP B 375 31.54 -8.68 -17.67
C ASP B 375 31.34 -8.79 -16.15
N LEU B 376 30.71 -7.77 -15.54
CA LEU B 376 30.57 -7.68 -14.06
C LEU B 376 29.12 -7.91 -13.66
N ILE B 377 28.17 -7.40 -14.44
CA ILE B 377 26.73 -7.35 -14.02
C ILE B 377 25.88 -7.63 -15.25
N GLY B 378 24.58 -7.81 -15.07
CA GLY B 378 23.65 -7.61 -16.22
C GLY B 378 22.92 -8.89 -16.62
N ASN B 379 23.31 -10.03 -16.03
CA ASN B 379 22.60 -11.33 -16.17
C ASN B 379 23.05 -12.27 -15.05
N PHE B 380 22.57 -13.51 -15.07
CA PHE B 380 22.84 -14.51 -14.01
C PHE B 380 23.93 -15.52 -14.43
N LEU B 381 24.81 -15.18 -15.39
CA LEU B 381 26.00 -16.03 -15.73
C LEU B 381 26.84 -16.22 -14.48
N PRO B 382 27.38 -17.43 -14.27
CA PRO B 382 28.35 -17.69 -13.20
C PRO B 382 29.45 -16.64 -13.11
N GLY B 383 29.78 -16.23 -11.90
CA GLY B 383 30.85 -15.24 -11.64
C GLY B 383 30.35 -13.79 -11.69
N LYS B 384 29.15 -13.52 -12.22
CA LYS B 384 28.58 -12.14 -12.25
C LYS B 384 28.28 -11.69 -10.82
N GLU B 385 28.41 -10.40 -10.58
CA GLU B 385 27.99 -9.74 -9.33
C GLU B 385 26.47 -9.93 -9.13
N ALA B 386 26.06 -10.33 -7.94
CA ALA B 386 24.68 -10.67 -7.58
C ALA B 386 23.89 -9.38 -7.27
N ASP B 387 23.66 -8.54 -8.29
CA ASP B 387 22.69 -7.43 -8.22
C ASP B 387 21.42 -7.86 -8.97
N PHE B 388 20.28 -7.95 -8.30
CA PHE B 388 19.03 -8.37 -8.98
C PHE B 388 17.81 -7.80 -8.26
N VAL B 389 16.67 -7.88 -8.96
CA VAL B 389 15.39 -7.30 -8.52
C VAL B 389 14.32 -8.41 -8.54
N VAL B 390 13.60 -8.56 -7.44
CA VAL B 390 12.38 -9.40 -7.41
C VAL B 390 11.22 -8.50 -7.79
N MET B 391 10.55 -8.86 -8.89
CA MET B 391 9.48 -8.05 -9.50
C MET B 391 8.15 -8.78 -9.33
N GLU B 392 7.12 -8.05 -8.92
CA GLU B 392 5.71 -8.48 -8.92
C GLU B 392 5.04 -7.69 -10.03
N PRO B 393 5.03 -8.17 -11.27
CA PRO B 393 4.35 -7.48 -12.36
C PRO B 393 2.82 -7.50 -12.22
N THR B 394 2.29 -8.14 -11.17
CA THR B 394 0.83 -8.18 -10.86
C THR B 394 0.49 -7.29 -9.65
N ALA B 395 1.37 -6.31 -9.35
CA ALA B 395 1.34 -5.48 -8.12
C ALA B 395 0.05 -4.64 -8.05
N THR B 396 -0.52 -4.14 -9.15
CA THR B 396 -1.84 -3.42 -9.15
C THR B 396 -2.90 -4.26 -9.84
N PRO B 397 -4.19 -4.03 -9.57
CA PRO B 397 -5.23 -4.82 -10.18
C PRO B 397 -5.22 -4.66 -11.70
N LEU B 398 -4.87 -3.49 -12.24
CA LEU B 398 -4.85 -3.32 -13.73
C LEU B 398 -3.67 -4.10 -14.29
N GLN B 399 -2.55 -4.10 -13.59
CA GLN B 399 -1.38 -4.89 -14.01
C GLN B 399 -1.72 -6.39 -13.95
N GLN B 400 -2.40 -6.87 -12.91
CA GLN B 400 -2.75 -8.31 -12.76
C GLN B 400 -3.64 -8.67 -13.95
N LEU B 401 -4.66 -7.82 -14.24
CA LEU B 401 -5.56 -8.02 -15.37
C LEU B 401 -4.72 -8.14 -16.65
N ARG B 402 -3.82 -7.19 -16.94
CA ARG B 402 -3.19 -7.14 -18.27
C ARG B 402 -2.22 -8.33 -18.39
N TYR B 403 -1.60 -8.74 -17.28
CA TYR B 403 -0.56 -9.80 -17.31
C TYR B 403 -1.28 -11.12 -17.55
N ASP B 404 -2.32 -11.41 -16.76
CA ASP B 404 -3.26 -12.54 -16.95
C ASP B 404 -3.71 -12.63 -18.42
N ASN B 405 -3.90 -11.52 -19.10
CA ASN B 405 -4.53 -11.52 -20.44
C ASN B 405 -3.47 -11.65 -21.53
N SER B 406 -2.21 -11.53 -21.17
CA SER B 406 -1.04 -11.76 -22.03
C SER B 406 -0.73 -13.25 -22.13
N VAL B 407 -0.60 -13.81 -23.34
CA VAL B 407 -0.33 -15.27 -23.49
C VAL B 407 1.19 -15.52 -23.59
N SER B 408 1.91 -14.78 -24.41
CA SER B 408 3.35 -15.01 -24.69
C SER B 408 4.23 -14.40 -23.62
N LEU B 409 5.47 -14.89 -23.51
CA LEU B 409 6.52 -14.29 -22.65
C LEU B 409 6.72 -12.85 -23.08
N VAL B 410 6.82 -12.61 -24.39
CA VAL B 410 7.11 -11.26 -24.95
C VAL B 410 6.00 -10.29 -24.51
N ASP B 411 4.74 -10.73 -24.48
CA ASP B 411 3.61 -9.83 -24.11
C ASP B 411 3.68 -9.50 -22.61
N LYS B 412 3.92 -10.53 -21.78
CA LYS B 412 4.10 -10.37 -20.31
C LYS B 412 5.29 -9.45 -20.04
N LEU B 413 6.41 -9.68 -20.72
CA LEU B 413 7.65 -8.90 -20.51
C LEU B 413 7.35 -7.48 -20.92
N PHE B 414 6.49 -7.29 -21.93
CA PHE B 414 6.14 -5.93 -22.41
C PHE B 414 5.33 -5.22 -21.34
N VAL B 415 4.33 -5.90 -20.77
CA VAL B 415 3.52 -5.34 -19.65
C VAL B 415 4.46 -5.06 -18.43
N MET B 416 5.40 -5.96 -18.13
CA MET B 416 6.17 -5.89 -16.88
C MET B 416 7.20 -4.77 -17.05
N MET B 417 7.86 -4.74 -18.21
CA MET B 417 9.02 -3.87 -18.49
C MET B 417 8.55 -2.46 -18.93
N THR B 418 7.32 -2.23 -19.45
CA THR B 418 6.99 -0.89 -19.97
C THR B 418 5.73 -0.29 -19.36
N LEU B 419 4.84 -1.03 -18.68
CA LEU B 419 3.62 -0.40 -18.02
C LEU B 419 3.60 -0.60 -16.49
N GLY B 420 4.69 -1.06 -15.87
CA GLY B 420 4.86 -1.10 -14.41
C GLY B 420 5.40 0.22 -13.88
N ASP B 421 5.39 0.34 -12.55
CA ASP B 421 6.03 1.46 -11.83
C ASP B 421 6.79 0.88 -10.63
N ASP B 422 7.06 1.68 -9.60
CA ASP B 422 7.86 1.28 -8.41
C ASP B 422 7.11 0.17 -7.68
N ARG B 423 5.77 0.07 -7.80
CA ARG B 423 5.03 -0.98 -7.07
C ARG B 423 5.45 -2.38 -7.56
N SER B 424 6.00 -2.47 -8.75
CA SER B 424 6.46 -3.73 -9.36
C SER B 424 7.72 -4.23 -8.64
N ILE B 425 8.47 -3.36 -7.95
CA ILE B 425 9.78 -3.73 -7.33
C ILE B 425 9.49 -4.22 -5.90
N TYR B 426 9.59 -5.53 -5.68
CA TYR B 426 9.27 -6.19 -4.41
C TYR B 426 10.51 -6.26 -3.54
N ARG B 427 11.67 -6.56 -4.13
CA ARG B 427 12.95 -6.74 -3.40
C ARG B 427 14.09 -6.33 -4.32
N THR B 428 15.09 -5.67 -3.77
CA THR B 428 16.32 -5.33 -4.51
C THR B 428 17.51 -5.92 -3.74
N TYR B 429 18.36 -6.62 -4.45
CA TYR B 429 19.59 -7.27 -3.94
C TYR B 429 20.76 -6.53 -4.59
N VAL B 430 21.70 -6.10 -3.75
CA VAL B 430 22.98 -5.48 -4.18
C VAL B 430 24.06 -6.30 -3.50
N ASP B 431 25.03 -6.74 -4.31
CA ASP B 431 26.23 -7.48 -3.82
C ASP B 431 25.74 -8.71 -3.07
N GLY B 432 24.65 -9.33 -3.54
CA GLY B 432 24.13 -10.59 -2.98
C GLY B 432 23.45 -10.43 -1.62
N ARG B 433 23.15 -9.20 -1.19
CA ARG B 433 22.47 -8.90 0.09
C ARG B 433 21.14 -8.16 -0.22
N LEU B 434 20.10 -8.42 0.57
CA LEU B 434 18.80 -7.71 0.51
C LEU B 434 19.00 -6.28 1.01
N VAL B 435 18.84 -5.27 0.16
CA VAL B 435 19.04 -3.84 0.53
C VAL B 435 17.75 -3.04 0.40
N TYR B 436 16.64 -3.64 -0.07
CA TYR B 436 15.33 -2.95 -0.16
C TYR B 436 14.22 -3.99 -0.20
N GLU B 437 13.22 -3.82 0.67
CA GLU B 437 11.90 -4.52 0.64
C GLU B 437 10.81 -3.48 0.50
N ARG B 438 9.82 -3.71 -0.37
CA ARG B 438 8.57 -2.90 -0.45
C ARG B 438 7.83 -2.97 0.89
N ASN B 439 7.47 -1.82 1.49
CA ASN B 439 6.83 -1.75 2.84
C ASN B 439 5.49 -2.47 2.82
N HIS C 6 26.20 21.37 12.65
CA HIS C 6 24.97 21.01 13.41
C HIS C 6 23.84 22.00 13.07
N THR C 7 23.06 21.70 12.01
CA THR C 7 21.92 22.52 11.53
C THR C 7 20.73 22.43 12.51
N LEU C 8 19.90 23.47 12.53
CA LEU C 8 18.63 23.53 13.31
C LEU C 8 17.49 22.90 12.51
N LYS C 9 16.61 22.11 13.16
CA LYS C 9 15.38 21.56 12.54
C LYS C 9 14.16 22.06 13.30
N ALA C 10 13.07 22.30 12.60
CA ALA C 10 11.81 22.85 13.11
C ALA C 10 10.67 21.91 12.72
N VAL C 11 9.98 21.36 13.71
CA VAL C 11 8.88 20.38 13.51
C VAL C 11 7.60 20.95 14.13
N ARG C 12 6.50 20.89 13.37
CA ARG C 12 5.20 21.50 13.71
C ARG C 12 4.11 20.42 13.67
N GLY C 13 3.15 20.49 14.59
CA GLY C 13 1.98 19.59 14.62
C GLY C 13 1.47 19.48 16.03
N SER C 14 0.71 18.41 16.33
CA SER C 14 0.11 18.22 17.65
C SER C 14 1.01 17.24 18.42
N PHE C 15 1.40 17.61 19.64
CA PHE C 15 2.36 16.83 20.45
C PHE C 15 1.66 16.36 21.72
N ILE C 16 2.05 15.17 22.16
CA ILE C 16 1.68 14.60 23.48
C ILE C 16 2.95 14.07 24.11
N ASP C 17 3.17 14.41 25.38
CA ASP C 17 4.21 13.79 26.23
C ASP C 17 3.77 13.87 27.69
N VAL C 18 4.40 13.07 28.53
CA VAL C 18 4.31 13.20 30.01
C VAL C 18 5.60 13.90 30.47
N THR C 19 5.44 14.94 31.27
CA THR C 19 6.49 15.95 31.54
C THR C 19 7.34 15.54 32.74
N ARG C 20 6.93 14.53 33.50
CA ARG C 20 7.67 14.04 34.68
C ARG C 20 7.21 12.63 35.02
N THR C 21 8.09 11.82 35.61
CA THR C 21 7.73 10.49 36.14
C THR C 21 6.79 10.69 37.35
N ILE C 22 5.98 9.68 37.69
CA ILE C 22 4.93 9.79 38.73
C ILE C 22 4.86 8.48 39.52
N ASP C 23 4.10 8.48 40.62
CA ASP C 23 4.06 7.38 41.63
C ASP C 23 2.74 6.59 41.55
N ASN C 24 1.64 7.27 41.17
CA ASN C 24 0.25 6.72 41.06
C ASN C 24 -0.19 6.87 39.62
N PRO C 25 -0.98 5.94 39.05
CA PRO C 25 -1.59 6.16 37.74
C PRO C 25 -2.52 7.39 37.73
N GLU C 26 -3.22 7.67 38.84
CA GLU C 26 -4.18 8.80 38.98
C GLU C 26 -3.45 10.14 38.80
N GLU C 27 -2.12 10.19 39.02
CA GLU C 27 -1.29 11.40 38.85
C GLU C 27 -0.97 11.71 37.37
N ILE C 28 -1.17 10.77 36.44
CA ILE C 28 -0.63 10.89 35.05
C ILE C 28 -1.34 12.05 34.33
N ALA C 29 -2.66 12.14 34.43
CA ALA C 29 -3.47 13.21 33.82
C ALA C 29 -2.79 14.57 34.03
N SER C 30 -2.36 14.82 35.27
CA SER C 30 -1.73 16.11 35.68
C SER C 30 -0.40 16.32 34.94
N ALA C 31 0.33 15.27 34.59
CA ALA C 31 1.69 15.39 33.97
C ALA C 31 1.59 15.29 32.44
N LEU C 32 0.40 15.05 31.91
CA LEU C 32 0.22 14.85 30.45
C LEU C 32 0.04 16.21 29.80
N ARG C 33 0.81 16.47 28.74
CA ARG C 33 0.86 17.76 28.03
C ARG C 33 0.44 17.49 26.58
N PHE C 34 -0.59 18.21 26.13
CA PHE C 34 -1.11 18.19 24.75
C PHE C 34 -0.95 19.60 24.17
N ILE C 35 -0.18 19.73 23.10
CA ILE C 35 -0.03 21.02 22.40
C ILE C 35 -0.51 20.80 20.98
N GLU C 36 -1.73 21.24 20.71
CA GLU C 36 -2.44 21.03 19.41
C GLU C 36 -1.65 21.69 18.29
N ASP C 37 -1.18 22.90 18.55
CA ASP C 37 -0.39 23.72 17.60
C ASP C 37 1.00 23.94 18.18
N GLY C 38 1.82 22.88 18.21
CA GLY C 38 3.16 22.89 18.82
C GLY C 38 4.28 23.16 17.83
N LEU C 39 5.46 23.51 18.33
CA LEU C 39 6.72 23.63 17.58
C LEU C 39 7.85 22.97 18.38
N LEU C 40 8.57 22.02 17.79
CA LEU C 40 9.76 21.36 18.38
C LEU C 40 10.96 21.79 17.55
N LEU C 41 11.94 22.41 18.19
CA LEU C 41 13.22 22.83 17.57
C LEU C 41 14.32 21.88 18.02
N ILE C 42 15.11 21.39 17.08
CA ILE C 42 16.14 20.34 17.31
C ILE C 42 17.49 20.94 16.94
N LYS C 43 18.48 20.75 17.82
CA LYS C 43 19.91 21.05 17.52
C LYS C 43 20.73 19.89 18.06
N GLN C 44 21.64 19.32 17.26
CA GLN C 44 22.66 18.33 17.71
C GLN C 44 21.98 17.14 18.39
N GLY C 45 20.95 16.58 17.77
CA GLY C 45 20.23 15.39 18.26
C GLY C 45 19.49 15.60 19.57
N LYS C 46 19.22 16.85 19.96
CA LYS C 46 18.53 17.14 21.24
C LYS C 46 17.42 18.17 21.02
N VAL C 47 16.50 18.21 21.98
CA VAL C 47 15.43 19.25 22.04
C VAL C 47 16.07 20.56 22.47
N GLU C 48 16.11 21.53 21.55
CA GLU C 48 16.56 22.93 21.77
C GLU C 48 15.45 23.70 22.47
N TRP C 49 14.22 23.62 21.94
CA TRP C 49 13.05 24.41 22.39
C TRP C 49 11.77 23.62 22.10
N PHE C 50 10.77 23.73 22.95
CA PHE C 50 9.48 23.06 22.73
C PHE C 50 8.37 23.92 23.31
N GLY C 51 7.24 24.07 22.62
CA GLY C 51 6.07 24.79 23.13
C GLY C 51 5.15 25.22 22.00
N GLU C 52 4.34 26.26 22.23
CA GLU C 52 3.30 26.73 21.27
C GLU C 52 3.96 27.31 20.01
N TRP C 53 3.40 27.00 18.85
CA TRP C 53 3.82 27.52 17.52
C TRP C 53 3.96 29.05 17.59
N GLU C 54 2.92 29.76 18.04
CA GLU C 54 2.90 31.26 18.04
C GLU C 54 3.97 31.81 19.01
N ASN C 55 4.31 31.08 20.08
CA ASN C 55 5.34 31.49 21.07
C ASN C 55 6.77 31.22 20.58
N GLY C 56 6.97 30.32 19.61
CA GLY C 56 8.30 29.84 19.18
C GLY C 56 8.69 30.20 17.75
N LYS C 57 7.73 30.46 16.86
CA LYS C 57 7.99 30.44 15.39
C LYS C 57 8.98 31.54 15.00
N HIS C 58 9.06 32.62 15.76
CA HIS C 58 10.01 33.75 15.52
C HIS C 58 11.46 33.26 15.56
N GLN C 59 11.74 32.17 16.28
CA GLN C 59 13.10 31.57 16.39
C GLN C 59 13.48 30.84 15.08
N ILE C 60 12.52 30.62 14.16
CA ILE C 60 12.79 29.85 12.93
C ILE C 60 13.38 30.81 11.91
N PRO C 61 14.69 30.72 11.59
CA PRO C 61 15.29 31.62 10.61
C PRO C 61 14.75 31.27 9.20
N ASP C 62 14.81 32.24 8.28
CA ASP C 62 14.28 32.11 6.89
C ASP C 62 15.05 31.05 6.09
N THR C 63 16.22 30.62 6.55
CA THR C 63 17.11 29.66 5.85
C THR C 63 16.53 28.22 5.89
N ILE C 64 15.53 27.93 6.73
CA ILE C 64 15.11 26.51 7.08
C ILE C 64 13.61 26.35 6.88
N ARG C 65 13.18 25.23 6.28
CA ARG C 65 11.74 24.91 6.03
C ARG C 65 11.20 24.13 7.23
N VAL C 66 10.05 24.54 7.77
CA VAL C 66 9.35 23.82 8.88
C VAL C 66 8.79 22.52 8.29
N ARG C 67 9.02 21.40 8.96
CA ARG C 67 8.40 20.09 8.67
C ARG C 67 7.01 20.10 9.30
N ASP C 68 5.98 20.29 8.50
CA ASP C 68 4.58 20.51 8.91
C ASP C 68 3.87 19.15 8.97
N TYR C 69 3.58 18.66 10.18
CA TYR C 69 2.89 17.38 10.46
C TYR C 69 1.52 17.67 11.10
N ARG C 70 0.93 18.84 10.84
CA ARG C 70 -0.44 19.15 11.31
C ARG C 70 -1.40 18.09 10.78
N GLY C 71 -2.31 17.61 11.62
CA GLY C 71 -3.22 16.49 11.31
C GLY C 71 -2.68 15.18 11.87
N LYS C 72 -1.39 15.10 12.14
CA LYS C 72 -0.73 13.92 12.73
C LYS C 72 -0.39 14.22 14.18
N LEU C 73 -0.20 13.15 14.94
CA LEU C 73 0.15 13.23 16.37
C LEU C 73 1.63 12.88 16.51
N ILE C 74 2.39 13.69 17.25
CA ILE C 74 3.85 13.49 17.45
C ILE C 74 4.07 13.11 18.91
N VAL C 75 4.72 11.98 19.14
CA VAL C 75 4.96 11.44 20.50
C VAL C 75 6.43 11.10 20.63
N PRO C 76 6.95 10.94 21.86
CA PRO C 76 8.31 10.46 22.05
C PRO C 76 8.37 9.01 21.56
N GLY C 77 9.55 8.59 21.13
CA GLY C 77 9.80 7.23 20.63
C GLY C 77 9.44 6.22 21.69
N PHE C 78 8.80 5.14 21.27
CA PHE C 78 8.36 4.04 22.16
C PHE C 78 9.58 3.28 22.66
N VAL C 79 9.48 2.77 23.88
CA VAL C 79 10.58 2.07 24.57
C VAL C 79 10.15 0.61 24.78
N ASP C 80 10.88 -0.33 24.17
CA ASP C 80 10.62 -1.78 24.23
C ASP C 80 11.64 -2.39 25.18
N THR C 81 11.22 -2.81 26.38
CA THR C 81 12.14 -3.14 27.50
C THR C 81 12.46 -4.64 27.55
N HIS C 82 11.93 -5.46 26.64
CA HIS C 82 12.32 -6.88 26.50
C HIS C 82 11.99 -7.38 25.10
N ILE C 83 13.03 -7.60 24.29
CA ILE C 83 12.91 -8.15 22.92
C ILE C 83 14.16 -8.99 22.59
N HIS C 84 13.95 -10.11 21.88
CA HIS C 84 15.01 -11.02 21.37
C HIS C 84 15.25 -10.72 19.90
N TYR C 85 16.40 -10.14 19.56
CA TYR C 85 16.78 -9.79 18.16
C TYR C 85 16.87 -11.05 17.29
N PRO C 86 17.46 -12.17 17.76
CA PRO C 86 17.69 -13.31 16.88
C PRO C 86 16.51 -14.30 16.80
N GLN C 87 15.27 -13.82 16.91
CA GLN C 87 14.03 -14.66 16.99
C GLN C 87 12.90 -14.03 16.16
N SER C 88 13.24 -13.04 15.33
CA SER C 88 12.33 -12.38 14.38
C SER C 88 11.64 -13.43 13.49
N GLU C 89 12.38 -14.44 12.99
CA GLU C 89 11.87 -15.41 11.99
C GLU C 89 11.15 -16.60 12.64
N MET C 90 10.99 -16.64 13.97
CA MET C 90 10.57 -17.85 14.72
C MET C 90 9.08 -18.14 14.48
N VAL C 91 8.76 -19.41 14.17
CA VAL C 91 7.38 -19.95 13.92
C VAL C 91 7.08 -21.09 14.94
N GLY C 92 5.97 -20.98 15.69
CA GLY C 92 5.50 -22.04 16.61
C GLY C 92 4.20 -22.69 16.16
N LEU C 102 11.40 -24.08 23.82
CA LEU C 102 12.86 -23.75 23.74
C LEU C 102 13.56 -24.73 22.79
N ASN C 103 13.33 -26.04 22.97
CA ASN C 103 14.04 -27.11 22.24
C ASN C 103 13.58 -27.16 20.77
N LYS C 104 12.30 -26.91 20.48
CA LYS C 104 11.73 -27.11 19.11
C LYS C 104 12.00 -25.88 18.23
N HIS C 105 11.99 -24.67 18.81
CA HIS C 105 11.88 -23.38 18.07
C HIS C 105 13.03 -22.42 18.42
N THR C 106 13.18 -22.06 19.70
CA THR C 106 14.17 -21.03 20.12
C THR C 106 15.58 -21.47 19.75
N PHE C 107 16.03 -22.62 20.30
CA PHE C 107 17.44 -23.09 20.21
C PHE C 107 17.85 -23.30 18.75
N PRO C 108 17.07 -24.07 17.95
CA PRO C 108 17.44 -24.27 16.55
C PRO C 108 17.54 -22.95 15.76
N THR C 109 16.61 -22.01 16.01
CA THR C 109 16.57 -20.72 15.26
C THR C 109 17.80 -19.90 15.66
N GLU C 110 18.11 -19.83 16.95
CA GLU C 110 19.26 -19.03 17.48
C GLU C 110 20.56 -19.58 16.91
N ARG C 111 20.62 -20.88 16.63
CA ARG C 111 21.84 -21.57 16.09
C ARG C 111 22.30 -20.88 14.80
N ARG C 112 21.38 -20.40 13.97
CA ARG C 112 21.71 -19.85 12.64
C ARG C 112 22.51 -18.56 12.82
N TYR C 113 22.47 -17.91 13.99
CA TYR C 113 23.11 -16.59 14.22
C TYR C 113 24.63 -16.76 14.46
N GLU C 114 25.14 -17.99 14.35
CA GLU C 114 26.59 -18.27 14.30
C GLU C 114 27.18 -17.72 12.98
N ASP C 115 26.45 -17.77 11.88
CA ASP C 115 26.89 -17.15 10.61
C ASP C 115 26.86 -15.63 10.81
N LEU C 116 28.02 -14.97 10.76
CA LEU C 116 28.13 -13.49 10.95
C LEU C 116 27.35 -12.76 9.85
N GLU C 117 27.35 -13.25 8.61
CA GLU C 117 26.65 -12.61 7.46
C GLU C 117 25.13 -12.72 7.64
N TYR C 118 24.62 -13.84 8.13
CA TYR C 118 23.20 -14.05 8.57
C TYR C 118 22.86 -13.04 9.67
N ALA C 119 23.71 -12.95 10.70
CA ALA C 119 23.49 -12.05 11.85
C ALA C 119 23.43 -10.61 11.36
N ARG C 120 24.23 -10.25 10.36
CA ARG C 120 24.28 -8.89 9.78
C ARG C 120 22.97 -8.60 9.04
N GLU C 121 22.51 -9.53 8.21
CA GLU C 121 21.25 -9.45 7.42
C GLU C 121 20.10 -9.25 8.42
N MET C 122 20.05 -10.08 9.48
CA MET C 122 18.95 -10.07 10.47
C MET C 122 19.02 -8.84 11.41
N SER C 123 20.22 -8.34 11.70
CA SER C 123 20.39 -7.04 12.40
C SER C 123 19.72 -5.91 11.61
N ALA C 124 19.93 -5.84 10.30
CA ALA C 124 19.34 -4.79 9.44
C ALA C 124 17.81 -4.92 9.46
N PHE C 125 17.31 -6.15 9.35
CA PHE C 125 15.86 -6.43 9.37
C PHE C 125 15.28 -6.02 10.74
N PHE C 126 16.00 -6.34 11.80
CA PHE C 126 15.55 -6.07 13.20
C PHE C 126 15.38 -4.56 13.41
N ILE C 127 16.38 -3.76 13.00
CA ILE C 127 16.37 -2.29 13.22
C ILE C 127 15.24 -1.69 12.40
N LYS C 128 15.07 -2.15 11.16
CA LYS C 128 13.96 -1.70 10.27
C LYS C 128 12.63 -1.93 11.00
N GLN C 129 12.45 -3.09 11.66
CA GLN C 129 11.17 -3.48 12.30
C GLN C 129 10.88 -2.56 13.49
N LEU C 130 11.89 -2.22 14.27
CA LEU C 130 11.72 -1.26 15.40
C LEU C 130 11.26 0.10 14.85
N LEU C 131 11.97 0.65 13.86
CA LEU C 131 11.73 2.04 13.34
C LEU C 131 10.33 2.10 12.70
N ARG C 132 10.03 1.08 11.91
CA ARG C 132 8.74 0.94 11.22
C ARG C 132 7.60 0.94 12.23
N ASN C 133 7.87 0.56 13.49
CA ASN C 133 6.86 0.46 14.57
C ASN C 133 6.98 1.61 15.56
N GLY C 134 7.89 2.56 15.35
CA GLY C 134 8.05 3.72 16.24
C GLY C 134 8.79 3.37 17.53
N THR C 135 9.46 2.22 17.59
CA THR C 135 10.37 1.92 18.72
C THR C 135 11.74 2.56 18.43
N THR C 136 12.18 3.49 19.25
CA THR C 136 13.49 4.18 19.06
C THR C 136 14.51 3.67 20.09
N THR C 137 14.07 3.06 21.20
CA THR C 137 14.97 2.42 22.20
C THR C 137 14.42 1.07 22.65
N ALA C 138 15.32 0.09 22.80
CA ALA C 138 14.99 -1.29 23.17
C ALA C 138 16.11 -1.88 24.03
N LEU C 139 15.72 -2.70 25.00
CA LEU C 139 16.62 -3.57 25.78
C LEU C 139 16.57 -4.94 25.09
N VAL C 140 17.66 -5.36 24.49
CA VAL C 140 17.67 -6.44 23.48
C VAL C 140 18.51 -7.65 23.93
N PHE C 141 17.86 -8.81 24.02
CA PHE C 141 18.54 -10.13 24.03
C PHE C 141 19.23 -10.37 22.70
N GLY C 142 20.55 -10.56 22.73
CA GLY C 142 21.31 -11.05 21.57
C GLY C 142 21.27 -12.56 21.51
N THR C 143 22.31 -13.18 20.94
CA THR C 143 22.52 -14.65 20.88
C THR C 143 23.64 -14.98 21.87
N VAL C 144 23.91 -16.27 22.08
CA VAL C 144 25.10 -16.82 22.80
C VAL C 144 26.38 -16.36 22.08
N HIS C 145 26.31 -16.30 20.75
CA HIS C 145 27.41 -15.95 19.82
C HIS C 145 27.72 -14.45 19.91
N PRO C 146 28.97 -14.07 20.23
CA PRO C 146 29.35 -12.65 20.32
C PRO C 146 29.38 -11.89 18.98
N GLN C 147 29.66 -12.61 17.86
CA GLN C 147 29.62 -12.07 16.48
C GLN C 147 28.25 -11.46 16.19
N SER C 148 27.20 -12.03 16.78
CA SER C 148 25.79 -11.64 16.52
C SER C 148 25.46 -10.35 17.26
N VAL C 149 26.08 -10.12 18.40
CA VAL C 149 25.86 -8.89 19.20
C VAL C 149 26.59 -7.73 18.51
N ASP C 150 27.75 -8.01 17.91
CA ASP C 150 28.55 -7.04 17.12
C ASP C 150 27.72 -6.57 15.92
N ALA C 151 27.10 -7.51 15.21
CA ALA C 151 26.25 -7.19 14.04
C ALA C 151 25.12 -6.26 14.49
N LEU C 152 24.48 -6.57 15.62
CA LEU C 152 23.34 -5.78 16.17
C LEU C 152 23.80 -4.36 16.51
N PHE C 153 24.87 -4.24 17.29
CA PHE C 153 25.46 -2.93 17.68
C PHE C 153 25.92 -2.18 16.43
N GLU C 154 26.55 -2.85 15.47
CA GLU C 154 26.99 -2.20 14.20
C GLU C 154 25.78 -1.52 13.55
N ALA C 155 24.68 -2.27 13.40
CA ALA C 155 23.46 -1.78 12.71
C ALA C 155 22.91 -0.57 13.47
N ALA C 156 22.75 -0.68 14.79
CA ALA C 156 22.19 0.37 15.66
C ALA C 156 23.10 1.60 15.60
N SER C 157 24.42 1.37 15.59
CA SER C 157 25.45 2.43 15.60
C SER C 157 25.32 3.28 14.35
N HIS C 158 24.97 2.68 13.21
CA HIS C 158 24.93 3.40 11.91
C HIS C 158 23.96 4.60 12.02
N ILE C 159 22.86 4.51 12.78
CA ILE C 159 21.82 5.59 12.83
C ILE C 159 21.89 6.32 14.18
N ASN C 160 22.93 6.02 14.97
CA ASN C 160 23.20 6.51 16.35
C ASN C 160 21.96 6.32 17.24
N MET C 161 21.45 5.08 17.26
CA MET C 161 20.29 4.68 18.09
C MET C 161 20.71 4.56 19.56
N ARG C 162 19.87 4.95 20.51
CA ARG C 162 20.08 4.52 21.91
C ARG C 162 19.50 3.12 22.09
N MET C 163 20.38 2.12 22.19
CA MET C 163 20.00 0.69 22.35
C MET C 163 20.84 0.07 23.48
N ILE C 164 20.21 -0.78 24.30
CA ILE C 164 20.85 -1.62 25.34
C ILE C 164 20.76 -3.09 24.89
N ALA C 165 21.90 -3.78 24.80
CA ALA C 165 21.97 -5.18 24.34
C ALA C 165 23.14 -5.92 24.99
N GLY C 166 23.10 -7.25 24.94
CA GLY C 166 24.21 -8.08 25.44
C GLY C 166 24.19 -9.48 24.87
N LYS C 167 25.34 -10.16 25.01
CA LYS C 167 25.49 -11.61 24.70
C LYS C 167 24.71 -12.40 25.73
N VAL C 168 23.93 -13.38 25.27
CA VAL C 168 23.22 -14.35 26.15
C VAL C 168 24.29 -15.25 26.79
N MET C 169 24.27 -15.37 28.11
CA MET C 169 25.14 -16.33 28.84
C MET C 169 24.32 -17.57 29.18
N MET C 170 24.82 -18.75 28.80
CA MET C 170 24.09 -20.04 28.84
C MET C 170 25.10 -21.18 28.71
N ASP C 171 25.45 -21.84 29.82
CA ASP C 171 26.50 -22.90 29.83
C ASP C 171 25.89 -24.28 30.04
N ARG C 172 24.57 -24.42 30.21
CA ARG C 172 23.96 -25.76 30.49
C ARG C 172 22.49 -25.83 30.06
N ASN C 173 21.93 -27.04 30.17
CA ASN C 173 20.49 -27.34 29.99
C ASN C 173 20.01 -26.78 28.64
N ALA C 174 20.82 -26.93 27.60
CA ALA C 174 20.43 -26.63 26.21
C ALA C 174 21.35 -27.38 25.25
N PRO C 175 20.98 -27.53 23.97
CA PRO C 175 21.82 -28.23 23.00
C PRO C 175 23.27 -27.73 22.98
N ASP C 176 24.18 -28.66 22.71
CA ASP C 176 25.65 -28.44 22.72
C ASP C 176 25.97 -27.29 21.77
N TYR C 177 25.37 -27.27 20.58
CA TYR C 177 25.64 -26.25 19.52
C TYR C 177 25.39 -24.82 20.05
N LEU C 178 24.69 -24.66 21.19
CA LEU C 178 24.29 -23.32 21.72
C LEU C 178 24.80 -23.08 23.14
N LEU C 179 25.64 -23.95 23.71
CA LEU C 179 26.22 -23.72 25.06
C LEU C 179 27.47 -22.84 24.91
N ASP C 180 27.68 -21.90 25.85
CA ASP C 180 29.00 -21.27 26.08
C ASP C 180 29.60 -22.00 27.31
N THR C 181 30.66 -21.47 27.91
CA THR C 181 31.22 -21.93 29.20
C THR C 181 31.19 -20.74 30.16
N ALA C 182 31.24 -20.96 31.48
CA ALA C 182 31.44 -19.87 32.47
C ALA C 182 32.56 -18.93 31.96
N GLU C 183 33.72 -19.49 31.60
CA GLU C 183 34.93 -18.71 31.23
C GLU C 183 34.71 -17.96 29.90
N SER C 184 34.28 -18.65 28.83
CA SER C 184 34.04 -18.00 27.51
C SER C 184 33.01 -16.90 27.70
N SER C 185 32.00 -17.11 28.56
CA SER C 185 30.88 -16.16 28.80
C SER C 185 31.45 -14.87 29.44
N TYR C 186 32.43 -15.01 30.34
CA TYR C 186 33.16 -13.87 30.94
C TYR C 186 33.90 -13.05 29.86
N HIS C 187 34.80 -13.69 29.11
CA HIS C 187 35.75 -13.02 28.19
C HIS C 187 34.98 -12.39 27.03
N GLN C 188 34.01 -13.12 26.46
CA GLN C 188 33.22 -12.64 25.30
C GLN C 188 32.43 -11.38 25.71
N SER C 189 31.77 -11.43 26.88
CA SER C 189 30.97 -10.30 27.43
C SER C 189 31.87 -9.08 27.66
N LYS C 190 33.03 -9.30 28.30
CA LYS C 190 34.03 -8.24 28.61
C LYS C 190 34.46 -7.56 27.32
N GLU C 191 34.73 -8.34 26.27
CA GLU C 191 35.23 -7.80 24.98
C GLU C 191 34.13 -6.93 24.34
N LEU C 192 32.88 -7.39 24.40
CA LEU C 192 31.71 -6.65 23.88
C LEU C 192 31.51 -5.39 24.73
N ILE C 193 31.59 -5.52 26.06
CA ILE C 193 31.49 -4.35 26.98
C ILE C 193 32.52 -3.30 26.51
N GLU C 194 33.75 -3.72 26.23
CA GLU C 194 34.88 -2.83 25.90
C GLU C 194 34.61 -2.15 24.55
N ARG C 195 34.05 -2.87 23.58
CA ARG C 195 33.84 -2.34 22.20
C ARG C 195 32.62 -1.40 22.18
N TRP C 196 31.58 -1.68 22.98
CA TRP C 196 30.23 -1.09 22.73
C TRP C 196 29.67 -0.30 23.91
N HIS C 197 29.93 -0.67 25.16
CA HIS C 197 29.29 0.00 26.33
C HIS C 197 29.69 1.49 26.31
N LYS C 198 28.69 2.39 26.33
CA LYS C 198 28.89 3.87 26.36
C LYS C 198 29.66 4.29 25.09
N ASN C 199 29.59 3.48 24.04
CA ASN C 199 30.06 3.82 22.67
C ASN C 199 28.92 4.60 22.02
N GLY C 200 29.05 5.92 21.87
CA GLY C 200 27.93 6.78 21.46
C GLY C 200 26.76 6.57 22.39
N ARG C 201 25.57 6.27 21.86
CA ARG C 201 24.34 6.11 22.67
C ARG C 201 24.09 4.62 22.99
N LEU C 202 25.04 3.75 22.63
CA LEU C 202 24.95 2.28 22.88
C LEU C 202 25.30 1.99 24.35
N LEU C 203 24.71 0.92 24.91
CA LEU C 203 24.84 0.50 26.33
C LEU C 203 24.81 -1.03 26.41
N TYR C 204 25.60 -1.62 27.32
CA TYR C 204 25.73 -3.11 27.44
C TYR C 204 24.89 -3.59 28.61
N ALA C 205 24.25 -4.73 28.44
CA ALA C 205 23.53 -5.43 29.53
C ALA C 205 24.15 -6.81 29.71
N ILE C 206 24.52 -7.16 30.94
CA ILE C 206 24.93 -8.54 31.30
C ILE C 206 23.67 -9.40 31.24
N THR C 207 23.66 -10.41 30.35
CA THR C 207 22.42 -11.10 29.91
C THR C 207 22.56 -12.60 30.12
N PRO C 208 22.44 -13.11 31.36
CA PRO C 208 22.25 -14.53 31.57
C PRO C 208 20.84 -14.88 31.11
N ARG C 209 20.70 -15.86 30.21
CA ARG C 209 19.38 -16.23 29.65
C ARG C 209 18.40 -16.31 30.82
N PHE C 210 18.74 -17.13 31.82
CA PHE C 210 18.03 -17.31 33.12
C PHE C 210 18.65 -18.47 33.90
N ALA C 211 18.29 -18.55 35.19
CA ALA C 211 18.86 -19.48 36.20
C ALA C 211 19.00 -20.89 35.64
N PRO C 212 17.96 -21.50 35.04
CA PRO C 212 18.07 -22.89 34.59
C PRO C 212 19.30 -23.17 33.70
N THR C 213 19.68 -22.23 32.84
CA THR C 213 20.70 -22.48 31.76
C THR C 213 22.06 -21.86 32.12
N SER C 214 22.23 -21.39 33.35
CA SER C 214 23.51 -20.84 33.89
C SER C 214 23.92 -21.62 35.15
N SER C 215 25.00 -22.40 35.06
CA SER C 215 25.71 -23.06 36.20
C SER C 215 26.01 -22.04 37.30
N PRO C 216 26.15 -22.47 38.57
CA PRO C 216 26.70 -21.59 39.62
C PRO C 216 27.98 -20.88 39.15
N GLU C 217 28.87 -21.59 38.46
CA GLU C 217 30.13 -21.02 37.93
C GLU C 217 29.79 -19.84 36.99
N GLN C 218 28.76 -19.97 36.14
CA GLN C 218 28.44 -18.90 35.15
C GLN C 218 27.77 -17.72 35.85
N MET C 219 26.83 -18.00 36.77
CA MET C 219 26.20 -16.95 37.62
C MET C 219 27.31 -16.17 38.36
N ALA C 220 28.36 -16.86 38.82
CA ALA C 220 29.52 -16.26 39.51
C ALA C 220 30.25 -15.31 38.54
N MET C 221 30.37 -15.67 37.25
CA MET C 221 30.98 -14.78 36.23
C MET C 221 30.06 -13.56 35.99
N ALA C 222 28.75 -13.76 35.86
CA ALA C 222 27.80 -12.64 35.65
C ALA C 222 27.96 -11.61 36.77
N GLN C 223 28.00 -12.07 38.03
CA GLN C 223 28.26 -11.26 39.26
C GLN C 223 29.58 -10.48 39.12
N ARG C 224 30.62 -11.17 38.62
CA ARG C 224 31.98 -10.61 38.43
C ARG C 224 31.90 -9.45 37.43
N LEU C 225 31.24 -9.66 36.28
CA LEU C 225 31.12 -8.64 35.21
C LEU C 225 30.43 -7.39 35.76
N LYS C 226 29.35 -7.57 36.56
CA LYS C 226 28.57 -6.43 37.12
C LYS C 226 29.46 -5.65 38.09
N GLU C 227 30.27 -6.37 38.89
CA GLU C 227 31.22 -5.79 39.89
C GLU C 227 32.28 -5.00 39.15
N GLU C 228 32.89 -5.59 38.10
CA GLU C 228 33.97 -4.95 37.31
C GLU C 228 33.42 -3.77 36.50
N TYR C 229 32.14 -3.81 36.08
CA TYR C 229 31.55 -2.76 35.21
C TYR C 229 30.23 -2.31 35.83
N PRO C 230 30.30 -1.52 36.92
CA PRO C 230 29.13 -1.20 37.74
C PRO C 230 27.98 -0.52 36.96
N ASP C 231 28.29 0.23 35.89
CA ASP C 231 27.28 1.03 35.16
C ASP C 231 26.81 0.30 33.90
N THR C 232 27.02 -1.02 33.80
CA THR C 232 26.35 -1.84 32.75
C THR C 232 24.96 -2.21 33.25
N TRP C 233 24.10 -2.63 32.33
CA TRP C 233 22.73 -3.08 32.69
C TRP C 233 22.78 -4.58 33.01
N VAL C 234 21.77 -5.08 33.70
CA VAL C 234 21.53 -6.53 33.90
C VAL C 234 20.15 -6.83 33.30
N HIS C 235 20.03 -7.96 32.61
CA HIS C 235 18.82 -8.31 31.82
C HIS C 235 18.62 -9.82 31.85
N THR C 236 17.59 -10.33 32.52
CA THR C 236 17.31 -11.79 32.56
C THR C 236 15.79 -12.01 32.64
N HIS C 237 15.35 -13.27 32.60
CA HIS C 237 13.94 -13.70 32.76
C HIS C 237 13.68 -14.04 34.26
N LEU C 238 12.43 -13.89 34.71
CA LEU C 238 12.04 -14.13 36.13
C LEU C 238 10.56 -14.53 36.21
N CYS C 239 10.30 -15.78 36.64
CA CYS C 239 8.96 -16.30 37.02
C CYS C 239 7.93 -16.07 35.91
N GLU C 240 8.20 -16.61 34.73
CA GLU C 240 7.28 -16.51 33.57
C GLU C 240 6.21 -17.61 33.70
N ASN C 241 6.61 -18.80 34.14
CA ASN C 241 5.72 -20.00 34.16
C ASN C 241 5.97 -20.76 35.47
N LYS C 242 4.97 -21.49 35.96
CA LYS C 242 5.07 -22.23 37.26
C LYS C 242 6.14 -23.33 37.14
N ASP C 243 6.25 -24.01 35.98
CA ASP C 243 7.25 -25.07 35.71
C ASP C 243 8.68 -24.53 35.83
N GLU C 244 8.93 -23.38 35.18
CA GLU C 244 10.23 -22.66 35.20
C GLU C 244 10.60 -22.39 36.67
N ILE C 245 9.66 -21.94 37.50
CA ILE C 245 9.92 -21.60 38.93
C ILE C 245 10.31 -22.88 39.68
N ALA C 246 9.56 -23.97 39.48
CA ALA C 246 9.79 -25.31 40.07
C ALA C 246 11.18 -25.83 39.65
N TRP C 247 11.49 -25.72 38.36
CA TRP C 247 12.80 -26.13 37.76
C TRP C 247 13.93 -25.37 38.47
N VAL C 248 13.77 -24.05 38.67
CA VAL C 248 14.77 -23.15 39.33
C VAL C 248 14.94 -23.61 40.79
N LYS C 249 13.85 -23.96 41.48
CA LYS C 249 13.88 -24.38 42.90
C LYS C 249 14.61 -25.73 43.02
N SER C 250 14.40 -26.63 42.06
CA SER C 250 15.06 -27.96 41.95
C SER C 250 16.55 -27.81 41.66
N LEU C 251 16.99 -26.74 40.98
CA LEU C 251 18.40 -26.57 40.53
C LEU C 251 19.16 -25.71 41.55
N TYR C 252 18.46 -24.83 42.27
CA TYR C 252 19.05 -23.91 43.27
C TYR C 252 18.27 -24.09 44.56
N PRO C 253 18.25 -25.31 45.15
CA PRO C 253 17.46 -25.56 46.36
C PRO C 253 17.97 -24.86 47.62
N ASP C 254 19.20 -24.36 47.63
CA ASP C 254 19.80 -23.68 48.81
C ASP C 254 19.52 -22.17 48.75
N HIS C 255 18.87 -21.68 47.69
CA HIS C 255 18.49 -20.25 47.51
C HIS C 255 17.03 -20.09 47.95
N ASP C 256 16.65 -18.89 48.39
CA ASP C 256 15.32 -18.58 48.98
C ASP C 256 14.33 -18.22 47.86
N GLY C 257 14.17 -19.08 46.85
CA GLY C 257 13.31 -18.85 45.67
C GLY C 257 14.06 -18.26 44.47
N TYR C 258 13.36 -18.05 43.35
CA TYR C 258 13.91 -17.72 42.00
C TYR C 258 14.66 -16.37 42.05
N LEU C 259 14.00 -15.31 42.50
CA LEU C 259 14.62 -13.96 42.59
C LEU C 259 15.86 -14.01 43.50
N ASP C 260 15.84 -14.83 44.55
CA ASP C 260 16.96 -14.89 45.53
C ASP C 260 18.21 -15.39 44.80
N VAL C 261 18.08 -16.31 43.84
CA VAL C 261 19.20 -16.76 42.96
C VAL C 261 19.88 -15.52 42.37
N TYR C 262 19.16 -14.65 41.65
CA TYR C 262 19.78 -13.46 41.01
C TYR C 262 20.30 -12.51 42.10
N HIS C 263 19.55 -12.34 43.19
CA HIS C 263 19.88 -11.36 44.27
C HIS C 263 21.17 -11.76 44.99
N GLN C 264 21.31 -13.04 45.34
CA GLN C 264 22.50 -13.56 46.07
C GLN C 264 23.73 -13.49 45.14
N TYR C 265 23.57 -13.47 43.82
CA TYR C 265 24.67 -13.35 42.82
C TYR C 265 24.89 -11.88 42.42
N GLY C 266 24.30 -10.94 43.16
CA GLY C 266 24.51 -9.49 42.97
C GLY C 266 24.02 -8.99 41.60
N LEU C 267 22.86 -9.46 41.15
CA LEU C 267 22.29 -9.07 39.82
C LEU C 267 20.96 -8.31 40.00
N THR C 268 20.62 -7.90 41.24
CA THR C 268 19.49 -6.98 41.57
C THR C 268 20.03 -5.55 41.67
N GLY C 269 19.14 -4.54 41.59
CA GLY C 269 19.48 -3.12 41.81
C GLY C 269 19.07 -2.22 40.64
N LYS C 270 19.47 -0.93 40.69
CA LYS C 270 19.29 0.07 39.59
C LYS C 270 19.75 -0.58 38.27
N ASN C 271 18.91 -0.51 37.23
CA ASN C 271 19.22 -0.97 35.85
C ASN C 271 19.39 -2.49 35.82
N CYS C 272 18.57 -3.18 36.62
CA CYS C 272 18.41 -4.66 36.59
C CYS C 272 16.96 -4.99 36.18
N VAL C 273 16.81 -5.54 34.97
CA VAL C 273 15.49 -5.70 34.28
C VAL C 273 15.12 -7.17 34.29
N PHE C 274 14.00 -7.51 34.92
CA PHE C 274 13.47 -8.89 34.99
C PHE C 274 12.23 -9.00 34.09
N ALA C 275 12.28 -9.86 33.08
CA ALA C 275 11.18 -10.03 32.10
C ALA C 275 10.12 -10.94 32.71
N HIS C 276 8.85 -10.56 32.50
CA HIS C 276 7.61 -11.37 32.73
C HIS C 276 7.07 -11.10 34.13
N CYS C 277 7.74 -11.68 35.14
CA CYS C 277 7.35 -11.58 36.57
C CYS C 277 5.84 -11.80 36.70
N VAL C 278 5.33 -12.87 36.08
CA VAL C 278 3.89 -13.27 36.13
C VAL C 278 3.62 -13.90 37.51
N HIS C 279 4.52 -14.75 38.01
CA HIS C 279 4.31 -15.54 39.25
C HIS C 279 5.34 -15.11 40.29
N LEU C 280 5.16 -13.92 40.86
CA LEU C 280 6.03 -13.38 41.94
C LEU C 280 5.40 -13.74 43.30
N GLU C 281 6.20 -14.16 44.28
CA GLU C 281 5.74 -14.25 45.70
C GLU C 281 5.74 -12.82 46.29
N GLU C 282 4.96 -12.59 47.35
CA GLU C 282 4.92 -11.32 48.13
C GLU C 282 6.36 -10.89 48.47
N LYS C 283 7.16 -11.78 49.06
CA LYS C 283 8.60 -11.56 49.39
C LYS C 283 9.34 -11.06 48.12
N GLU C 284 9.05 -11.61 46.94
CA GLU C 284 9.78 -11.26 45.69
C GLU C 284 9.37 -9.85 45.25
N TRP C 285 8.08 -9.52 45.27
CA TRP C 285 7.57 -8.14 44.99
C TRP C 285 8.34 -7.11 45.85
N ASP C 286 8.49 -7.38 47.14
CA ASP C 286 9.13 -6.45 48.12
C ASP C 286 10.62 -6.32 47.82
N ARG C 287 11.29 -7.43 47.48
CA ARG C 287 12.74 -7.45 47.12
C ARG C 287 12.97 -6.55 45.88
N LEU C 288 12.17 -6.70 44.83
CA LEU C 288 12.31 -5.89 43.59
C LEU C 288 12.17 -4.40 43.94
N SER C 289 11.18 -4.09 44.80
CA SER C 289 10.89 -2.74 45.35
C SER C 289 12.11 -2.20 46.10
N GLU C 290 12.57 -2.92 47.12
CA GLU C 290 13.74 -2.53 47.97
C GLU C 290 14.97 -2.33 47.08
N THR C 291 15.26 -3.26 46.15
CA THR C 291 16.46 -3.23 45.26
C THR C 291 16.33 -2.11 44.22
N LYS C 292 15.12 -1.60 43.97
CA LYS C 292 14.88 -0.60 42.90
C LYS C 292 15.15 -1.27 41.54
N SER C 293 14.80 -2.56 41.42
CA SER C 293 14.92 -3.39 40.20
C SER C 293 13.67 -3.15 39.35
N SER C 294 13.71 -3.50 38.05
CA SER C 294 12.65 -3.16 37.07
C SER C 294 12.01 -4.44 36.53
N ILE C 295 10.71 -4.39 36.23
CA ILE C 295 9.95 -5.47 35.53
C ILE C 295 9.72 -5.06 34.06
N ALA C 296 9.85 -6.01 33.14
CA ALA C 296 9.38 -5.88 31.74
C ALA C 296 8.09 -6.71 31.64
N PHE C 297 6.97 -6.02 31.51
CA PHE C 297 5.61 -6.60 31.32
C PHE C 297 5.47 -6.97 29.84
N CYS C 298 5.24 -8.25 29.54
CA CYS C 298 5.23 -8.84 28.19
C CYS C 298 3.89 -9.52 27.95
N PRO C 299 2.79 -8.76 27.86
CA PRO C 299 1.46 -9.36 27.83
C PRO C 299 1.25 -10.35 26.66
N THR C 300 1.74 -9.99 25.47
CA THR C 300 1.50 -10.78 24.23
C THR C 300 2.05 -12.20 24.40
N SER C 301 3.31 -12.35 24.81
CA SER C 301 3.90 -13.70 25.05
C SER C 301 3.18 -14.34 26.23
N ASN C 302 2.85 -13.57 27.27
CA ASN C 302 2.19 -14.16 28.46
C ASN C 302 0.89 -14.83 28.00
N LEU C 303 0.19 -14.28 26.99
CA LEU C 303 -1.10 -14.85 26.52
C LEU C 303 -0.81 -16.01 25.56
N TYR C 304 0.18 -15.86 24.68
CA TYR C 304 0.44 -16.87 23.63
C TYR C 304 0.88 -18.21 24.26
N LEU C 305 1.64 -18.13 25.35
CA LEU C 305 2.20 -19.32 26.03
C LEU C 305 1.35 -19.67 27.26
N GLY C 306 0.27 -18.92 27.50
CA GLY C 306 -0.65 -19.16 28.61
C GLY C 306 0.06 -19.07 29.95
N SER C 307 1.06 -18.18 30.06
CA SER C 307 1.89 -17.98 31.26
C SER C 307 1.07 -17.36 32.40
N GLY C 308 0.07 -16.53 32.07
CA GLY C 308 -0.84 -15.89 33.05
C GLY C 308 -0.90 -14.40 32.86
N LEU C 309 -1.37 -13.69 33.88
CA LEU C 309 -1.81 -12.27 33.81
C LEU C 309 -0.95 -11.45 34.78
N PHE C 310 -0.10 -10.56 34.28
CA PHE C 310 0.79 -9.72 35.13
C PHE C 310 -0.06 -8.78 35.96
N ASN C 311 0.23 -8.70 37.25
CA ASN C 311 -0.52 -7.88 38.24
C ASN C 311 0.09 -6.47 38.28
N LEU C 312 -0.23 -5.65 37.29
CA LEU C 312 0.22 -4.23 37.21
C LEU C 312 -0.26 -3.47 38.43
N LYS C 313 -1.46 -3.77 38.96
CA LYS C 313 -2.01 -3.09 40.17
C LYS C 313 -1.01 -3.24 41.32
N LYS C 314 -0.55 -4.47 41.54
CA LYS C 314 0.37 -4.79 42.65
C LYS C 314 1.68 -4.03 42.44
N ALA C 315 2.16 -3.88 41.20
CA ALA C 315 3.45 -3.20 40.89
C ALA C 315 3.35 -1.73 41.31
N TRP C 316 2.19 -1.12 41.04
CA TRP C 316 1.87 0.26 41.48
C TRP C 316 1.89 0.30 43.01
N GLN C 317 1.09 -0.54 43.67
CA GLN C 317 1.05 -0.66 45.15
C GLN C 317 2.50 -0.76 45.66
N LYS C 318 3.36 -1.58 45.04
CA LYS C 318 4.71 -1.90 45.57
C LYS C 318 5.75 -0.89 45.04
N LYS C 319 5.33 0.08 44.22
CA LYS C 319 6.22 1.16 43.70
C LYS C 319 7.37 0.53 42.91
N VAL C 320 7.08 -0.49 42.09
CA VAL C 320 8.09 -1.17 41.19
C VAL C 320 7.97 -0.60 39.77
N LYS C 321 9.06 -0.07 39.22
CA LYS C 321 9.13 0.38 37.81
C LYS C 321 8.75 -0.79 36.88
N VAL C 322 7.80 -0.53 35.97
CA VAL C 322 7.40 -1.44 34.87
C VAL C 322 7.58 -0.71 33.53
N GLY C 323 8.16 -1.43 32.56
CA GLY C 323 8.15 -1.06 31.13
C GLY C 323 7.46 -2.13 30.30
N MET C 324 7.09 -1.83 29.06
CA MET C 324 6.43 -2.79 28.16
C MET C 324 7.53 -3.47 27.34
N GLY C 325 7.41 -4.80 27.20
CA GLY C 325 8.23 -5.62 26.29
C GLY C 325 7.37 -6.37 25.28
N THR C 326 7.86 -6.47 24.04
CA THR C 326 7.22 -7.23 22.94
C THR C 326 7.55 -8.71 23.08
N ASP C 327 8.69 -9.02 23.70
CA ASP C 327 9.24 -10.40 23.81
C ASP C 327 9.13 -11.07 22.44
N ILE C 328 9.49 -10.34 21.40
CA ILE C 328 9.56 -10.93 20.04
C ILE C 328 10.41 -12.20 20.16
N GLY C 329 10.02 -13.10 19.27
CA GLY C 329 9.99 -14.55 19.39
C GLY C 329 8.61 -14.99 19.81
N ALA C 330 8.40 -15.00 21.12
CA ALA C 330 7.23 -15.58 21.80
C ALA C 330 6.02 -14.66 21.57
N GLY C 331 6.25 -13.35 21.57
CA GLY C 331 5.25 -12.34 21.17
C GLY C 331 5.24 -12.21 19.67
N THR C 332 4.12 -11.78 19.09
CA THR C 332 3.89 -11.91 17.62
C THR C 332 4.05 -10.57 16.89
N THR C 333 4.34 -9.47 17.60
CA THR C 333 4.36 -8.12 17.04
C THR C 333 5.49 -7.30 17.70
N PHE C 334 6.13 -6.48 16.87
CA PHE C 334 7.09 -5.41 17.25
C PHE C 334 6.36 -4.15 17.72
N ASN C 335 5.05 -4.09 17.49
CA ASN C 335 4.28 -2.83 17.61
C ASN C 335 3.89 -2.57 19.07
N MET C 336 4.28 -1.42 19.57
CA MET C 336 4.00 -1.01 20.97
C MET C 336 2.51 -0.69 21.14
N LEU C 337 1.82 -0.22 20.11
CA LEU C 337 0.37 0.07 20.24
C LEU C 337 -0.38 -1.25 20.44
N GLN C 338 -0.11 -2.28 19.62
CA GLN C 338 -0.71 -3.63 19.76
C GLN C 338 -0.33 -4.23 21.12
N THR C 339 0.89 -3.97 21.60
CA THR C 339 1.38 -4.48 22.91
C THR C 339 0.53 -3.88 24.02
N LEU C 340 0.25 -2.59 23.94
CA LEU C 340 -0.61 -1.89 24.93
C LEU C 340 -2.02 -2.43 24.81
N ASN C 341 -2.47 -2.74 23.61
CA ASN C 341 -3.82 -3.36 23.41
C ASN C 341 -3.85 -4.69 24.19
N GLU C 342 -2.78 -5.48 24.20
CA GLU C 342 -2.76 -6.82 24.84
C GLU C 342 -2.73 -6.61 26.36
N ALA C 343 -2.02 -5.57 26.79
CA ALA C 343 -1.93 -5.16 28.20
C ALA C 343 -3.36 -4.84 28.67
N TYR C 344 -4.11 -4.06 27.91
CA TYR C 344 -5.53 -3.71 28.19
C TYR C 344 -6.34 -4.99 28.41
N LYS C 345 -6.12 -6.00 27.57
CA LYS C 345 -6.90 -7.27 27.57
C LYS C 345 -6.49 -8.09 28.82
N VAL C 346 -5.19 -8.25 29.06
CA VAL C 346 -4.66 -8.97 30.25
C VAL C 346 -5.23 -8.30 31.51
N LEU C 347 -5.30 -6.98 31.54
CA LEU C 347 -5.73 -6.25 32.76
C LEU C 347 -7.26 -6.31 32.90
N GLN C 348 -8.03 -6.29 31.82
CA GLN C 348 -9.51 -6.34 31.95
C GLN C 348 -9.91 -7.67 32.59
N LEU C 349 -9.16 -8.74 32.31
CA LEU C 349 -9.43 -10.09 32.87
C LEU C 349 -9.20 -10.08 34.38
N GLN C 350 -8.47 -9.08 34.89
CA GLN C 350 -8.22 -8.93 36.34
C GLN C 350 -9.10 -7.80 36.92
N GLY C 351 -10.13 -7.38 36.18
CA GLY C 351 -11.01 -6.25 36.57
C GLY C 351 -10.23 -4.96 36.78
N TYR C 352 -9.08 -4.79 36.12
CA TYR C 352 -8.27 -3.55 36.15
C TYR C 352 -8.47 -2.81 34.83
N ARG C 353 -8.88 -1.53 34.90
CA ARG C 353 -9.21 -0.74 33.69
C ARG C 353 -8.01 0.15 33.38
N LEU C 354 -7.26 -0.16 32.32
CA LEU C 354 -6.04 0.59 31.92
C LEU C 354 -6.51 1.79 31.13
N SER C 355 -6.32 2.99 31.67
CA SER C 355 -6.56 4.27 30.95
C SER C 355 -5.55 4.42 29.81
N ALA C 356 -5.94 5.16 28.78
CA ALA C 356 -5.05 5.57 27.66
C ALA C 356 -3.83 6.32 28.21
N TYR C 357 -4.01 7.05 29.32
CA TYR C 357 -2.95 7.90 29.91
C TYR C 357 -1.85 7.00 30.43
N GLU C 358 -2.27 5.95 31.12
CA GLU C 358 -1.38 4.96 31.74
C GLU C 358 -0.69 4.16 30.63
N ALA C 359 -1.43 3.73 29.61
CA ALA C 359 -0.84 3.01 28.44
C ALA C 359 0.23 3.89 27.79
N PHE C 360 -0.08 5.16 27.54
CA PHE C 360 0.84 6.11 26.85
C PHE C 360 2.09 6.36 27.69
N TYR C 361 1.91 6.37 29.01
CA TYR C 361 3.00 6.58 30.00
C TYR C 361 3.96 5.38 29.95
N LEU C 362 3.40 4.16 30.02
CA LEU C 362 4.15 2.88 29.97
C LEU C 362 4.97 2.78 28.67
N ALA C 363 4.43 3.20 27.53
CA ALA C 363 5.07 3.13 26.21
C ALA C 363 6.22 4.14 26.06
N THR C 364 6.21 5.22 26.85
CA THR C 364 7.15 6.36 26.65
C THR C 364 7.99 6.59 27.91
N LEU C 365 7.68 7.63 28.68
CA LEU C 365 8.54 8.06 29.81
C LEU C 365 8.58 6.97 30.90
N GLY C 366 7.48 6.23 31.10
CA GLY C 366 7.41 5.13 32.09
C GLY C 366 8.44 4.04 31.76
N GLY C 367 8.49 3.61 30.50
CA GLY C 367 9.44 2.59 30.03
C GLY C 367 10.87 3.11 30.10
N ALA C 368 11.06 4.36 29.72
CA ALA C 368 12.35 5.06 29.82
C ALA C 368 12.78 5.02 31.31
N LYS C 369 11.87 5.30 32.25
CA LYS C 369 12.19 5.21 33.72
C LYS C 369 12.62 3.78 34.05
N SER C 370 11.87 2.76 33.59
CA SER C 370 12.18 1.32 33.87
C SER C 370 13.61 0.97 33.39
N LEU C 371 14.13 1.60 32.33
CA LEU C 371 15.48 1.32 31.78
C LEU C 371 16.52 2.29 32.39
N GLY C 372 16.09 3.21 33.27
CA GLY C 372 16.95 4.28 33.82
C GLY C 372 17.45 5.23 32.74
N LEU C 373 16.64 5.52 31.73
CA LEU C 373 17.06 6.41 30.61
C LEU C 373 16.17 7.65 30.59
N ASP C 374 15.37 7.88 31.64
CA ASP C 374 14.35 8.96 31.63
C ASP C 374 15.00 10.34 31.73
N ASP C 375 16.30 10.43 32.07
CA ASP C 375 17.04 11.72 32.05
C ASP C 375 17.52 11.99 30.62
N LEU C 376 17.39 11.01 29.71
CA LEU C 376 17.97 11.09 28.35
C LEU C 376 16.86 11.17 27.29
N ILE C 377 15.75 10.46 27.51
CA ILE C 377 14.67 10.30 26.50
C ILE C 377 13.32 10.35 27.20
N GLY C 378 12.24 10.37 26.45
CA GLY C 378 10.92 9.94 26.94
C GLY C 378 9.89 11.06 26.96
N ASN C 379 10.31 12.29 26.67
CA ASN C 379 9.39 13.45 26.48
C ASN C 379 10.14 14.57 25.73
N PHE C 380 9.53 15.73 25.56
CA PHE C 380 10.08 16.83 24.75
C PHE C 380 10.70 17.93 25.63
N LEU C 381 11.09 17.61 26.88
CA LEU C 381 11.82 18.57 27.75
C LEU C 381 13.10 18.98 27.07
N PRO C 382 13.47 20.28 27.15
CA PRO C 382 14.77 20.77 26.67
C PRO C 382 15.94 19.87 27.10
N GLY C 383 16.87 19.61 26.19
CA GLY C 383 18.07 18.81 26.46
C GLY C 383 17.86 17.33 26.22
N LYS C 384 16.61 16.85 26.09
CA LYS C 384 16.32 15.42 25.85
C LYS C 384 16.81 15.05 24.45
N GLU C 385 17.23 13.81 24.28
CA GLU C 385 17.59 13.23 22.96
C GLU C 385 16.34 13.22 22.07
N ALA C 386 16.49 13.72 20.84
CA ALA C 386 15.39 13.93 19.87
C ALA C 386 15.05 12.61 19.16
N ASP C 387 14.50 11.64 19.90
CA ASP C 387 13.87 10.43 19.34
C ASP C 387 12.35 10.61 19.40
N PHE C 388 11.64 10.64 18.28
CA PHE C 388 10.17 10.84 18.27
C PHE C 388 9.53 10.20 17.03
N VAL C 389 8.20 10.07 17.07
CA VAL C 389 7.38 9.31 16.11
C VAL C 389 6.23 10.19 15.61
N VAL C 390 6.10 10.33 14.30
CA VAL C 390 4.91 10.99 13.70
C VAL C 390 3.87 9.89 13.46
N MET C 391 2.74 10.02 14.14
CA MET C 391 1.67 9.01 14.17
C MET C 391 0.41 9.55 13.48
N GLU C 392 -0.40 8.64 12.95
CA GLU C 392 -1.78 8.96 12.48
C GLU C 392 -2.66 7.74 12.59
N PRO C 393 -3.98 7.92 12.79
CA PRO C 393 -4.91 6.79 12.88
C PRO C 393 -5.41 6.18 11.55
N THR C 394 -4.51 5.82 10.63
CA THR C 394 -4.89 5.43 9.24
C THR C 394 -4.67 3.94 8.99
N ALA C 395 -4.38 3.17 10.04
CA ALA C 395 -3.99 1.75 10.00
C ALA C 395 -5.06 0.91 9.30
N THR C 396 -6.32 1.13 9.67
CA THR C 396 -7.53 0.53 9.07
C THR C 396 -8.48 1.69 8.80
N PRO C 397 -9.45 1.53 7.86
CA PRO C 397 -10.49 2.53 7.73
C PRO C 397 -11.27 2.62 9.05
N LEU C 398 -11.37 1.52 9.80
CA LEU C 398 -12.07 1.47 11.10
C LEU C 398 -11.37 2.36 12.12
N GLN C 399 -10.04 2.42 12.12
CA GLN C 399 -9.28 3.32 13.03
C GLN C 399 -9.61 4.79 12.68
N GLN C 400 -9.64 5.16 11.39
CA GLN C 400 -9.91 6.57 10.99
C GLN C 400 -11.34 6.87 11.45
N LEU C 401 -12.26 5.96 11.19
CA LEU C 401 -13.68 6.12 11.59
C LEU C 401 -13.76 6.35 13.10
N ARG C 402 -13.13 5.53 13.92
CA ARG C 402 -13.31 5.61 15.40
C ARG C 402 -12.64 6.89 15.91
N TYR C 403 -11.54 7.30 15.29
CA TYR C 403 -10.77 8.50 15.74
C TYR C 403 -11.62 9.73 15.41
N ASP C 404 -12.12 9.84 14.18
CA ASP C 404 -13.08 10.87 13.72
C ASP C 404 -14.27 10.97 14.69
N ASN C 405 -14.68 9.88 15.31
CA ASN C 405 -15.92 9.87 16.16
C ASN C 405 -15.54 10.10 17.62
N SER C 406 -14.25 10.22 17.93
CA SER C 406 -13.72 10.53 19.28
C SER C 406 -13.72 12.04 19.49
N VAL C 407 -14.28 12.52 20.60
CA VAL C 407 -14.28 13.98 20.96
C VAL C 407 -13.06 14.32 21.83
N SER C 408 -12.80 13.55 22.89
CA SER C 408 -11.79 13.88 23.93
C SER C 408 -10.38 13.46 23.48
N LEU C 409 -9.34 14.06 24.07
CA LEU C 409 -7.93 13.61 23.87
C LEU C 409 -7.83 12.17 24.35
N VAL C 410 -8.41 11.83 25.51
CA VAL C 410 -8.34 10.45 26.09
C VAL C 410 -8.90 9.44 25.06
N ASP C 411 -10.00 9.78 24.39
CA ASP C 411 -10.67 8.86 23.43
C ASP C 411 -9.78 8.70 22.19
N LYS C 412 -9.22 9.79 21.67
CA LYS C 412 -8.26 9.75 20.53
C LYS C 412 -7.04 8.91 20.90
N LEU C 413 -6.44 9.14 22.07
CA LEU C 413 -5.26 8.34 22.50
C LEU C 413 -5.67 6.86 22.58
N PHE C 414 -6.91 6.60 22.99
CA PHE C 414 -7.43 5.24 23.16
C PHE C 414 -7.56 4.56 21.79
N VAL C 415 -8.06 5.28 20.79
CA VAL C 415 -8.20 4.75 19.41
C VAL C 415 -6.80 4.41 18.85
N MET C 416 -5.75 5.18 19.17
CA MET C 416 -4.37 4.83 18.74
C MET C 416 -3.92 3.48 19.34
N MET C 417 -4.16 3.23 20.63
CA MET C 417 -3.79 1.97 21.33
C MET C 417 -4.66 0.80 20.82
N THR C 418 -5.97 1.00 20.68
CA THR C 418 -6.97 -0.08 20.51
C THR C 418 -7.02 -0.59 19.06
N LEU C 419 -6.74 0.25 18.06
CA LEU C 419 -6.81 -0.13 16.62
C LEU C 419 -5.49 0.19 15.90
N GLY C 420 -4.44 0.57 16.61
CA GLY C 420 -3.13 0.88 15.98
C GLY C 420 -2.36 -0.36 15.56
N ASP C 421 -1.64 -0.26 14.44
CA ASP C 421 -0.56 -1.21 14.07
C ASP C 421 0.56 -0.38 13.47
N ASP C 422 1.48 -1.01 12.73
CA ASP C 422 2.65 -0.32 12.11
C ASP C 422 2.16 0.79 11.15
N ARG C 423 1.00 0.66 10.55
CA ARG C 423 0.55 1.64 9.53
C ARG C 423 0.26 2.99 10.19
N SER C 424 0.08 3.02 11.51
CA SER C 424 -0.14 4.25 12.29
C SER C 424 1.16 5.05 12.40
N ILE C 425 2.32 4.45 12.15
CA ILE C 425 3.63 5.11 12.24
C ILE C 425 3.93 5.68 10.85
N TYR C 426 3.90 7.00 10.71
CA TYR C 426 4.14 7.74 9.45
C TYR C 426 5.64 7.99 9.32
N ARG C 427 6.31 8.41 10.41
CA ARG C 427 7.74 8.82 10.37
C ARG C 427 8.38 8.52 11.71
N THR C 428 9.66 8.13 11.69
CA THR C 428 10.41 7.90 12.96
C THR C 428 11.70 8.71 12.89
N TYR C 429 11.97 9.45 13.96
CA TYR C 429 13.18 10.30 14.12
C TYR C 429 14.03 9.67 15.23
N VAL C 430 15.31 9.45 14.94
CA VAL C 430 16.34 8.99 15.91
C VAL C 430 17.47 10.00 15.86
N ASP C 431 17.89 10.47 17.03
CA ASP C 431 19.04 11.39 17.19
C ASP C 431 18.77 12.62 16.33
N GLY C 432 17.51 13.06 16.28
CA GLY C 432 17.09 14.30 15.60
C GLY C 432 17.10 14.20 14.08
N ARG C 433 17.22 12.99 13.52
CA ARG C 433 17.29 12.74 12.06
C ARG C 433 16.15 11.80 11.64
N LEU C 434 15.57 12.02 10.46
CA LEU C 434 14.52 11.16 9.87
C LEU C 434 15.16 9.84 9.45
N VAL C 435 14.81 8.71 10.08
CA VAL C 435 15.46 7.41 9.78
C VAL C 435 14.44 6.41 9.22
N TYR C 436 13.17 6.76 9.11
CA TYR C 436 12.12 5.87 8.56
C TYR C 436 10.94 6.70 8.08
N GLU C 437 10.47 6.46 6.85
CA GLU C 437 9.17 6.92 6.29
C GLU C 437 8.37 5.70 5.89
N ARG C 438 7.06 5.66 6.19
CA ARG C 438 6.11 4.65 5.64
C ARG C 438 6.07 4.78 4.10
N ASN C 439 6.25 3.68 3.37
CA ASN C 439 6.77 3.66 1.96
C ASN C 439 8.16 2.97 1.96
N GLU D 5 -25.76 -18.60 -17.66
CA GLU D 5 -25.87 -20.06 -17.50
C GLU D 5 -24.82 -20.75 -18.37
N HIS D 6 -23.71 -20.08 -18.68
CA HIS D 6 -22.86 -20.40 -19.86
C HIS D 6 -21.36 -20.46 -19.52
N THR D 7 -20.64 -19.33 -19.46
CA THR D 7 -19.16 -19.30 -19.61
C THR D 7 -18.48 -19.76 -18.31
N LEU D 8 -17.26 -20.26 -18.48
CA LEU D 8 -16.32 -20.58 -17.39
C LEU D 8 -15.52 -19.34 -16.99
N LYS D 9 -15.17 -19.27 -15.71
CA LYS D 9 -13.95 -18.57 -15.21
C LYS D 9 -12.96 -19.61 -14.67
N ALA D 10 -11.67 -19.35 -14.79
CA ALA D 10 -10.59 -20.30 -14.49
C ALA D 10 -9.61 -19.63 -13.51
N VAL D 11 -9.46 -20.20 -12.32
CA VAL D 11 -8.65 -19.63 -11.21
C VAL D 11 -7.59 -20.64 -10.81
N ARG D 12 -6.35 -20.19 -10.74
CA ARG D 12 -5.13 -21.01 -10.54
C ARG D 12 -4.39 -20.53 -9.30
N GLY D 13 -3.88 -21.45 -8.50
CA GLY D 13 -3.04 -21.15 -7.33
C GLY D 13 -3.05 -22.31 -6.34
N SER D 14 -2.68 -22.06 -5.09
CA SER D 14 -2.67 -23.10 -4.04
C SER D 14 -3.96 -22.96 -3.24
N PHE D 15 -4.69 -24.06 -3.03
CA PHE D 15 -6.00 -24.05 -2.37
C PHE D 15 -5.91 -24.84 -1.05
N ILE D 16 -6.64 -24.40 -0.05
CA ILE D 16 -6.89 -25.12 1.22
C ILE D 16 -8.38 -25.07 1.51
N ASP D 17 -8.98 -26.21 1.83
CA ASP D 17 -10.36 -26.32 2.35
C ASP D 17 -10.50 -27.56 3.22
N VAL D 18 -11.57 -27.60 3.98
CA VAL D 18 -12.04 -28.81 4.68
C VAL D 18 -13.18 -29.41 3.87
N THR D 19 -13.08 -30.70 3.55
CA THR D 19 -13.92 -31.37 2.54
C THR D 19 -15.19 -31.92 3.18
N ARG D 20 -15.30 -31.95 4.50
CA ARG D 20 -16.52 -32.47 5.19
C ARG D 20 -16.57 -31.98 6.63
N THR D 21 -17.77 -31.80 7.18
CA THR D 21 -17.97 -31.46 8.62
C THR D 21 -17.55 -32.66 9.47
N ILE D 22 -17.19 -32.42 10.74
CA ILE D 22 -16.65 -33.48 11.63
C ILE D 22 -17.20 -33.26 13.04
N ASP D 23 -16.95 -34.20 13.96
CA ASP D 23 -17.53 -34.26 15.34
C ASP D 23 -16.46 -33.94 16.40
N ASN D 24 -15.19 -34.28 16.14
CA ASN D 24 -14.03 -34.11 17.05
C ASN D 24 -12.99 -33.23 16.35
N PRO D 25 -12.26 -32.38 17.09
CA PRO D 25 -11.18 -31.61 16.48
C PRO D 25 -10.09 -32.50 15.86
N GLU D 26 -9.80 -33.67 16.49
CA GLU D 26 -8.77 -34.65 16.05
C GLU D 26 -9.03 -35.09 14.59
N GLU D 27 -10.29 -35.05 14.14
CA GLU D 27 -10.70 -35.52 12.80
C GLU D 27 -10.45 -34.47 11.70
N ILE D 28 -10.20 -33.20 12.05
CA ILE D 28 -10.16 -32.09 11.04
C ILE D 28 -8.98 -32.31 10.08
N ALA D 29 -7.79 -32.60 10.64
CA ALA D 29 -6.56 -32.79 9.84
C ALA D 29 -6.87 -33.77 8.67
N SER D 30 -7.64 -34.83 8.91
CA SER D 30 -7.98 -35.85 7.88
C SER D 30 -8.84 -35.23 6.77
N ALA D 31 -9.64 -34.22 7.06
CA ALA D 31 -10.58 -33.62 6.05
C ALA D 31 -9.95 -32.37 5.41
N LEU D 32 -8.76 -31.98 5.84
CA LEU D 32 -8.10 -30.75 5.34
C LEU D 32 -7.31 -31.11 4.09
N ARG D 33 -7.54 -30.36 3.02
CA ARG D 33 -7.08 -30.66 1.64
C ARG D 33 -6.24 -29.44 1.20
N PHE D 34 -5.01 -29.71 0.78
CA PHE D 34 -4.05 -28.75 0.23
C PHE D 34 -3.73 -29.15 -1.22
N ILE D 35 -4.00 -28.27 -2.16
CA ILE D 35 -3.68 -28.49 -3.60
C ILE D 35 -2.73 -27.36 -3.97
N GLU D 36 -1.44 -27.66 -4.10
CA GLU D 36 -0.39 -26.65 -4.34
C GLU D 36 -0.63 -26.02 -5.72
N ASP D 37 -0.92 -26.86 -6.72
CA ASP D 37 -1.03 -26.45 -8.13
C ASP D 37 -2.46 -26.72 -8.61
N GLY D 38 -3.42 -25.99 -8.03
CA GLY D 38 -4.85 -26.21 -8.23
C GLY D 38 -5.43 -25.35 -9.34
N LEU D 39 -6.61 -25.78 -9.80
CA LEU D 39 -7.41 -25.07 -10.80
C LEU D 39 -8.86 -25.12 -10.34
N LEU D 40 -9.50 -23.97 -10.19
CA LEU D 40 -10.93 -23.86 -9.84
C LEU D 40 -11.63 -23.26 -11.07
N LEU D 41 -12.61 -24.01 -11.58
CA LEU D 41 -13.48 -23.57 -12.71
C LEU D 41 -14.82 -23.15 -12.12
N ILE D 42 -15.30 -21.98 -12.52
CA ILE D 42 -16.56 -21.41 -11.99
C ILE D 42 -17.56 -21.31 -13.14
N LYS D 43 -18.79 -21.76 -12.91
CA LYS D 43 -19.94 -21.60 -13.83
C LYS D 43 -21.17 -21.27 -12.99
N GLN D 44 -21.91 -20.22 -13.37
CA GLN D 44 -23.17 -19.79 -12.70
C GLN D 44 -22.96 -19.61 -11.19
N GLY D 45 -21.89 -18.92 -10.76
CA GLY D 45 -21.65 -18.60 -9.34
C GLY D 45 -21.35 -19.82 -8.48
N LYS D 46 -21.00 -20.94 -9.11
CA LYS D 46 -20.74 -22.19 -8.38
C LYS D 46 -19.42 -22.79 -8.85
N VAL D 47 -18.87 -23.67 -8.04
CA VAL D 47 -17.71 -24.51 -8.45
C VAL D 47 -18.21 -25.58 -9.42
N GLU D 48 -17.75 -25.45 -10.68
CA GLU D 48 -17.98 -26.38 -11.80
C GLU D 48 -17.06 -27.58 -11.64
N TRP D 49 -15.77 -27.31 -11.43
CA TRP D 49 -14.68 -28.30 -11.41
C TRP D 49 -13.59 -27.81 -10.46
N PHE D 50 -12.95 -28.71 -9.76
CA PHE D 50 -11.85 -28.36 -8.85
C PHE D 50 -10.87 -29.51 -8.82
N GLY D 51 -9.59 -29.24 -8.86
CA GLY D 51 -8.56 -30.29 -8.78
C GLY D 51 -7.23 -29.77 -9.28
N GLU D 52 -6.38 -30.67 -9.74
CA GLU D 52 -5.02 -30.34 -10.23
C GLU D 52 -5.12 -29.55 -11.54
N TRP D 53 -4.30 -28.51 -11.66
CA TRP D 53 -3.99 -27.81 -12.92
C TRP D 53 -3.82 -28.79 -14.08
N GLU D 54 -2.89 -29.76 -13.97
CA GLU D 54 -2.51 -30.68 -15.07
C GLU D 54 -3.72 -31.54 -15.49
N ASN D 55 -4.63 -31.87 -14.57
CA ASN D 55 -5.83 -32.71 -14.80
C ASN D 55 -6.96 -31.90 -15.47
N GLY D 56 -7.00 -30.57 -15.29
CA GLY D 56 -8.19 -29.73 -15.57
C GLY D 56 -7.98 -28.68 -16.65
N LYS D 57 -6.73 -28.32 -16.95
CA LYS D 57 -6.42 -27.16 -17.82
C LYS D 57 -6.98 -27.36 -19.23
N HIS D 58 -7.14 -28.61 -19.68
CA HIS D 58 -7.65 -28.94 -21.04
C HIS D 58 -9.08 -28.41 -21.20
N GLN D 59 -9.82 -28.26 -20.09
CA GLN D 59 -11.22 -27.73 -20.10
C GLN D 59 -11.24 -26.21 -20.37
N ILE D 60 -10.09 -25.52 -20.32
CA ILE D 60 -10.06 -24.04 -20.41
C ILE D 60 -10.10 -23.65 -21.89
N PRO D 61 -11.21 -23.08 -22.41
CA PRO D 61 -11.24 -22.61 -23.79
C PRO D 61 -10.32 -21.40 -23.97
N ASP D 62 -9.83 -21.17 -25.19
CA ASP D 62 -8.87 -20.06 -25.47
C ASP D 62 -9.61 -18.71 -25.39
N THR D 63 -10.93 -18.68 -25.32
CA THR D 63 -11.75 -17.44 -25.24
C THR D 63 -11.63 -16.78 -23.85
N ILE D 64 -11.03 -17.45 -22.84
CA ILE D 64 -10.90 -16.94 -21.45
C ILE D 64 -9.42 -16.94 -21.02
N ARG D 65 -9.06 -15.99 -20.17
CA ARG D 65 -7.75 -15.89 -19.49
C ARG D 65 -7.84 -16.69 -18.20
N VAL D 66 -6.81 -17.43 -17.86
CA VAL D 66 -6.63 -17.94 -16.47
C VAL D 66 -6.24 -16.77 -15.56
N ARG D 67 -6.95 -16.62 -14.43
CA ARG D 67 -6.61 -15.70 -13.33
C ARG D 67 -5.57 -16.38 -12.47
N ASP D 68 -4.31 -15.98 -12.62
CA ASP D 68 -3.13 -16.71 -12.10
C ASP D 68 -2.75 -16.11 -10.75
N TYR D 69 -3.03 -16.82 -9.65
CA TYR D 69 -2.76 -16.39 -8.25
C TYR D 69 -1.70 -17.31 -7.63
N ARG D 70 -0.85 -17.91 -8.44
CA ARG D 70 0.29 -18.72 -7.93
C ARG D 70 1.16 -17.85 -7.05
N GLY D 71 1.58 -18.41 -5.92
CA GLY D 71 2.27 -17.68 -4.84
C GLY D 71 1.30 -17.24 -3.77
N LYS D 72 -0.01 -17.31 -4.02
CA LYS D 72 -1.05 -16.98 -3.03
C LYS D 72 -1.70 -18.25 -2.54
N LEU D 73 -2.36 -18.17 -1.37
CA LEU D 73 -3.22 -19.22 -0.82
C LEU D 73 -4.69 -18.82 -1.07
N ILE D 74 -5.52 -19.73 -1.59
CA ILE D 74 -6.96 -19.50 -1.89
C ILE D 74 -7.75 -20.34 -0.91
N VAL D 75 -8.62 -19.71 -0.15
CA VAL D 75 -9.44 -20.39 0.89
C VAL D 75 -10.91 -20.05 0.66
N PRO D 76 -11.84 -20.82 1.23
CA PRO D 76 -13.24 -20.45 1.15
C PRO D 76 -13.44 -19.19 2.00
N GLY D 77 -14.45 -18.40 1.64
CA GLY D 77 -14.75 -17.14 2.31
C GLY D 77 -15.04 -17.40 3.76
N PHE D 78 -14.54 -16.53 4.62
CA PHE D 78 -14.69 -16.63 6.08
C PHE D 78 -16.16 -16.35 6.45
N VAL D 79 -16.61 -17.01 7.51
CA VAL D 79 -17.99 -16.92 8.03
C VAL D 79 -17.95 -16.28 9.41
N ASP D 80 -18.56 -15.11 9.55
CA ASP D 80 -18.64 -14.32 10.79
C ASP D 80 -20.05 -14.51 11.37
N THR D 81 -20.18 -15.25 12.46
CA THR D 81 -21.50 -15.74 12.95
C THR D 81 -22.11 -14.81 13.99
N HIS D 82 -21.45 -13.69 14.34
CA HIS D 82 -22.04 -12.65 15.21
C HIS D 82 -21.34 -11.32 14.98
N ILE D 83 -22.03 -10.39 14.33
CA ILE D 83 -21.53 -9.00 14.10
C ILE D 83 -22.71 -8.03 14.09
N HIS D 84 -22.51 -6.83 14.65
CA HIS D 84 -23.49 -5.72 14.69
C HIS D 84 -23.12 -4.70 13.61
N TYR D 85 -23.96 -4.55 12.61
CA TYR D 85 -23.74 -3.61 11.47
C TYR D 85 -23.73 -2.16 11.96
N PRO D 86 -24.64 -1.74 12.87
CA PRO D 86 -24.71 -0.32 13.22
C PRO D 86 -23.80 0.12 14.37
N GLN D 87 -22.60 -0.48 14.51
CA GLN D 87 -21.71 -0.23 15.67
C GLN D 87 -20.24 -0.03 15.27
N SER D 88 -19.95 0.12 13.98
CA SER D 88 -18.57 0.29 13.45
C SER D 88 -17.86 1.48 14.17
N GLU D 89 -18.55 2.60 14.40
CA GLU D 89 -17.95 3.86 14.91
C GLU D 89 -17.91 3.91 16.45
N MET D 90 -18.29 2.84 17.16
CA MET D 90 -18.33 2.78 18.65
C MET D 90 -16.92 2.85 19.25
N VAL D 91 -16.70 3.77 20.19
CA VAL D 91 -15.37 4.16 20.79
C VAL D 91 -15.53 4.18 22.32
N GLY D 92 -14.72 3.43 23.06
CA GLY D 92 -14.81 3.32 24.53
C GLY D 92 -14.25 2.01 25.03
N TRP D 101 -22.03 -0.30 29.55
CA TRP D 101 -21.61 -0.21 28.13
C TRP D 101 -22.82 0.15 27.27
N LEU D 102 -23.94 -0.58 27.40
CA LEU D 102 -25.15 -0.45 26.54
C LEU D 102 -25.63 1.00 26.53
N ASN D 103 -25.81 1.60 27.72
CA ASN D 103 -26.40 2.96 27.89
C ASN D 103 -25.41 4.04 27.41
N LYS D 104 -24.09 3.87 27.63
CA LYS D 104 -23.09 4.94 27.35
C LYS D 104 -22.69 4.92 25.86
N HIS D 105 -22.64 3.74 25.22
CA HIS D 105 -21.96 3.51 23.93
C HIS D 105 -22.90 2.90 22.87
N THR D 106 -23.46 1.72 23.12
CA THR D 106 -24.26 0.97 22.13
C THR D 106 -25.47 1.81 21.71
N PHE D 107 -26.34 2.15 22.65
CA PHE D 107 -27.67 2.76 22.39
C PHE D 107 -27.50 4.10 21.68
N PRO D 108 -26.67 5.04 22.20
CA PRO D 108 -26.47 6.32 21.52
C PRO D 108 -25.97 6.16 20.08
N THR D 109 -25.03 5.23 19.85
CA THR D 109 -24.40 5.04 18.53
C THR D 109 -25.46 4.47 17.58
N GLU D 110 -26.25 3.48 18.02
CA GLU D 110 -27.28 2.83 17.18
C GLU D 110 -28.34 3.86 16.79
N ARG D 111 -28.57 4.86 17.64
CA ARG D 111 -29.59 5.93 17.42
C ARG D 111 -29.34 6.63 16.06
N ARG D 112 -28.09 6.80 15.66
CA ARG D 112 -27.74 7.54 14.43
C ARG D 112 -28.32 6.82 13.19
N TYR D 113 -28.61 5.52 13.28
CA TYR D 113 -29.01 4.69 12.11
C TYR D 113 -30.51 4.86 11.84
N GLU D 114 -31.17 5.79 12.55
CA GLU D 114 -32.56 6.23 12.22
C GLU D 114 -32.50 7.07 10.94
N ASP D 115 -31.45 7.86 10.70
CA ASP D 115 -31.25 8.58 9.42
C ASP D 115 -31.01 7.53 8.32
N LEU D 116 -31.92 7.44 7.34
CA LEU D 116 -31.82 6.46 6.21
C LEU D 116 -30.55 6.72 5.39
N GLU D 117 -30.15 7.98 5.19
CA GLU D 117 -28.96 8.33 4.36
C GLU D 117 -27.68 7.90 5.09
N TYR D 118 -27.62 8.07 6.41
CA TYR D 118 -26.53 7.55 7.29
C TYR D 118 -26.50 6.00 7.20
N ALA D 119 -27.64 5.36 7.34
CA ALA D 119 -27.76 3.88 7.26
C ALA D 119 -27.25 3.37 5.91
N ARG D 120 -27.51 4.12 4.83
CA ARG D 120 -27.08 3.75 3.46
C ARG D 120 -25.57 3.86 3.35
N GLU D 121 -25.00 4.98 3.83
CA GLU D 121 -23.54 5.27 3.83
C GLU D 121 -22.85 4.14 4.61
N MET D 122 -23.36 3.81 5.80
CA MET D 122 -22.74 2.84 6.74
C MET D 122 -22.98 1.40 6.26
N SER D 123 -24.08 1.10 5.56
CA SER D 123 -24.26 -0.20 4.87
C SER D 123 -23.10 -0.43 3.89
N ALA D 124 -22.77 0.56 3.07
CA ALA D 124 -21.69 0.47 2.07
C ALA D 124 -20.34 0.26 2.79
N PHE D 125 -20.09 1.02 3.85
CA PHE D 125 -18.86 0.92 4.69
C PHE D 125 -18.80 -0.49 5.28
N PHE D 126 -19.93 -1.00 5.78
CA PHE D 126 -19.96 -2.29 6.51
C PHE D 126 -19.59 -3.42 5.53
N ILE D 127 -20.21 -3.42 4.34
CA ILE D 127 -19.98 -4.49 3.32
C ILE D 127 -18.53 -4.42 2.85
N LYS D 128 -18.01 -3.22 2.64
CA LYS D 128 -16.60 -3.00 2.22
C LYS D 128 -15.70 -3.66 3.26
N GLN D 129 -15.99 -3.49 4.55
CA GLN D 129 -15.09 -3.95 5.66
C GLN D 129 -15.10 -5.48 5.71
N LEU D 130 -16.26 -6.12 5.55
CA LEU D 130 -16.31 -7.59 5.43
C LEU D 130 -15.45 -8.08 4.26
N LEU D 131 -15.66 -7.54 3.04
CA LEU D 131 -14.99 -8.03 1.80
C LEU D 131 -13.48 -7.83 1.90
N ARG D 132 -13.09 -6.64 2.33
CA ARG D 132 -11.66 -6.27 2.53
C ARG D 132 -11.01 -7.26 3.51
N ASN D 133 -11.77 -7.90 4.38
CA ASN D 133 -11.24 -8.84 5.41
C ASN D 133 -11.49 -10.31 5.02
N GLY D 134 -12.06 -10.57 3.85
CA GLY D 134 -12.30 -11.94 3.37
C GLY D 134 -13.52 -12.56 4.00
N THR D 135 -14.39 -11.80 4.65
CA THR D 135 -15.68 -12.34 5.14
C THR D 135 -16.69 -12.28 4.00
N THR D 136 -17.20 -13.41 3.53
CA THR D 136 -18.19 -13.48 2.42
C THR D 136 -19.61 -13.77 2.96
N THR D 137 -19.71 -14.35 4.16
CA THR D 137 -21.01 -14.59 4.85
C THR D 137 -20.93 -14.18 6.33
N ALA D 138 -21.99 -13.52 6.80
CA ALA D 138 -22.10 -13.03 8.19
C ALA D 138 -23.54 -13.15 8.66
N LEU D 139 -23.71 -13.44 9.94
CA LEU D 139 -25.00 -13.37 10.65
C LEU D 139 -25.00 -12.04 11.39
N VAL D 140 -25.84 -11.11 10.95
CA VAL D 140 -25.69 -9.67 11.28
C VAL D 140 -26.85 -9.16 12.13
N PHE D 141 -26.55 -8.65 13.33
CA PHE D 141 -27.46 -7.76 14.09
C PHE D 141 -27.66 -6.46 13.34
N GLY D 142 -28.90 -6.16 12.98
CA GLY D 142 -29.23 -4.85 12.43
C GLY D 142 -29.50 -3.86 13.56
N THR D 143 -30.40 -2.93 13.28
CA THR D 143 -30.86 -1.86 14.16
C THR D 143 -32.25 -2.24 14.65
N VAL D 144 -32.77 -1.53 15.68
CA VAL D 144 -34.22 -1.53 16.04
C VAL D 144 -35.01 -0.96 14.86
N HIS D 145 -34.45 0.01 14.12
CA HIS D 145 -35.07 0.67 12.93
C HIS D 145 -35.07 -0.28 11.73
N PRO D 146 -36.26 -0.61 11.16
CA PRO D 146 -36.33 -1.51 10.00
C PRO D 146 -35.79 -0.92 8.68
N GLN D 147 -35.84 0.40 8.50
CA GLN D 147 -35.25 1.12 7.33
C GLN D 147 -33.76 0.80 7.21
N SER D 148 -33.09 0.59 8.34
CA SER D 148 -31.62 0.39 8.38
C SER D 148 -31.27 -1.06 8.03
N VAL D 149 -32.18 -2.00 8.27
CA VAL D 149 -32.00 -3.42 7.85
C VAL D 149 -32.21 -3.52 6.34
N ASP D 150 -33.13 -2.73 5.79
CA ASP D 150 -33.38 -2.61 4.32
C ASP D 150 -32.12 -2.11 3.63
N ALA D 151 -31.50 -1.07 4.18
CA ALA D 151 -30.23 -0.50 3.66
C ALA D 151 -29.16 -1.61 3.59
N LEU D 152 -29.03 -2.37 4.67
CA LEU D 152 -28.03 -3.45 4.81
C LEU D 152 -28.29 -4.54 3.75
N PHE D 153 -29.51 -5.07 3.69
CA PHE D 153 -29.94 -6.08 2.69
C PHE D 153 -29.73 -5.54 1.27
N GLU D 154 -30.11 -4.28 1.02
CA GLU D 154 -29.93 -3.64 -0.32
C GLU D 154 -28.45 -3.76 -0.73
N ALA D 155 -27.54 -3.36 0.16
CA ALA D 155 -26.08 -3.34 -0.13
C ALA D 155 -25.62 -4.77 -0.45
N ALA D 156 -25.96 -5.73 0.41
CA ALA D 156 -25.58 -7.16 0.29
C ALA D 156 -26.17 -7.72 -1.01
N SER D 157 -27.41 -7.36 -1.31
CA SER D 157 -28.16 -7.85 -2.49
C SER D 157 -27.45 -7.44 -3.78
N HIS D 158 -26.83 -6.27 -3.81
CA HIS D 158 -26.23 -5.73 -5.04
C HIS D 158 -25.14 -6.69 -5.57
N ILE D 159 -24.40 -7.37 -4.69
CA ILE D 159 -23.26 -8.24 -5.10
C ILE D 159 -23.65 -9.71 -4.97
N ASN D 160 -24.94 -9.96 -4.68
CA ASN D 160 -25.57 -11.28 -4.47
C ASN D 160 -24.81 -12.06 -3.39
N MET D 161 -24.57 -11.41 -2.25
CA MET D 161 -23.87 -12.00 -1.07
C MET D 161 -24.82 -12.96 -0.35
N ARG D 162 -24.31 -14.07 0.14
CA ARG D 162 -25.08 -14.86 1.14
C ARG D 162 -24.91 -14.23 2.52
N MET D 163 -25.93 -13.54 3.01
CA MET D 163 -25.92 -12.85 4.33
C MET D 163 -27.21 -13.16 5.08
N ILE D 164 -27.11 -13.34 6.39
CA ILE D 164 -28.25 -13.50 7.34
C ILE D 164 -28.29 -12.27 8.23
N ALA D 165 -29.43 -11.58 8.28
CA ALA D 165 -29.62 -10.36 9.11
C ALA D 165 -31.07 -10.25 9.61
N GLY D 166 -31.28 -9.43 10.65
CA GLY D 166 -32.64 -9.14 11.14
C GLY D 166 -32.72 -7.83 11.90
N LYS D 167 -33.94 -7.33 12.04
CA LYS D 167 -34.28 -6.17 12.92
C LYS D 167 -34.11 -6.60 14.37
N VAL D 168 -33.44 -5.78 15.16
CA VAL D 168 -33.32 -5.97 16.64
C VAL D 168 -34.69 -5.73 17.25
N MET D 169 -35.18 -6.67 18.06
CA MET D 169 -36.42 -6.49 18.85
C MET D 169 -36.02 -6.13 20.28
N MET D 170 -36.58 -5.04 20.80
CA MET D 170 -36.22 -4.45 22.12
C MET D 170 -37.34 -3.50 22.55
N ASP D 171 -38.21 -3.94 23.49
CA ASP D 171 -39.38 -3.14 23.92
C ASP D 171 -39.19 -2.54 25.31
N ARG D 172 -38.06 -2.75 26.00
CA ARG D 172 -37.90 -2.23 27.38
C ARG D 172 -36.43 -2.10 27.82
N ASN D 173 -36.22 -1.52 29.00
CA ASN D 173 -34.93 -1.45 29.73
C ASN D 173 -33.84 -0.89 28.81
N ALA D 174 -34.18 0.15 28.04
CA ALA D 174 -33.23 0.95 27.24
C ALA D 174 -33.86 2.29 26.90
N PRO D 175 -33.08 3.29 26.47
CA PRO D 175 -33.64 4.61 26.17
C PRO D 175 -34.83 4.57 25.21
N ASP D 176 -35.75 5.52 25.42
CA ASP D 176 -37.05 5.62 24.70
C ASP D 176 -36.76 5.69 23.20
N TYR D 177 -35.76 6.46 22.77
CA TYR D 177 -35.43 6.68 21.34
C TYR D 177 -35.11 5.35 20.64
N LEU D 178 -34.87 4.26 21.39
CA LEU D 178 -34.46 2.95 20.81
C LEU D 178 -35.42 1.82 21.19
N LEU D 179 -36.55 2.08 21.85
CA LEU D 179 -37.55 1.02 22.16
C LEU D 179 -38.48 0.82 20.96
N ASP D 180 -38.83 -0.43 20.65
CA ASP D 180 -40.00 -0.76 19.80
C ASP D 180 -41.13 -1.17 20.76
N THR D 181 -42.20 -1.80 20.28
CA THR D 181 -43.23 -2.47 21.11
C THR D 181 -43.30 -3.94 20.67
N ALA D 182 -43.85 -4.83 21.49
CA ALA D 182 -44.18 -6.21 21.08
C ALA D 182 -44.82 -6.20 19.68
N GLU D 183 -45.86 -5.39 19.48
CA GLU D 183 -46.66 -5.37 18.22
C GLU D 183 -45.83 -4.83 17.05
N SER D 184 -45.22 -3.65 17.19
CA SER D 184 -44.39 -3.04 16.11
C SER D 184 -43.29 -4.05 15.73
N SER D 185 -42.73 -4.75 16.72
CA SER D 185 -41.60 -5.70 16.54
C SER D 185 -42.07 -6.88 15.69
N TYR D 186 -43.31 -7.34 15.90
CA TYR D 186 -43.96 -8.40 15.08
C TYR D 186 -44.09 -7.95 13.61
N HIS D 187 -44.77 -6.83 13.36
CA HIS D 187 -45.16 -6.38 11.99
C HIS D 187 -43.90 -6.00 11.20
N GLN D 188 -42.99 -5.27 11.82
CA GLN D 188 -41.74 -4.81 11.15
C GLN D 188 -40.90 -6.04 10.72
N SER D 189 -40.74 -7.02 11.61
CA SER D 189 -39.96 -8.26 11.35
C SER D 189 -40.61 -9.05 10.21
N LYS D 190 -41.94 -9.22 10.27
CA LYS D 190 -42.74 -9.96 9.26
C LYS D 190 -42.53 -9.30 7.88
N GLU D 191 -42.57 -7.97 7.83
CA GLU D 191 -42.48 -7.22 6.56
C GLU D 191 -41.08 -7.43 5.96
N LEU D 192 -40.06 -7.38 6.81
CA LEU D 192 -38.64 -7.60 6.39
C LEU D 192 -38.49 -9.07 5.96
N ILE D 193 -39.05 -10.00 6.73
CA ILE D 193 -39.04 -11.43 6.34
C ILE D 193 -39.59 -11.56 4.93
N GLU D 194 -40.72 -10.89 4.64
CA GLU D 194 -41.45 -11.00 3.34
C GLU D 194 -40.58 -10.40 2.23
N ARG D 195 -39.90 -9.29 2.49
CA ARG D 195 -39.11 -8.56 1.45
C ARG D 195 -37.79 -9.30 1.16
N TRP D 196 -37.17 -9.92 2.18
CA TRP D 196 -35.74 -10.29 2.10
C TRP D 196 -35.46 -11.79 2.30
N HIS D 197 -36.21 -12.51 3.13
CA HIS D 197 -35.92 -13.94 3.41
C HIS D 197 -36.00 -14.73 2.10
N LYS D 198 -34.92 -15.45 1.76
CA LYS D 198 -34.81 -16.29 0.53
C LYS D 198 -34.99 -15.40 -0.71
N ASN D 199 -34.70 -14.10 -0.58
CA ASN D 199 -34.52 -13.15 -1.70
C ASN D 199 -33.09 -13.33 -2.21
N GLY D 200 -32.90 -13.98 -3.36
CA GLY D 200 -31.58 -14.45 -3.81
C GLY D 200 -30.91 -15.25 -2.71
N ARG D 201 -29.68 -14.87 -2.31
CA ARG D 201 -28.89 -15.64 -1.29
C ARG D 201 -29.08 -15.02 0.10
N LEU D 202 -29.97 -14.03 0.24
CA LEU D 202 -30.30 -13.37 1.53
C LEU D 202 -31.20 -14.28 2.39
N LEU D 203 -31.11 -14.14 3.71
CA LEU D 203 -31.82 -14.96 4.74
C LEU D 203 -32.11 -14.08 5.97
N TYR D 204 -33.28 -14.27 6.60
CA TYR D 204 -33.73 -13.44 7.75
C TYR D 204 -33.48 -14.18 9.07
N ALA D 205 -33.06 -13.45 10.10
CA ALA D 205 -32.97 -14.00 11.47
C ALA D 205 -33.88 -13.19 12.40
N ILE D 206 -34.73 -13.87 13.15
CA ILE D 206 -35.54 -13.23 14.23
C ILE D 206 -34.59 -12.85 15.37
N THR D 207 -34.46 -11.56 15.67
CA THR D 207 -33.32 -11.01 16.44
C THR D 207 -33.81 -10.21 17.65
N PRO D 208 -34.26 -10.88 18.73
CA PRO D 208 -34.43 -10.21 20.01
C PRO D 208 -33.04 -9.86 20.57
N ARG D 209 -32.80 -8.60 20.89
CA ARG D 209 -31.46 -8.16 21.36
C ARG D 209 -31.01 -9.15 22.44
N PHE D 210 -31.86 -9.36 23.46
CA PHE D 210 -31.70 -10.36 24.55
C PHE D 210 -32.76 -10.15 25.63
N ALA D 211 -32.90 -11.15 26.52
CA ALA D 211 -33.96 -11.27 27.55
C ALA D 211 -34.18 -9.96 28.29
N PRO D 212 -33.12 -9.30 28.83
CA PRO D 212 -33.33 -8.07 29.59
C PRO D 212 -34.19 -7.00 28.86
N THR D 213 -34.06 -6.86 27.55
CA THR D 213 -34.66 -5.73 26.78
C THR D 213 -35.90 -6.17 25.98
N SER D 214 -36.39 -7.40 26.22
CA SER D 214 -37.60 -7.97 25.57
C SER D 214 -38.61 -8.40 26.64
N SER D 215 -39.74 -7.67 26.71
CA SER D 215 -40.94 -8.01 27.52
C SER D 215 -41.38 -9.45 27.22
N PRO D 216 -42.06 -10.13 28.18
CA PRO D 216 -42.71 -11.41 27.87
C PRO D 216 -43.56 -11.32 26.59
N GLU D 217 -44.29 -10.20 26.43
CA GLU D 217 -45.13 -9.94 25.23
C GLU D 217 -44.25 -10.01 23.98
N GLN D 218 -43.04 -9.46 24.00
CA GLN D 218 -42.18 -9.40 22.78
C GLN D 218 -41.58 -10.78 22.52
N MET D 219 -41.10 -11.47 23.57
CA MET D 219 -40.62 -12.87 23.47
C MET D 219 -41.72 -13.73 22.85
N ALA D 220 -42.98 -13.49 23.23
CA ALA D 220 -44.17 -14.21 22.70
C ALA D 220 -44.30 -13.94 21.20
N MET D 221 -44.03 -12.71 20.75
CA MET D 221 -44.05 -12.37 19.30
C MET D 221 -42.89 -13.09 18.59
N ALA D 222 -41.69 -13.07 19.16
CA ALA D 222 -40.51 -13.75 18.55
C ALA D 222 -40.85 -15.23 18.31
N GLN D 223 -41.43 -15.90 19.32
CA GLN D 223 -41.91 -17.32 19.26
C GLN D 223 -42.89 -17.49 18.10
N ARG D 224 -43.81 -16.52 17.96
CA ARG D 224 -44.88 -16.50 16.93
C ARG D 224 -44.21 -16.46 15.55
N LEU D 225 -43.26 -15.54 15.36
CA LEU D 225 -42.56 -15.33 14.06
C LEU D 225 -41.85 -16.64 13.66
N LYS D 226 -41.19 -17.32 14.61
CA LYS D 226 -40.43 -18.57 14.31
C LYS D 226 -41.43 -19.66 13.86
N GLU D 227 -42.59 -19.72 14.51
CA GLU D 227 -43.69 -20.68 14.20
C GLU D 227 -44.24 -20.38 12.80
N GLU D 228 -44.53 -19.10 12.52
CA GLU D 228 -45.10 -18.64 11.21
C GLU D 228 -44.06 -18.78 10.09
N TYR D 229 -42.77 -18.68 10.39
CA TYR D 229 -41.68 -18.72 9.38
C TYR D 229 -40.62 -19.71 9.83
N PRO D 230 -40.92 -21.02 9.71
CA PRO D 230 -40.08 -22.07 10.28
C PRO D 230 -38.64 -22.08 9.77
N ASP D 231 -38.40 -21.59 8.55
CA ASP D 231 -37.07 -21.69 7.90
C ASP D 231 -36.31 -20.36 8.01
N THR D 232 -36.73 -19.45 8.90
CA THR D 232 -35.91 -18.25 9.23
C THR D 232 -34.91 -18.63 10.32
N TRP D 233 -33.91 -17.80 10.53
CA TRP D 233 -32.91 -18.02 11.59
C TRP D 233 -33.41 -17.35 12.88
N VAL D 234 -32.87 -17.75 14.02
CA VAL D 234 -33.05 -17.05 15.33
C VAL D 234 -31.65 -16.63 15.80
N HIS D 235 -31.52 -15.44 16.36
CA HIS D 235 -30.20 -14.83 16.68
C HIS D 235 -30.33 -13.96 17.92
N THR D 236 -29.74 -14.35 19.05
CA THR D 236 -29.78 -13.54 20.30
C THR D 236 -28.47 -13.68 21.07
N HIS D 237 -28.30 -12.93 22.17
CA HIS D 237 -27.16 -13.04 23.12
C HIS D 237 -27.53 -14.01 24.26
N LEU D 238 -26.53 -14.64 24.88
CA LEU D 238 -26.72 -15.64 25.96
C LEU D 238 -25.49 -15.71 26.86
N CYS D 239 -25.63 -15.34 28.13
CA CYS D 239 -24.64 -15.56 29.23
C CYS D 239 -23.26 -14.99 28.85
N GLU D 240 -23.19 -13.71 28.51
CA GLU D 240 -21.90 -13.02 28.18
C GLU D 240 -21.20 -12.64 29.49
N ASN D 241 -21.96 -12.19 30.49
CA ASN D 241 -21.41 -11.64 31.76
C ASN D 241 -22.30 -12.13 32.91
N LYS D 242 -21.72 -12.26 34.10
CA LYS D 242 -22.42 -12.80 35.30
C LYS D 242 -23.56 -11.82 35.70
N ASP D 243 -23.35 -10.50 35.58
CA ASP D 243 -24.35 -9.45 35.92
C ASP D 243 -25.60 -9.59 35.04
N GLU D 244 -25.39 -9.74 33.73
CA GLU D 244 -26.45 -9.94 32.71
C GLU D 244 -27.27 -11.18 33.12
N ILE D 245 -26.63 -12.27 33.55
CA ILE D 245 -27.31 -13.53 33.95
C ILE D 245 -28.19 -13.27 35.18
N ALA D 246 -27.64 -12.57 36.19
CA ALA D 246 -28.34 -12.17 37.44
C ALA D 246 -29.55 -11.29 37.10
N TRP D 247 -29.34 -10.31 36.22
CA TRP D 247 -30.40 -9.39 35.72
C TRP D 247 -31.53 -10.20 35.08
N VAL D 248 -31.19 -11.18 34.24
CA VAL D 248 -32.16 -12.07 33.53
C VAL D 248 -32.93 -12.89 34.56
N LYS D 249 -32.27 -13.40 35.60
CA LYS D 249 -32.92 -14.23 36.66
C LYS D 249 -33.89 -13.36 37.46
N SER D 250 -33.52 -12.10 37.75
CA SER D 250 -34.35 -11.09 38.45
C SER D 250 -35.58 -10.70 37.61
N LEU D 251 -35.50 -10.74 36.27
CA LEU D 251 -36.59 -10.26 35.38
C LEU D 251 -37.49 -11.43 34.94
N TYR D 252 -36.93 -12.64 34.93
CA TYR D 252 -37.65 -13.87 34.52
C TYR D 252 -37.47 -14.89 35.63
N PRO D 253 -37.93 -14.58 36.87
CA PRO D 253 -37.72 -15.46 38.03
C PRO D 253 -38.49 -16.79 37.97
N ASP D 254 -39.48 -16.93 37.09
CA ASP D 254 -40.28 -18.18 36.97
C ASP D 254 -39.61 -19.17 36.00
N HIS D 255 -38.53 -18.76 35.32
CA HIS D 255 -37.80 -19.59 34.33
C HIS D 255 -36.56 -20.19 35.03
N ASP D 256 -36.04 -21.29 34.50
CA ASP D 256 -34.91 -22.05 35.10
C ASP D 256 -33.60 -21.48 34.56
N GLY D 257 -33.37 -20.18 34.72
CA GLY D 257 -32.16 -19.48 34.25
C GLY D 257 -32.31 -18.92 32.83
N TYR D 258 -31.21 -18.39 32.29
CA TYR D 258 -31.17 -17.49 31.11
C TYR D 258 -31.61 -18.25 29.85
N LEU D 259 -30.95 -19.38 29.57
CA LEU D 259 -31.24 -20.20 28.38
C LEU D 259 -32.70 -20.67 28.44
N ASP D 260 -33.22 -20.95 29.64
CA ASP D 260 -34.59 -21.51 29.81
C ASP D 260 -35.58 -20.48 29.27
N VAL D 261 -35.35 -19.18 29.50
CA VAL D 261 -36.17 -18.07 28.92
C VAL D 261 -36.33 -18.33 27.41
N TYR D 262 -35.23 -18.40 26.65
CA TYR D 262 -35.32 -18.56 25.18
C TYR D 262 -35.94 -19.92 24.84
N HIS D 263 -35.57 -20.97 25.59
CA HIS D 263 -36.01 -22.37 25.31
C HIS D 263 -37.52 -22.51 25.49
N GLN D 264 -38.05 -21.96 26.58
CA GLN D 264 -39.50 -22.06 26.91
C GLN D 264 -40.31 -21.24 25.89
N TYR D 265 -39.69 -20.23 25.24
CA TYR D 265 -40.36 -19.38 24.21
C TYR D 265 -40.12 -19.94 22.80
N GLY D 266 -39.59 -21.18 22.70
CA GLY D 266 -39.40 -21.90 21.42
C GLY D 266 -38.44 -21.18 20.50
N LEU D 267 -37.32 -20.67 21.03
CA LEU D 267 -36.29 -19.94 20.24
C LEU D 267 -34.96 -20.73 20.20
N THR D 268 -34.95 -21.98 20.69
CA THR D 268 -33.84 -22.97 20.53
C THR D 268 -34.16 -23.88 19.33
N GLY D 269 -33.16 -24.58 18.80
CA GLY D 269 -33.29 -25.54 17.67
C GLY D 269 -32.31 -25.28 16.53
N LYS D 270 -32.40 -26.03 15.42
CA LYS D 270 -31.60 -25.82 14.17
C LYS D 270 -31.70 -24.34 13.75
N ASN D 271 -30.55 -23.71 13.47
CA ASN D 271 -30.44 -22.32 12.98
C ASN D 271 -30.92 -21.35 14.07
N CYS D 272 -30.63 -21.66 15.34
CA CYS D 272 -30.78 -20.77 16.51
C CYS D 272 -29.39 -20.48 17.11
N VAL D 273 -28.92 -19.25 16.94
CA VAL D 273 -27.52 -18.84 17.24
C VAL D 273 -27.50 -17.98 18.50
N PHE D 274 -26.78 -18.43 19.52
CA PHE D 274 -26.60 -17.73 20.82
C PHE D 274 -25.17 -17.20 20.90
N ALA D 275 -25.02 -15.89 20.99
CA ALA D 275 -23.70 -15.22 21.03
C ALA D 275 -23.12 -15.32 22.43
N HIS D 276 -21.83 -15.62 22.52
CA HIS D 276 -20.94 -15.51 23.71
C HIS D 276 -20.91 -16.84 24.46
N CYS D 277 -22.00 -17.14 25.19
CA CYS D 277 -22.17 -18.36 26.01
C CYS D 277 -20.90 -18.61 26.83
N VAL D 278 -20.40 -17.58 27.51
CA VAL D 278 -19.16 -17.63 28.36
C VAL D 278 -19.50 -18.32 29.68
N HIS D 279 -20.66 -18.02 30.27
CA HIS D 279 -21.05 -18.50 31.63
C HIS D 279 -22.28 -19.40 31.49
N LEU D 280 -22.11 -20.60 30.92
CA LEU D 280 -23.18 -21.61 30.77
C LEU D 280 -23.14 -22.57 31.95
N GLU D 281 -24.31 -22.93 32.48
CA GLU D 281 -24.44 -24.07 33.43
C GLU D 281 -24.35 -25.39 32.64
N GLU D 282 -23.95 -26.47 33.30
CA GLU D 282 -23.95 -27.87 32.77
C GLU D 282 -25.29 -28.15 32.07
N LYS D 283 -26.41 -27.93 32.76
CA LYS D 283 -27.79 -28.08 32.23
C LYS D 283 -27.93 -27.30 30.91
N GLU D 284 -27.36 -26.09 30.82
CA GLU D 284 -27.50 -25.21 29.64
C GLU D 284 -26.69 -25.80 28.46
N TRP D 285 -25.44 -26.22 28.71
CA TRP D 285 -24.61 -26.94 27.69
C TRP D 285 -25.41 -28.10 27.07
N ASP D 286 -26.08 -28.92 27.89
CA ASP D 286 -26.82 -30.14 27.44
C ASP D 286 -28.06 -29.73 26.64
N ARG D 287 -28.76 -28.69 27.06
CA ARG D 287 -29.96 -28.14 26.36
C ARG D 287 -29.55 -27.70 24.95
N LEU D 288 -28.48 -26.93 24.80
CA LEU D 288 -28.00 -26.43 23.47
C LEU D 288 -27.70 -27.63 22.58
N SER D 289 -27.05 -28.65 23.16
CA SER D 289 -26.72 -29.95 22.51
C SER D 289 -28.00 -30.67 22.04
N GLU D 290 -28.92 -30.93 22.95
CA GLU D 290 -30.21 -31.61 22.67
C GLU D 290 -30.99 -30.83 21.58
N THR D 291 -31.07 -29.50 21.70
CA THR D 291 -31.82 -28.62 20.76
C THR D 291 -31.11 -28.52 19.40
N LYS D 292 -29.82 -28.87 19.33
CA LYS D 292 -29.01 -28.72 18.10
C LYS D 292 -28.88 -27.21 17.80
N SER D 293 -28.77 -26.38 18.84
CA SER D 293 -28.63 -24.91 18.79
C SER D 293 -27.14 -24.58 18.60
N SER D 294 -26.82 -23.36 18.16
CA SER D 294 -25.45 -22.94 17.75
C SER D 294 -24.95 -21.85 18.71
N ILE D 295 -23.65 -21.87 19.02
CA ILE D 295 -22.92 -20.82 19.77
C ILE D 295 -22.10 -19.99 18.79
N ALA D 296 -22.09 -18.65 18.96
CA ALA D 296 -21.11 -17.75 18.34
C ALA D 296 -20.06 -17.40 19.40
N PHE D 297 -18.85 -17.92 19.23
CA PHE D 297 -17.67 -17.66 20.10
C PHE D 297 -17.08 -16.29 19.68
N CYS D 298 -17.03 -15.32 20.60
CA CYS D 298 -16.63 -13.92 20.32
C CYS D 298 -15.47 -13.53 21.22
N PRO D 299 -14.28 -14.12 21.02
CA PRO D 299 -13.17 -13.93 21.94
C PRO D 299 -12.76 -12.46 22.11
N THR D 300 -12.71 -11.69 21.03
CA THR D 300 -12.22 -10.28 21.04
C THR D 300 -13.03 -9.44 22.02
N SER D 301 -14.36 -9.44 21.90
CA SER D 301 -15.27 -8.72 22.82
C SER D 301 -15.12 -9.34 24.21
N ASN D 302 -15.04 -10.67 24.30
CA ASN D 302 -14.97 -11.33 25.62
C ASN D 302 -13.74 -10.79 26.37
N LEU D 303 -12.64 -10.47 25.66
CA LEU D 303 -11.40 -9.99 26.32
C LEU D 303 -11.52 -8.49 26.57
N TYR D 304 -12.10 -7.74 25.64
CA TYR D 304 -12.14 -6.25 25.74
C TYR D 304 -13.03 -5.84 26.93
N LEU D 305 -14.09 -6.60 27.19
CA LEU D 305 -15.07 -6.28 28.26
C LEU D 305 -14.77 -7.15 29.49
N GLY D 306 -13.73 -7.99 29.44
CA GLY D 306 -13.35 -8.88 30.54
C GLY D 306 -14.49 -9.81 30.92
N SER D 307 -15.29 -10.25 29.94
CA SER D 307 -16.46 -11.16 30.13
C SER D 307 -16.01 -12.54 30.60
N GLY D 308 -14.82 -12.98 30.16
CA GLY D 308 -14.24 -14.27 30.56
C GLY D 308 -13.86 -15.08 29.34
N LEU D 309 -13.72 -16.39 29.54
CA LEU D 309 -13.04 -17.31 28.61
C LEU D 309 -14.02 -18.40 28.18
N PHE D 310 -14.42 -18.42 26.90
CA PHE D 310 -15.35 -19.42 26.34
C PHE D 310 -14.71 -20.82 26.43
N ASN D 311 -15.47 -21.79 26.92
CA ASN D 311 -15.01 -23.20 27.10
C ASN D 311 -15.28 -23.99 25.81
N LEU D 312 -14.43 -23.80 24.79
CA LEU D 312 -14.55 -24.50 23.50
C LEU D 312 -14.42 -26.01 23.71
N LYS D 313 -13.59 -26.45 24.65
CA LYS D 313 -13.40 -27.89 24.98
C LYS D 313 -14.76 -28.51 25.33
N LYS D 314 -15.50 -27.86 26.21
CA LYS D 314 -16.83 -28.35 26.67
C LYS D 314 -17.79 -28.43 25.46
N ALA D 315 -17.73 -27.47 24.52
CA ALA D 315 -18.63 -27.43 23.34
C ALA D 315 -18.39 -28.66 22.46
N TRP D 316 -17.12 -29.03 22.32
CA TRP D 316 -16.70 -30.25 21.59
C TRP D 316 -17.23 -31.47 22.33
N GLN D 317 -16.93 -31.60 23.63
CA GLN D 317 -17.46 -32.69 24.50
C GLN D 317 -18.97 -32.81 24.27
N LYS D 318 -19.69 -31.69 24.23
CA LYS D 318 -21.17 -31.70 24.19
C LYS D 318 -21.68 -31.80 22.74
N LYS D 319 -20.80 -31.74 21.74
CA LYS D 319 -21.18 -31.77 20.30
C LYS D 319 -22.14 -30.60 20.02
N VAL D 320 -21.83 -29.40 20.54
CA VAL D 320 -22.59 -28.14 20.28
C VAL D 320 -21.90 -27.35 19.15
N LYS D 321 -22.62 -27.02 18.08
CA LYS D 321 -22.07 -26.32 16.89
C LYS D 321 -21.53 -24.96 17.33
N VAL D 322 -20.29 -24.62 16.96
CA VAL D 322 -19.65 -23.30 17.23
C VAL D 322 -19.18 -22.66 15.92
N GLY D 323 -19.48 -21.36 15.75
CA GLY D 323 -18.86 -20.47 14.75
C GLY D 323 -18.12 -19.33 15.45
N MET D 324 -17.26 -18.62 14.73
CA MET D 324 -16.53 -17.43 15.27
C MET D 324 -17.37 -16.20 14.94
N GLY D 325 -17.48 -15.28 15.90
CA GLY D 325 -18.01 -13.92 15.72
C GLY D 325 -16.98 -12.84 16.07
N THR D 326 -17.01 -11.74 15.33
CA THR D 326 -16.17 -10.53 15.57
C THR D 326 -16.83 -9.68 16.63
N ASP D 327 -18.16 -9.74 16.73
CA ASP D 327 -18.99 -8.90 17.63
C ASP D 327 -18.52 -7.45 17.51
N ILE D 328 -18.26 -7.02 16.27
CA ILE D 328 -17.97 -5.60 15.97
C ILE D 328 -19.07 -4.80 16.65
N GLY D 329 -18.63 -3.61 17.03
CA GLY D 329 -19.01 -2.87 18.23
C GLY D 329 -17.95 -3.10 19.29
N ALA D 330 -18.20 -4.15 20.07
CA ALA D 330 -17.48 -4.48 21.30
C ALA D 330 -16.10 -5.03 20.92
N GLY D 331 -16.04 -5.78 19.79
CA GLY D 331 -14.80 -6.22 19.15
C GLY D 331 -14.21 -5.10 18.34
N THR D 332 -12.90 -5.11 18.12
CA THR D 332 -12.16 -4.00 17.50
C THR D 332 -11.70 -4.35 16.07
N THR D 333 -12.07 -5.51 15.54
CA THR D 333 -11.60 -5.93 14.19
C THR D 333 -12.70 -6.74 13.48
N PHE D 334 -12.81 -6.50 12.17
CA PHE D 334 -13.60 -7.26 11.19
C PHE D 334 -12.86 -8.53 10.75
N ASN D 335 -11.56 -8.59 11.05
CA ASN D 335 -10.66 -9.61 10.48
C ASN D 335 -10.80 -10.95 11.24
N MET D 336 -11.13 -12.00 10.50
CA MET D 336 -11.31 -13.37 11.04
C MET D 336 -9.96 -13.97 11.43
N LEU D 337 -8.85 -13.56 10.80
CA LEU D 337 -7.53 -14.09 11.19
C LEU D 337 -7.18 -13.59 12.60
N GLN D 338 -7.33 -12.29 12.84
CA GLN D 338 -7.10 -11.65 14.16
C GLN D 338 -8.08 -12.27 15.19
N THR D 339 -9.30 -12.57 14.78
CA THR D 339 -10.33 -13.17 15.67
C THR D 339 -9.83 -14.54 16.16
N LEU D 340 -9.29 -15.34 15.24
CA LEU D 340 -8.76 -16.67 15.56
C LEU D 340 -7.55 -16.50 16.47
N ASN D 341 -6.76 -15.47 16.24
CA ASN D 341 -5.59 -15.18 17.10
C ASN D 341 -6.08 -14.98 18.55
N GLU D 342 -7.22 -14.29 18.74
CA GLU D 342 -7.73 -13.95 20.10
C GLU D 342 -8.27 -15.24 20.74
N ALA D 343 -8.87 -16.08 19.89
CA ALA D 343 -9.41 -17.39 20.28
C ALA D 343 -8.27 -18.23 20.88
N TYR D 344 -7.14 -18.27 20.17
CA TYR D 344 -5.91 -18.98 20.60
C TYR D 344 -5.50 -18.49 22.00
N LYS D 345 -5.56 -17.17 22.24
CA LYS D 345 -5.10 -16.54 23.50
C LYS D 345 -6.10 -16.89 24.63
N VAL D 346 -7.39 -16.74 24.37
CA VAL D 346 -8.40 -17.05 25.43
C VAL D 346 -8.31 -18.55 25.75
N LEU D 347 -8.01 -19.40 24.78
CA LEU D 347 -7.94 -20.85 25.04
C LEU D 347 -6.63 -21.21 25.76
N GLN D 348 -5.51 -20.55 25.46
CA GLN D 348 -4.23 -20.89 26.13
C GLN D 348 -4.37 -20.63 27.63
N LEU D 349 -5.15 -19.62 28.03
CA LEU D 349 -5.34 -19.26 29.45
C LEU D 349 -6.14 -20.39 30.13
N GLN D 350 -6.78 -21.28 29.38
CA GLN D 350 -7.50 -22.45 29.94
C GLN D 350 -6.69 -23.72 29.69
N GLY D 351 -5.40 -23.60 29.36
CA GLY D 351 -4.51 -24.73 29.00
C GLY D 351 -5.05 -25.54 27.83
N TYR D 352 -5.84 -24.94 26.93
CA TYR D 352 -6.34 -25.58 25.68
C TYR D 352 -5.53 -25.03 24.50
N ARG D 353 -4.93 -25.90 23.72
CA ARG D 353 -4.04 -25.52 22.59
C ARG D 353 -4.88 -25.60 21.31
N LEU D 354 -5.24 -24.45 20.73
CA LEU D 354 -6.06 -24.39 19.50
C LEU D 354 -5.13 -24.62 18.33
N SER D 355 -5.29 -25.76 17.65
CA SER D 355 -4.52 -26.09 16.42
C SER D 355 -4.98 -25.15 15.29
N ALA D 356 -4.08 -24.93 14.33
CA ALA D 356 -4.38 -24.20 13.07
C ALA D 356 -5.53 -24.91 12.35
N TYR D 357 -5.65 -26.24 12.49
CA TYR D 357 -6.65 -27.06 11.78
C TYR D 357 -8.02 -26.61 12.25
N GLU D 358 -8.13 -26.52 13.57
CA GLU D 358 -9.38 -26.20 14.26
C GLU D 358 -9.74 -24.73 14.00
N ALA D 359 -8.77 -23.83 14.08
CA ALA D 359 -8.97 -22.39 13.77
C ALA D 359 -9.50 -22.26 12.33
N PHE D 360 -8.86 -22.93 11.37
CA PHE D 360 -9.21 -22.80 9.93
C PHE D 360 -10.61 -23.37 9.68
N TYR D 361 -10.95 -24.41 10.43
CA TYR D 361 -12.26 -25.12 10.34
C TYR D 361 -13.35 -24.18 10.82
N LEU D 362 -13.14 -23.57 12.00
CA LEU D 362 -14.10 -22.65 12.65
C LEU D 362 -14.37 -21.43 11.73
N ALA D 363 -13.34 -20.90 11.07
CA ALA D 363 -13.44 -19.72 10.18
C ALA D 363 -14.21 -20.04 8.88
N THR D 364 -14.27 -21.31 8.45
CA THR D 364 -14.82 -21.66 7.10
C THR D 364 -15.97 -22.66 7.22
N LEU D 365 -15.74 -23.94 6.95
CA LEU D 365 -16.83 -24.94 6.88
C LEU D 365 -17.49 -25.13 8.25
N GLY D 366 -16.73 -24.99 9.34
CA GLY D 366 -17.29 -25.10 10.70
C GLY D 366 -18.31 -24.04 11.01
N GLY D 367 -17.99 -22.80 10.67
CA GLY D 367 -18.90 -21.65 10.85
C GLY D 367 -20.10 -21.80 9.94
N ALA D 368 -19.88 -22.22 8.70
CA ALA D 368 -20.94 -22.52 7.72
C ALA D 368 -21.84 -23.58 8.36
N LYS D 369 -21.31 -24.65 8.97
CA LYS D 369 -22.15 -25.69 9.66
C LYS D 369 -22.95 -25.01 10.78
N SER D 370 -22.34 -24.16 11.61
CA SER D 370 -23.04 -23.50 12.75
C SER D 370 -24.21 -22.64 12.23
N LEU D 371 -24.14 -22.10 11.01
CA LEU D 371 -25.23 -21.30 10.39
C LEU D 371 -26.14 -22.18 9.53
N GLY D 372 -25.91 -23.48 9.47
CA GLY D 372 -26.67 -24.40 8.61
C GLY D 372 -26.47 -24.13 7.12
N LEU D 373 -25.30 -23.66 6.68
CA LEU D 373 -25.10 -23.25 5.26
C LEU D 373 -23.99 -24.12 4.62
N ASP D 374 -23.61 -25.20 5.29
CA ASP D 374 -22.44 -26.01 4.86
C ASP D 374 -22.77 -26.81 3.58
N ASP D 375 -24.04 -26.93 3.17
CA ASP D 375 -24.38 -27.59 1.88
C ASP D 375 -24.27 -26.55 0.76
N LEU D 376 -24.08 -25.27 1.10
CA LEU D 376 -24.14 -24.15 0.12
C LEU D 376 -22.76 -23.52 -0.06
N ILE D 377 -21.98 -23.41 1.01
CA ILE D 377 -20.65 -22.72 1.02
C ILE D 377 -19.65 -23.51 1.84
N GLY D 378 -18.39 -23.09 1.85
CA GLY D 378 -17.47 -23.41 2.96
C GLY D 378 -16.33 -24.31 2.54
N ASN D 379 -16.33 -24.75 1.28
CA ASN D 379 -15.19 -25.47 0.65
C ASN D 379 -15.36 -25.43 -0.87
N PHE D 380 -14.49 -26.13 -1.60
CA PHE D 380 -14.47 -26.10 -3.09
C PHE D 380 -15.10 -27.35 -3.68
N LEU D 381 -15.97 -28.06 -2.95
CA LEU D 381 -16.70 -29.22 -3.52
C LEU D 381 -17.54 -28.76 -4.70
N PRO D 382 -17.60 -29.54 -5.81
CA PRO D 382 -18.49 -29.25 -6.93
C PRO D 382 -19.92 -28.89 -6.49
N GLY D 383 -20.50 -27.88 -7.13
CA GLY D 383 -21.86 -27.43 -6.80
C GLY D 383 -21.89 -26.36 -5.74
N LYS D 384 -20.83 -26.16 -4.94
CA LYS D 384 -20.82 -25.12 -3.87
C LYS D 384 -20.85 -23.73 -4.51
N GLU D 385 -21.47 -22.79 -3.83
CA GLU D 385 -21.44 -21.35 -4.17
C GLU D 385 -19.99 -20.85 -4.10
N ALA D 386 -19.55 -20.16 -5.15
CA ALA D 386 -18.15 -19.75 -5.38
C ALA D 386 -17.86 -18.46 -4.58
N ASP D 387 -17.85 -18.54 -3.25
CA ASP D 387 -17.35 -17.46 -2.36
C ASP D 387 -15.95 -17.86 -1.86
N PHE D 388 -14.91 -17.10 -2.20
CA PHE D 388 -13.53 -17.46 -1.78
C PHE D 388 -12.67 -16.21 -1.67
N VAL D 389 -11.53 -16.39 -1.03
CA VAL D 389 -10.55 -15.32 -0.70
C VAL D 389 -9.19 -15.71 -1.25
N VAL D 390 -8.59 -14.83 -2.02
CA VAL D 390 -7.16 -15.01 -2.41
C VAL D 390 -6.32 -14.31 -1.34
N MET D 391 -5.50 -15.09 -0.68
CA MET D 391 -4.67 -14.65 0.47
C MET D 391 -3.20 -14.60 0.06
N GLU D 392 -2.52 -13.51 0.42
CA GLU D 392 -1.04 -13.39 0.34
C GLU D 392 -0.49 -13.49 1.75
N PRO D 393 -0.09 -14.68 2.19
CA PRO D 393 0.49 -14.84 3.52
C PRO D 393 1.93 -14.29 3.60
N THR D 394 2.45 -13.73 2.51
CA THR D 394 3.77 -13.06 2.44
C THR D 394 3.63 -11.53 2.33
N ALA D 395 2.46 -10.99 2.69
CA ALA D 395 1.99 -9.61 2.40
C ALA D 395 2.91 -8.57 3.07
N THR D 396 3.41 -8.78 4.28
CA THR D 396 4.39 -7.88 4.98
C THR D 396 5.75 -8.56 4.99
N PRO D 397 6.87 -7.81 5.12
CA PRO D 397 8.18 -8.43 5.08
C PRO D 397 8.35 -9.44 6.23
N LEU D 398 7.72 -9.20 7.39
CA LEU D 398 7.81 -10.13 8.56
C LEU D 398 7.09 -11.43 8.19
N GLN D 399 5.93 -11.31 7.52
CA GLN D 399 5.17 -12.50 7.08
C GLN D 399 5.98 -13.26 6.04
N GLN D 400 6.66 -12.62 5.09
CA GLN D 400 7.44 -13.34 4.04
C GLN D 400 8.56 -14.11 4.77
N LEU D 401 9.22 -13.43 5.72
CA LEU D 401 10.31 -14.06 6.51
C LEU D 401 9.75 -15.30 7.21
N ARG D 402 8.64 -15.19 7.93
CA ARG D 402 8.17 -16.30 8.80
C ARG D 402 7.65 -17.43 7.91
N TYR D 403 7.09 -17.10 6.76
CA TYR D 403 6.50 -18.11 5.85
C TYR D 403 7.63 -18.92 5.24
N ASP D 404 8.64 -18.22 4.69
CA ASP D 404 9.91 -18.83 4.21
C ASP D 404 10.50 -19.78 5.27
N ASN D 405 10.33 -19.52 6.55
CA ASN D 405 10.99 -20.30 7.63
C ASN D 405 10.07 -21.42 8.12
N SER D 406 8.84 -21.47 7.62
CA SER D 406 7.84 -22.49 7.99
C SER D 406 8.03 -23.77 7.17
N VAL D 407 8.10 -24.91 7.85
CA VAL D 407 8.41 -26.23 7.22
C VAL D 407 7.10 -26.94 6.86
N SER D 408 6.16 -27.06 7.79
CA SER D 408 4.91 -27.83 7.61
C SER D 408 3.79 -26.92 7.09
N LEU D 409 2.73 -27.54 6.54
CA LEU D 409 1.47 -26.84 6.22
C LEU D 409 0.92 -26.21 7.50
N VAL D 410 0.92 -26.95 8.61
CA VAL D 410 0.32 -26.49 9.90
C VAL D 410 1.04 -25.19 10.32
N ASP D 411 2.35 -25.09 10.13
CA ASP D 411 3.13 -23.88 10.54
C ASP D 411 2.74 -22.70 9.65
N LYS D 412 2.66 -22.90 8.34
CA LYS D 412 2.18 -21.88 7.36
C LYS D 412 0.76 -21.43 7.73
N LEU D 413 -0.15 -22.35 7.98
CA LEU D 413 -1.54 -22.00 8.38
C LEU D 413 -1.51 -21.18 9.66
N PHE D 414 -0.58 -21.52 10.55
CA PHE D 414 -0.47 -20.86 11.87
C PHE D 414 0.00 -19.41 11.66
N VAL D 415 0.97 -19.20 10.77
CA VAL D 415 1.44 -17.83 10.42
C VAL D 415 0.30 -17.02 9.81
N MET D 416 -0.62 -17.59 9.04
CA MET D 416 -1.82 -16.84 8.56
C MET D 416 -2.70 -16.35 9.73
N MET D 417 -2.98 -17.19 10.73
CA MET D 417 -3.76 -16.82 11.94
C MET D 417 -3.00 -15.82 12.83
N THR D 418 -1.72 -16.05 13.07
CA THR D 418 -0.91 -15.38 14.13
C THR D 418 -0.47 -13.97 13.73
N LEU D 419 -0.17 -13.77 12.45
CA LEU D 419 0.39 -12.50 11.94
C LEU D 419 -0.51 -11.88 10.87
N GLY D 420 -1.63 -12.51 10.48
CA GLY D 420 -2.42 -12.00 9.33
C GLY D 420 -3.33 -10.86 9.75
N ASP D 421 -3.57 -9.91 8.85
CA ASP D 421 -4.58 -8.85 9.01
C ASP D 421 -5.21 -8.65 7.64
N ASP D 422 -5.89 -7.53 7.42
CA ASP D 422 -6.57 -7.21 6.13
C ASP D 422 -5.57 -7.18 4.97
N ARG D 423 -4.30 -6.85 5.20
CA ARG D 423 -3.31 -6.82 4.09
C ARG D 423 -3.09 -8.22 3.49
N SER D 424 -3.43 -9.27 4.21
CA SER D 424 -3.29 -10.69 3.76
C SER D 424 -4.38 -11.00 2.74
N ILE D 425 -5.47 -10.22 2.67
CA ILE D 425 -6.58 -10.46 1.71
C ILE D 425 -6.24 -9.71 0.41
N TYR D 426 -5.89 -10.44 -0.64
CA TYR D 426 -5.52 -9.90 -1.98
C TYR D 426 -6.77 -9.72 -2.86
N ARG D 427 -7.68 -10.69 -2.82
CA ARG D 427 -8.94 -10.65 -3.63
C ARG D 427 -10.05 -11.33 -2.82
N THR D 428 -11.27 -10.85 -2.96
CA THR D 428 -12.48 -11.54 -2.46
C THR D 428 -13.42 -11.78 -3.64
N TYR D 429 -13.92 -13.01 -3.75
CA TYR D 429 -14.89 -13.45 -4.75
C TYR D 429 -16.19 -13.77 -3.98
N VAL D 430 -17.30 -13.21 -4.45
CA VAL D 430 -18.68 -13.52 -3.99
C VAL D 430 -19.46 -13.93 -5.22
N ASP D 431 -20.16 -15.08 -5.13
CA ASP D 431 -21.07 -15.56 -6.19
C ASP D 431 -20.25 -15.72 -7.47
N GLY D 432 -18.97 -16.15 -7.33
CA GLY D 432 -18.06 -16.42 -8.45
C GLY D 432 -17.59 -15.20 -9.21
N ARG D 433 -17.76 -14.02 -8.62
CA ARG D 433 -17.43 -12.71 -9.23
C ARG D 433 -16.43 -11.98 -8.32
N LEU D 434 -15.48 -11.27 -8.89
CA LEU D 434 -14.49 -10.44 -8.15
C LEU D 434 -15.21 -9.23 -7.53
N VAL D 435 -15.30 -9.12 -6.20
CA VAL D 435 -16.03 -7.99 -5.55
C VAL D 435 -15.08 -7.13 -4.69
N TYR D 436 -13.80 -7.48 -4.57
CA TYR D 436 -12.81 -6.69 -3.80
C TYR D 436 -11.40 -7.04 -4.29
N GLU D 437 -10.60 -6.02 -4.62
CA GLU D 437 -9.13 -6.13 -4.83
C GLU D 437 -8.45 -5.20 -3.83
N ARG D 438 -7.37 -5.65 -3.19
CA ARG D 438 -6.46 -4.78 -2.41
C ARG D 438 -5.85 -3.70 -3.33
N ASN D 439 -5.93 -2.42 -2.94
CA ASN D 439 -5.70 -1.24 -3.82
C ASN D 439 -4.23 -1.18 -4.21
C1 GOL E . -9.82 25.09 -26.15
O1 GOL E . -10.31 25.73 -27.33
C2 GOL E . -10.88 24.93 -25.09
O2 GOL E . -12.16 24.69 -25.67
C3 GOL E . -10.53 23.83 -24.11
O3 GOL E . -11.33 23.89 -22.94
ZN ZN F . -11.07 5.66 -29.09
C1 GOL G . 21.58 -0.97 -27.58
O1 GOL G . 22.06 -1.25 -26.26
C2 GOL G . 22.63 -0.22 -28.41
O2 GOL G . 23.93 -0.74 -28.13
C3 GOL G . 22.37 -0.23 -29.91
O3 GOL G . 23.27 0.60 -30.64
ZN ZN H . 21.96 15.53 -17.44
ZN ZN I . 12.48 -13.21 26.66
ZN ZN J . -23.60 -8.95 20.06
#